data_2KBR
#
_entry.id   2KBR
#
loop_
_entity.id
_entity.type
_entity.pdbx_description
1 polymer Harmonin
2 polymer '18-meric peptide from Cadherin-23'
#
loop_
_entity_poly.entity_id
_entity_poly.type
_entity_poly.pdbx_seq_one_letter_code
_entity_poly.pdbx_strand_id
1 'polypeptide(L)' MDRKVAREFRHKVDFLIENDAEKDYLYDVLRMYHQTMDVAVLVGDLKLVINEPSRLPLFDAIRPLIPLKHQVEYDQLTPR A
2 'polypeptide(L)' DDDRYLREAIQEYDNIAK B
#
# COMPACT_ATOMS: atom_id res chain seq x y z
N MET A 1 7.09 18.86 2.75
CA MET A 1 7.37 18.00 3.92
C MET A 1 6.98 16.54 3.66
N ASP A 2 5.98 16.37 2.79
CA ASP A 2 5.52 15.03 2.44
C ASP A 2 6.31 14.45 1.28
N ARG A 3 7.32 13.66 1.60
CA ARG A 3 8.17 13.04 0.57
C ARG A 3 8.85 11.79 1.12
N LYS A 4 9.42 11.91 2.32
CA LYS A 4 10.10 10.79 2.95
C LYS A 4 9.16 9.63 3.17
N VAL A 5 7.88 9.93 3.40
CA VAL A 5 6.88 8.90 3.63
C VAL A 5 6.92 7.89 2.48
N ALA A 6 7.25 8.37 1.30
CA ALA A 6 7.35 7.51 0.12
C ALA A 6 8.57 6.62 0.20
N ARG A 7 9.69 7.19 0.64
CA ARG A 7 10.93 6.43 0.77
C ARG A 7 10.83 5.41 1.89
N GLU A 8 10.24 5.81 2.99
CA GLU A 8 10.07 4.91 4.13
C GLU A 8 9.04 3.84 3.80
N PHE A 9 8.06 4.21 2.98
CA PHE A 9 7.02 3.27 2.58
C PHE A 9 7.54 2.30 1.54
N ARG A 10 8.30 2.81 0.58
CA ARG A 10 8.87 1.98 -0.47
C ARG A 10 10.05 1.17 0.05
N HIS A 11 10.81 1.76 0.97
CA HIS A 11 11.97 1.09 1.55
C HIS A 11 11.54 -0.03 2.49
N LYS A 12 10.44 0.19 3.21
CA LYS A 12 9.92 -0.79 4.13
C LYS A 12 9.39 -2.00 3.34
N VAL A 13 8.50 -1.72 2.40
CA VAL A 13 7.92 -2.77 1.56
C VAL A 13 9.04 -3.59 0.90
N ASP A 14 10.10 -2.91 0.50
CA ASP A 14 11.23 -3.58 -0.13
C ASP A 14 12.00 -4.42 0.88
N PHE A 15 11.99 -3.99 2.13
CA PHE A 15 12.68 -4.70 3.20
C PHE A 15 11.98 -6.03 3.50
N LEU A 16 10.66 -6.05 3.28
CA LEU A 16 9.86 -7.24 3.52
C LEU A 16 9.86 -8.17 2.32
N ILE A 17 9.54 -7.61 1.16
CA ILE A 17 9.49 -8.37 -0.07
C ILE A 17 10.87 -8.65 -0.63
N GLU A 18 11.64 -7.58 -0.80
CA GLU A 18 12.96 -7.69 -1.35
C GLU A 18 12.91 -8.21 -2.78
N ASN A 19 11.69 -8.36 -3.27
CA ASN A 19 11.45 -8.84 -4.62
C ASN A 19 11.02 -7.70 -5.53
N ASP A 20 10.95 -7.99 -6.83
CA ASP A 20 10.55 -6.99 -7.82
C ASP A 20 9.16 -7.27 -8.36
N ALA A 21 8.93 -8.52 -8.78
CA ALA A 21 7.64 -8.92 -9.32
C ALA A 21 6.52 -8.67 -8.31
N GLU A 22 6.80 -8.96 -7.05
CA GLU A 22 5.83 -8.77 -5.98
C GLU A 22 5.54 -7.29 -5.78
N LYS A 23 6.61 -6.49 -5.71
CA LYS A 23 6.47 -5.06 -5.53
C LYS A 23 5.73 -4.45 -6.72
N ASP A 24 5.93 -5.04 -7.89
CA ASP A 24 5.26 -4.56 -9.09
C ASP A 24 3.76 -4.70 -8.94
N TYR A 25 3.32 -5.88 -8.55
CA TYR A 25 1.90 -6.15 -8.35
C TYR A 25 1.36 -5.35 -7.17
N LEU A 26 2.08 -5.37 -6.06
CA LEU A 26 1.67 -4.61 -4.89
C LEU A 26 1.54 -3.15 -5.28
N TYR A 27 2.49 -2.68 -6.08
CA TYR A 27 2.45 -1.32 -6.57
C TYR A 27 1.18 -1.14 -7.40
N ASP A 28 0.77 -2.23 -8.07
CA ASP A 28 -0.43 -2.20 -8.87
C ASP A 28 -1.67 -2.15 -7.97
N VAL A 29 -1.57 -2.80 -6.81
CA VAL A 29 -2.68 -2.82 -5.87
C VAL A 29 -2.99 -1.39 -5.40
N LEU A 30 -1.95 -0.66 -5.02
CA LEU A 30 -2.11 0.70 -4.55
C LEU A 30 -2.69 1.58 -5.67
N ARG A 31 -2.14 1.39 -6.87
CA ARG A 31 -2.61 2.15 -8.03
C ARG A 31 -4.10 1.94 -8.25
N MET A 32 -4.57 0.73 -7.93
CA MET A 32 -5.99 0.41 -8.07
C MET A 32 -6.81 1.14 -7.03
N TYR A 33 -6.41 1.01 -5.76
CA TYR A 33 -7.11 1.67 -4.67
C TYR A 33 -7.18 3.18 -4.89
N HIS A 34 -6.26 3.69 -5.70
CA HIS A 34 -6.22 5.12 -6.00
C HIS A 34 -7.29 5.49 -7.02
N GLN A 35 -7.37 4.70 -8.09
CA GLN A 35 -8.34 4.94 -9.15
C GLN A 35 -9.73 4.46 -8.77
N THR A 36 -9.87 3.17 -8.54
CA THR A 36 -11.15 2.57 -8.19
C THR A 36 -11.63 3.01 -6.81
N MET A 37 -10.69 3.26 -5.89
CA MET A 37 -11.04 3.69 -4.54
C MET A 37 -11.92 2.65 -3.86
N ASP A 38 -11.49 1.39 -3.92
CA ASP A 38 -12.24 0.30 -3.32
C ASP A 38 -11.38 -0.48 -2.32
N VAL A 39 -11.57 -0.20 -1.03
CA VAL A 39 -10.82 -0.87 0.02
C VAL A 39 -10.99 -2.39 -0.04
N ALA A 40 -12.14 -2.82 -0.55
CA ALA A 40 -12.43 -4.24 -0.66
C ALA A 40 -11.51 -4.88 -1.69
N VAL A 41 -11.03 -4.07 -2.63
CA VAL A 41 -10.14 -4.56 -3.66
C VAL A 41 -8.72 -4.70 -3.13
N LEU A 42 -8.29 -3.71 -2.36
CA LEU A 42 -6.95 -3.73 -1.78
C LEU A 42 -6.76 -4.97 -0.91
N VAL A 43 -7.75 -5.25 -0.07
CA VAL A 43 -7.70 -6.41 0.83
C VAL A 43 -7.51 -7.69 0.03
N GLY A 44 -8.26 -7.84 -1.05
CA GLY A 44 -8.17 -9.03 -1.87
C GLY A 44 -6.77 -9.24 -2.43
N ASP A 45 -6.27 -8.24 -3.14
CA ASP A 45 -4.93 -8.32 -3.73
C ASP A 45 -3.87 -8.46 -2.64
N LEU A 46 -3.94 -7.58 -1.64
CA LEU A 46 -2.99 -7.61 -0.53
C LEU A 46 -2.87 -9.02 0.05
N LYS A 47 -3.96 -9.76 0.03
CA LYS A 47 -3.96 -11.13 0.55
C LYS A 47 -3.20 -12.05 -0.39
N LEU A 48 -3.55 -11.98 -1.68
CA LEU A 48 -2.88 -12.80 -2.68
C LEU A 48 -1.36 -12.62 -2.61
N VAL A 49 -0.93 -11.47 -2.11
CA VAL A 49 0.48 -11.17 -1.99
C VAL A 49 0.95 -11.37 -0.55
N ILE A 50 0.02 -11.19 0.39
CA ILE A 50 0.33 -11.35 1.81
C ILE A 50 -0.23 -12.66 2.36
N ASN A 51 -0.42 -13.62 1.46
CA ASN A 51 -0.94 -14.94 1.85
C ASN A 51 -0.21 -15.48 3.07
N GLU A 52 1.05 -15.07 3.24
CA GLU A 52 1.85 -15.50 4.38
C GLU A 52 1.93 -14.41 5.44
N PRO A 53 1.99 -14.79 6.73
CA PRO A 53 2.06 -13.84 7.84
C PRO A 53 3.28 -12.92 7.74
N SER A 54 4.32 -13.39 7.08
CA SER A 54 5.56 -12.63 6.93
C SER A 54 5.27 -11.27 6.29
N ARG A 55 4.35 -11.24 5.34
CA ARG A 55 4.00 -10.00 4.64
C ARG A 55 2.90 -9.24 5.37
N LEU A 56 2.69 -9.55 6.65
CA LEU A 56 1.66 -8.89 7.45
C LEU A 56 1.88 -7.37 7.50
N PRO A 57 3.11 -6.91 7.77
CA PRO A 57 3.42 -5.48 7.85
C PRO A 57 2.78 -4.65 6.74
N LEU A 58 2.53 -5.27 5.60
CA LEU A 58 1.92 -4.56 4.47
C LEU A 58 0.63 -3.87 4.88
N PHE A 59 -0.11 -4.49 5.80
CA PHE A 59 -1.38 -3.92 6.27
C PHE A 59 -1.13 -2.63 7.05
N ASP A 60 -0.23 -2.69 8.01
CA ASP A 60 0.09 -1.53 8.83
C ASP A 60 0.95 -0.54 8.05
N ALA A 61 1.68 -1.04 7.07
CA ALA A 61 2.54 -0.22 6.24
C ALA A 61 1.72 0.72 5.35
N ILE A 62 0.72 0.15 4.66
CA ILE A 62 -0.13 0.92 3.76
C ILE A 62 -1.14 1.80 4.50
N ARG A 63 -1.65 1.31 5.62
CA ARG A 63 -2.64 2.04 6.41
C ARG A 63 -2.30 3.54 6.53
N PRO A 64 -1.09 3.88 6.98
CA PRO A 64 -0.67 5.28 7.16
C PRO A 64 -1.11 6.20 6.03
N LEU A 65 -0.78 5.82 4.80
CA LEU A 65 -1.17 6.63 3.64
C LEU A 65 -2.66 6.48 3.35
N ILE A 66 -3.24 5.36 3.77
CA ILE A 66 -4.65 5.09 3.56
C ILE A 66 -5.51 6.06 4.38
N PRO A 67 -6.54 6.66 3.76
CA PRO A 67 -7.45 7.60 4.44
C PRO A 67 -7.80 7.17 5.84
N LEU A 68 -7.79 8.15 6.71
CA LEU A 68 -8.09 7.98 8.11
C LEU A 68 -9.38 7.21 8.32
N LYS A 69 -10.41 7.53 7.54
CA LYS A 69 -11.70 6.85 7.65
C LYS A 69 -11.57 5.42 7.13
N HIS A 70 -10.89 5.27 6.00
CA HIS A 70 -10.68 3.95 5.41
C HIS A 70 -9.78 3.11 6.29
N GLN A 71 -8.93 3.77 7.08
CA GLN A 71 -8.03 3.07 7.98
C GLN A 71 -8.82 2.24 8.98
N VAL A 72 -9.79 2.88 9.62
CA VAL A 72 -10.64 2.19 10.59
C VAL A 72 -11.39 1.07 9.91
N GLU A 73 -12.08 1.40 8.81
CA GLU A 73 -12.84 0.40 8.06
C GLU A 73 -11.91 -0.71 7.60
N TYR A 74 -10.68 -0.32 7.28
CA TYR A 74 -9.68 -1.29 6.86
C TYR A 74 -9.44 -2.28 7.99
N ASP A 75 -9.55 -1.76 9.22
CA ASP A 75 -9.37 -2.60 10.40
C ASP A 75 -10.57 -3.51 10.59
N GLN A 76 -11.77 -2.99 10.28
CA GLN A 76 -12.99 -3.76 10.41
C GLN A 76 -13.00 -4.94 9.44
N LEU A 77 -12.38 -4.76 8.29
CA LEU A 77 -12.32 -5.80 7.26
C LEU A 77 -11.26 -6.84 7.61
N THR A 78 -10.14 -6.37 8.16
CA THR A 78 -9.05 -7.27 8.54
C THR A 78 -9.26 -7.83 9.94
N PRO A 79 -8.92 -9.11 10.16
CA PRO A 79 -9.08 -9.77 11.46
C PRO A 79 -8.04 -9.31 12.46
N ARG A 80 -6.85 -8.98 11.97
CA ARG A 80 -5.76 -8.52 12.83
C ARG A 80 -6.03 -7.12 13.36
N ASP B 1 -3.86 14.12 7.60
CA ASP B 1 -2.97 13.19 6.91
C ASP B 1 -3.77 12.18 6.09
N ASP B 2 -4.62 12.68 5.20
CA ASP B 2 -5.44 11.82 4.36
C ASP B 2 -5.57 12.40 2.96
N ASP B 3 -5.55 11.52 1.96
CA ASP B 3 -5.65 11.93 0.57
C ASP B 3 -4.48 12.84 0.18
N ARG B 4 -3.28 12.42 0.53
CA ARG B 4 -2.08 13.20 0.22
C ARG B 4 -0.84 12.31 0.19
N TYR B 5 -0.72 11.44 1.19
CA TYR B 5 0.42 10.53 1.27
C TYR B 5 0.31 9.42 0.23
N LEU B 6 -0.92 9.04 -0.11
CA LEU B 6 -1.15 7.99 -1.09
C LEU B 6 -0.55 8.38 -2.45
N ARG B 7 -0.90 9.57 -2.92
CA ARG B 7 -0.41 10.07 -4.20
C ARG B 7 1.11 10.24 -4.14
N GLU B 8 1.62 10.59 -2.96
CA GLU B 8 3.05 10.79 -2.78
C GLU B 8 3.83 9.53 -3.17
N ALA B 9 3.51 8.42 -2.52
CA ALA B 9 4.17 7.15 -2.79
C ALA B 9 3.73 6.59 -4.13
N ILE B 10 2.42 6.68 -4.41
CA ILE B 10 1.87 6.17 -5.66
C ILE B 10 2.55 6.82 -6.86
N GLN B 11 2.54 8.15 -6.90
CA GLN B 11 3.15 8.88 -7.99
C GLN B 11 4.67 8.69 -7.99
N GLU B 12 5.24 8.54 -6.81
CA GLU B 12 6.68 8.33 -6.68
C GLU B 12 7.10 7.14 -7.53
N TYR B 13 6.31 6.07 -7.46
CA TYR B 13 6.58 4.88 -8.24
C TYR B 13 6.28 5.15 -9.70
N ASP B 14 5.26 5.97 -9.94
CA ASP B 14 4.88 6.34 -11.30
C ASP B 14 6.07 7.02 -11.98
N ASN B 15 6.89 7.70 -11.19
CA ASN B 15 8.05 8.39 -11.71
C ASN B 15 9.22 7.43 -11.89
N ILE B 16 9.33 6.46 -10.97
CA ILE B 16 10.40 5.48 -11.04
C ILE B 16 10.22 4.56 -12.24
N ALA B 17 8.98 4.24 -12.56
CA ALA B 17 8.68 3.37 -13.69
C ALA B 17 9.40 2.02 -13.57
N LYS B 18 9.52 1.53 -12.34
CA LYS B 18 10.19 0.26 -12.09
C LYS B 18 9.20 -0.90 -12.14
N MET A 1 10.10 15.74 3.80
CA MET A 1 8.74 15.27 4.16
C MET A 1 7.91 14.96 2.93
N ASP A 2 8.12 15.73 1.86
CA ASP A 2 7.39 15.53 0.62
C ASP A 2 8.21 14.72 -0.38
N ARG A 3 8.81 13.64 0.12
CA ARG A 3 9.64 12.78 -0.73
C ARG A 3 10.11 11.55 0.04
N LYS A 4 10.48 11.76 1.30
CA LYS A 4 10.96 10.67 2.15
C LYS A 4 9.83 9.70 2.47
N VAL A 5 8.61 10.22 2.57
CA VAL A 5 7.45 9.38 2.86
C VAL A 5 7.40 8.21 1.88
N ALA A 6 7.71 8.49 0.62
CA ALA A 6 7.71 7.47 -0.41
C ALA A 6 8.89 6.53 -0.25
N ARG A 7 10.03 7.08 0.20
CA ARG A 7 11.22 6.29 0.40
C ARG A 7 11.04 5.29 1.53
N GLU A 8 10.36 5.72 2.59
CA GLU A 8 10.12 4.86 3.74
C GLU A 8 9.09 3.79 3.39
N PHE A 9 7.97 4.22 2.81
CA PHE A 9 6.92 3.29 2.40
C PHE A 9 7.45 2.28 1.40
N ARG A 10 8.22 2.77 0.44
CA ARG A 10 8.80 1.92 -0.59
C ARG A 10 9.91 1.05 0.00
N HIS A 11 10.79 1.66 0.79
CA HIS A 11 11.89 0.93 1.41
C HIS A 11 11.37 -0.22 2.27
N LYS A 12 10.34 0.08 3.07
CA LYS A 12 9.74 -0.94 3.93
C LYS A 12 9.21 -2.10 3.10
N VAL A 13 8.37 -1.78 2.13
CA VAL A 13 7.79 -2.80 1.25
C VAL A 13 8.89 -3.65 0.62
N ASP A 14 10.01 -3.01 0.29
CA ASP A 14 11.14 -3.72 -0.31
C ASP A 14 11.84 -4.58 0.73
N PHE A 15 11.79 -4.16 1.99
CA PHE A 15 12.43 -4.90 3.07
C PHE A 15 11.70 -6.21 3.34
N LEU A 16 10.40 -6.19 3.07
CA LEU A 16 9.56 -7.36 3.28
C LEU A 16 9.56 -8.29 2.07
N ILE A 17 9.29 -7.72 0.91
CA ILE A 17 9.25 -8.49 -0.33
C ILE A 17 10.65 -8.84 -0.80
N GLU A 18 11.47 -7.82 -0.99
CA GLU A 18 12.81 -8.00 -1.47
C GLU A 18 12.80 -8.56 -2.88
N ASN A 19 11.59 -8.67 -3.42
CA ASN A 19 11.40 -9.19 -4.77
C ASN A 19 10.99 -8.07 -5.73
N ASP A 20 10.62 -8.45 -6.94
CA ASP A 20 10.21 -7.48 -7.95
C ASP A 20 8.79 -7.76 -8.43
N ALA A 21 8.53 -9.02 -8.77
CA ALA A 21 7.21 -9.43 -9.25
C ALA A 21 6.14 -9.12 -8.21
N GLU A 22 6.45 -9.38 -6.95
CA GLU A 22 5.51 -9.11 -5.86
C GLU A 22 5.28 -7.61 -5.71
N LYS A 23 6.36 -6.84 -5.71
CA LYS A 23 6.27 -5.40 -5.58
C LYS A 23 5.56 -4.81 -6.78
N ASP A 24 5.71 -5.47 -7.93
CA ASP A 24 5.06 -5.02 -9.15
C ASP A 24 3.56 -5.07 -8.98
N TYR A 25 3.05 -6.21 -8.49
CA TYR A 25 1.63 -6.38 -8.26
C TYR A 25 1.14 -5.46 -7.15
N LEU A 26 1.87 -5.44 -6.04
CA LEU A 26 1.50 -4.57 -4.93
C LEU A 26 1.45 -3.14 -5.43
N TYR A 27 2.44 -2.79 -6.25
CA TYR A 27 2.46 -1.46 -6.85
C TYR A 27 1.21 -1.29 -7.70
N ASP A 28 0.76 -2.38 -8.31
CA ASP A 28 -0.44 -2.36 -9.13
C ASP A 28 -1.67 -2.24 -8.25
N VAL A 29 -1.62 -2.83 -7.05
CA VAL A 29 -2.75 -2.77 -6.14
C VAL A 29 -2.97 -1.34 -5.64
N LEU A 30 -1.90 -0.70 -5.20
CA LEU A 30 -1.98 0.67 -4.71
C LEU A 30 -2.39 1.60 -5.85
N ARG A 31 -1.91 1.30 -7.05
CA ARG A 31 -2.23 2.10 -8.22
C ARG A 31 -3.70 1.98 -8.58
N MET A 32 -4.21 0.75 -8.58
CA MET A 32 -5.61 0.51 -8.91
C MET A 32 -6.51 0.99 -7.78
N TYR A 33 -5.98 0.96 -6.56
CA TYR A 33 -6.73 1.40 -5.39
C TYR A 33 -6.99 2.91 -5.45
N HIS A 34 -5.99 3.65 -5.91
CA HIS A 34 -6.11 5.10 -6.01
C HIS A 34 -7.15 5.49 -7.05
N GLN A 35 -7.31 4.66 -8.07
CA GLN A 35 -8.27 4.93 -9.13
C GLN A 35 -9.69 4.58 -8.71
N THR A 36 -9.91 3.31 -8.40
CA THR A 36 -11.23 2.84 -7.98
C THR A 36 -11.57 3.29 -6.56
N MET A 37 -10.54 3.50 -5.75
CA MET A 37 -10.73 3.93 -4.37
C MET A 37 -11.48 2.87 -3.57
N ASP A 38 -11.25 1.60 -3.93
CA ASP A 38 -11.91 0.49 -3.26
C ASP A 38 -10.97 -0.17 -2.25
N VAL A 39 -11.16 0.15 -0.97
CA VAL A 39 -10.34 -0.40 0.09
C VAL A 39 -10.52 -1.91 0.22
N ALA A 40 -11.71 -2.38 -0.13
CA ALA A 40 -12.01 -3.80 -0.05
C ALA A 40 -11.25 -4.58 -1.12
N VAL A 41 -10.93 -3.89 -2.21
CA VAL A 41 -10.19 -4.53 -3.30
C VAL A 41 -8.70 -4.61 -2.97
N LEU A 42 -8.13 -3.51 -2.51
CA LEU A 42 -6.72 -3.46 -2.17
C LEU A 42 -6.40 -4.48 -1.08
N VAL A 43 -7.32 -4.63 -0.12
CA VAL A 43 -7.13 -5.57 0.98
C VAL A 43 -7.09 -7.00 0.44
N GLY A 44 -7.95 -7.29 -0.54
CA GLY A 44 -7.99 -8.62 -1.13
C GLY A 44 -6.66 -9.00 -1.74
N ASP A 45 -6.14 -8.13 -2.61
CA ASP A 45 -4.86 -8.38 -3.25
C ASP A 45 -3.76 -8.52 -2.21
N LEU A 46 -3.76 -7.61 -1.24
CA LEU A 46 -2.77 -7.63 -0.17
C LEU A 46 -2.73 -9.00 0.49
N LYS A 47 -3.89 -9.64 0.61
CA LYS A 47 -3.96 -10.97 1.20
C LYS A 47 -3.28 -12.00 0.31
N LEU A 48 -3.63 -12.00 -0.97
CA LEU A 48 -3.05 -12.93 -1.94
C LEU A 48 -1.53 -12.84 -1.94
N VAL A 49 -1.00 -11.68 -1.56
CA VAL A 49 0.44 -11.48 -1.53
C VAL A 49 0.99 -11.60 -0.11
N ILE A 50 0.15 -11.27 0.87
CA ILE A 50 0.54 -11.33 2.27
C ILE A 50 -0.18 -12.47 2.98
N ASN A 51 -0.55 -13.49 2.23
CA ASN A 51 -1.25 -14.65 2.78
C ASN A 51 -0.54 -15.17 4.03
N GLU A 52 0.77 -14.96 4.09
CA GLU A 52 1.56 -15.41 5.23
C GLU A 52 1.71 -14.29 6.27
N PRO A 53 1.62 -14.62 7.56
CA PRO A 53 1.75 -13.64 8.65
C PRO A 53 3.05 -12.86 8.57
N SER A 54 4.06 -13.46 7.94
CA SER A 54 5.37 -12.83 7.81
C SER A 54 5.25 -11.46 7.13
N ARG A 55 4.34 -11.36 6.16
CA ARG A 55 4.15 -10.11 5.43
C ARG A 55 3.14 -9.20 6.12
N LEU A 56 2.80 -9.54 7.37
CA LEU A 56 1.84 -8.75 8.14
C LEU A 56 2.13 -7.24 8.05
N PRO A 57 3.40 -6.84 8.30
CA PRO A 57 3.81 -5.43 8.25
C PRO A 57 3.19 -4.66 7.09
N LEU A 58 2.90 -5.36 5.99
CA LEU A 58 2.32 -4.72 4.82
C LEU A 58 0.99 -4.05 5.16
N PHE A 59 0.22 -4.67 6.05
CA PHE A 59 -1.07 -4.12 6.46
C PHE A 59 -0.90 -2.88 7.32
N ASP A 60 0.02 -2.95 8.28
CA ASP A 60 0.27 -1.83 9.18
C ASP A 60 1.07 -0.75 8.47
N ALA A 61 1.84 -1.17 7.46
CA ALA A 61 2.66 -0.25 6.68
C ALA A 61 1.81 0.70 5.85
N ILE A 62 0.83 0.15 5.15
CA ILE A 62 -0.06 0.93 4.30
C ILE A 62 -1.09 1.71 5.11
N ARG A 63 -1.54 1.12 6.22
CA ARG A 63 -2.54 1.73 7.08
C ARG A 63 -2.31 3.24 7.32
N PRO A 64 -1.09 3.64 7.73
CA PRO A 64 -0.78 5.05 8.01
C PRO A 64 -1.12 5.98 6.84
N LEU A 65 -0.61 5.67 5.65
CA LEU A 65 -0.89 6.49 4.48
C LEU A 65 -2.32 6.30 3.97
N ILE A 66 -3.03 5.33 4.56
CA ILE A 66 -4.40 5.06 4.18
C ILE A 66 -5.37 5.96 4.93
N PRO A 67 -6.37 6.54 4.23
CA PRO A 67 -7.37 7.42 4.85
C PRO A 67 -7.85 6.93 6.19
N LEU A 68 -7.94 7.87 7.10
CA LEU A 68 -8.39 7.63 8.44
C LEU A 68 -9.68 6.82 8.47
N LYS A 69 -10.61 7.18 7.59
CA LYS A 69 -11.88 6.47 7.50
C LYS A 69 -11.66 5.09 6.90
N HIS A 70 -10.83 5.04 5.87
CA HIS A 70 -10.52 3.79 5.20
C HIS A 70 -9.75 2.86 6.13
N GLN A 71 -9.04 3.44 7.10
CA GLN A 71 -8.29 2.67 8.07
C GLN A 71 -9.22 1.77 8.86
N VAL A 72 -10.28 2.36 9.40
CA VAL A 72 -11.26 1.61 10.17
C VAL A 72 -11.91 0.56 9.30
N GLU A 73 -12.47 0.97 8.17
CA GLU A 73 -13.10 0.05 7.25
C GLU A 73 -12.11 -1.03 6.85
N TYR A 74 -10.86 -0.64 6.69
CA TYR A 74 -9.80 -1.58 6.34
C TYR A 74 -9.71 -2.65 7.43
N ASP A 75 -9.98 -2.23 8.66
CA ASP A 75 -9.97 -3.13 9.79
C ASP A 75 -11.19 -4.05 9.75
N GLN A 76 -12.32 -3.50 9.29
CA GLN A 76 -13.55 -4.27 9.20
C GLN A 76 -13.43 -5.38 8.17
N LEU A 77 -12.66 -5.13 7.12
CA LEU A 77 -12.45 -6.12 6.06
C LEU A 77 -11.47 -7.20 6.52
N THR A 78 -10.41 -6.78 7.20
CA THR A 78 -9.41 -7.71 7.69
C THR A 78 -10.01 -8.68 8.70
N PRO A 79 -10.11 -9.98 8.33
CA PRO A 79 -10.67 -11.00 9.22
C PRO A 79 -9.70 -11.41 10.32
N ARG A 80 -10.21 -12.09 11.34
CA ARG A 80 -9.39 -12.54 12.45
C ARG A 80 -10.22 -13.34 13.46
N ASP B 1 -7.66 14.67 5.49
CA ASP B 1 -6.27 15.07 5.28
C ASP B 1 -5.35 13.86 5.22
N ASP B 2 -5.76 12.84 4.46
CA ASP B 2 -4.97 11.62 4.33
C ASP B 2 -4.96 11.14 2.88
N ASP B 3 -5.24 12.05 1.97
CA ASP B 3 -5.27 11.74 0.55
C ASP B 3 -4.04 12.30 -0.15
N ARG B 4 -2.94 12.40 0.57
CA ARG B 4 -1.69 12.92 0.02
C ARG B 4 -0.59 11.88 0.09
N TYR B 5 -0.55 11.13 1.18
CA TYR B 5 0.46 10.09 1.37
C TYR B 5 0.44 9.10 0.22
N LEU B 6 -0.74 8.59 -0.10
CA LEU B 6 -0.89 7.63 -1.19
C LEU B 6 -0.40 8.22 -2.51
N ARG B 7 -0.90 9.40 -2.85
CA ARG B 7 -0.50 10.08 -4.08
C ARG B 7 1.00 10.38 -4.08
N GLU B 8 1.54 10.64 -2.88
CA GLU B 8 2.96 10.94 -2.75
C GLU B 8 3.81 9.80 -3.27
N ALA B 9 3.62 8.61 -2.69
CA ALA B 9 4.38 7.43 -3.10
C ALA B 9 3.91 6.93 -4.46
N ILE B 10 2.59 6.90 -4.65
CA ILE B 10 2.02 6.45 -5.92
C ILE B 10 2.52 7.29 -7.08
N GLN B 11 2.34 8.60 -6.98
CA GLN B 11 2.78 9.52 -8.03
C GLN B 11 4.30 9.53 -8.11
N GLU B 12 4.96 9.37 -6.97
CA GLU B 12 6.42 9.35 -6.94
C GLU B 12 6.94 8.29 -7.90
N TYR B 13 6.32 7.12 -7.84
CA TYR B 13 6.69 6.03 -8.71
C TYR B 13 6.31 6.36 -10.14
N ASP B 14 5.18 7.05 -10.30
CA ASP B 14 4.73 7.46 -11.63
C ASP B 14 5.80 8.34 -12.29
N ASN B 15 6.58 9.01 -11.46
CA ASN B 15 7.66 9.86 -11.94
C ASN B 15 8.91 9.04 -12.26
N ILE B 16 9.16 8.03 -11.44
CA ILE B 16 10.32 7.17 -11.65
C ILE B 16 10.29 6.52 -13.02
N ALA B 17 9.09 6.11 -13.45
CA ALA B 17 8.92 5.47 -14.75
C ALA B 17 9.77 4.21 -14.86
N LYS B 18 9.88 3.47 -13.76
CA LYS B 18 10.67 2.25 -13.74
C LYS B 18 9.87 1.08 -14.31
N MET A 1 8.15 18.38 2.06
CA MET A 1 7.51 17.53 3.10
C MET A 1 6.95 16.25 2.48
N ASP A 2 6.55 16.33 1.22
CA ASP A 2 6.00 15.17 0.51
C ASP A 2 7.06 14.52 -0.37
N ARG A 3 7.72 13.50 0.17
CA ARG A 3 8.76 12.78 -0.56
C ARG A 3 9.25 11.58 0.22
N LYS A 4 9.41 11.76 1.53
CA LYS A 4 9.89 10.69 2.40
C LYS A 4 8.81 9.62 2.57
N VAL A 5 7.55 10.03 2.53
CA VAL A 5 6.45 9.10 2.68
C VAL A 5 6.59 7.95 1.69
N ALA A 6 7.12 8.28 0.52
CA ALA A 6 7.33 7.28 -0.52
C ALA A 6 8.50 6.37 -0.16
N ARG A 7 9.55 6.95 0.42
CA ARG A 7 10.73 6.20 0.81
C ARG A 7 10.40 5.26 1.97
N GLU A 8 9.54 5.71 2.87
CA GLU A 8 9.15 4.90 4.01
C GLU A 8 8.25 3.75 3.57
N PHE A 9 7.23 4.06 2.78
CA PHE A 9 6.31 3.05 2.29
C PHE A 9 7.03 2.12 1.32
N ARG A 10 7.97 2.68 0.57
CA ARG A 10 8.75 1.90 -0.40
C ARG A 10 9.77 1.02 0.32
N HIS A 11 10.45 1.60 1.31
CA HIS A 11 11.46 0.87 2.07
C HIS A 11 10.82 -0.21 2.94
N LYS A 12 9.72 0.14 3.60
CA LYS A 12 9.02 -0.80 4.45
C LYS A 12 8.54 -2.00 3.63
N VAL A 13 7.75 -1.73 2.61
CA VAL A 13 7.24 -2.78 1.73
C VAL A 13 8.39 -3.62 1.19
N ASP A 14 9.51 -2.96 0.89
CA ASP A 14 10.68 -3.65 0.37
C ASP A 14 11.36 -4.47 1.47
N PHE A 15 11.19 -4.04 2.71
CA PHE A 15 11.79 -4.74 3.84
C PHE A 15 11.08 -6.07 4.06
N LEU A 16 9.80 -6.10 3.74
CA LEU A 16 8.99 -7.30 3.90
C LEU A 16 9.00 -8.14 2.63
N ILE A 17 8.70 -7.49 1.50
CA ILE A 17 8.67 -8.16 0.21
C ILE A 17 10.07 -8.53 -0.24
N GLU A 18 10.98 -7.56 -0.19
CA GLU A 18 12.36 -7.78 -0.58
C GLU A 18 12.48 -8.35 -1.99
N ASN A 19 11.36 -8.48 -2.65
CA ASN A 19 11.30 -9.01 -4.01
C ASN A 19 10.85 -7.93 -4.98
N ASP A 20 11.44 -7.91 -6.18
CA ASP A 20 11.10 -6.92 -7.19
C ASP A 20 9.73 -7.22 -7.81
N ALA A 21 9.55 -8.46 -8.25
CA ALA A 21 8.29 -8.88 -8.86
C ALA A 21 7.11 -8.58 -7.93
N GLU A 22 7.28 -8.93 -6.67
CA GLU A 22 6.23 -8.70 -5.67
C GLU A 22 5.92 -7.21 -5.54
N LYS A 23 6.97 -6.40 -5.44
CA LYS A 23 6.80 -4.95 -5.32
C LYS A 23 6.14 -4.40 -6.56
N ASP A 24 6.39 -5.03 -7.70
CA ASP A 24 5.80 -4.60 -8.96
C ASP A 24 4.28 -4.72 -8.88
N TYR A 25 3.81 -5.88 -8.41
CA TYR A 25 2.38 -6.11 -8.27
C TYR A 25 1.79 -5.22 -7.18
N LEU A 26 2.46 -5.16 -6.03
CA LEU A 26 1.98 -4.31 -4.95
C LEU A 26 1.89 -2.89 -5.46
N TYR A 27 2.90 -2.49 -6.21
CA TYR A 27 2.91 -1.17 -6.82
C TYR A 27 1.70 -1.05 -7.73
N ASP A 28 1.33 -2.17 -8.37
CA ASP A 28 0.18 -2.21 -9.26
C ASP A 28 -1.10 -2.14 -8.44
N VAL A 29 -1.08 -2.72 -7.24
CA VAL A 29 -2.24 -2.72 -6.36
C VAL A 29 -2.62 -1.28 -5.99
N LEU A 30 -1.64 -0.52 -5.52
CA LEU A 30 -1.87 0.87 -5.14
C LEU A 30 -2.34 1.67 -6.34
N ARG A 31 -1.70 1.45 -7.49
CA ARG A 31 -2.05 2.14 -8.72
C ARG A 31 -3.50 1.86 -9.09
N MET A 32 -3.93 0.62 -8.87
CA MET A 32 -5.30 0.22 -9.18
C MET A 32 -6.26 0.74 -8.11
N TYR A 33 -5.78 0.77 -6.86
CA TYR A 33 -6.59 1.25 -5.74
C TYR A 33 -7.01 2.70 -5.96
N HIS A 34 -6.14 3.47 -6.61
CA HIS A 34 -6.43 4.86 -6.89
C HIS A 34 -7.57 5.00 -7.88
N GLN A 35 -7.65 4.06 -8.82
CA GLN A 35 -8.70 4.08 -9.83
C GLN A 35 -10.02 3.56 -9.26
N THR A 36 -9.97 2.36 -8.69
CA THR A 36 -11.15 1.74 -8.11
C THR A 36 -11.59 2.48 -6.85
N MET A 37 -10.62 2.99 -6.10
CA MET A 37 -10.90 3.72 -4.87
C MET A 37 -11.64 2.83 -3.88
N ASP A 38 -11.22 1.57 -3.79
CA ASP A 38 -11.85 0.62 -2.88
C ASP A 38 -10.80 -0.07 -2.01
N VAL A 39 -10.81 0.24 -0.72
CA VAL A 39 -9.86 -0.36 0.21
C VAL A 39 -9.97 -1.88 0.21
N ALA A 40 -11.13 -2.39 -0.19
CA ALA A 40 -11.37 -3.82 -0.25
C ALA A 40 -10.62 -4.43 -1.43
N VAL A 41 -10.36 -3.62 -2.44
CA VAL A 41 -9.65 -4.07 -3.62
C VAL A 41 -8.15 -4.12 -3.35
N LEU A 42 -7.62 -3.08 -2.74
CA LEU A 42 -6.20 -3.03 -2.42
C LEU A 42 -5.82 -4.17 -1.48
N VAL A 43 -6.68 -4.44 -0.51
CA VAL A 43 -6.44 -5.51 0.44
C VAL A 43 -6.46 -6.86 -0.26
N GLY A 44 -7.50 -7.10 -1.07
CA GLY A 44 -7.60 -8.35 -1.79
C GLY A 44 -6.35 -8.67 -2.58
N ASP A 45 -5.81 -7.66 -3.24
CA ASP A 45 -4.59 -7.83 -4.04
C ASP A 45 -3.41 -8.16 -3.13
N LEU A 46 -3.13 -7.26 -2.19
CA LEU A 46 -2.02 -7.48 -1.27
C LEU A 46 -2.22 -8.78 -0.49
N LYS A 47 -3.48 -9.23 -0.38
CA LYS A 47 -3.76 -10.48 0.30
C LYS A 47 -3.15 -11.63 -0.49
N LEU A 48 -3.45 -11.66 -1.79
CA LEU A 48 -2.90 -12.68 -2.67
C LEU A 48 -1.39 -12.62 -2.64
N VAL A 49 -0.86 -11.44 -2.34
CA VAL A 49 0.58 -11.23 -2.25
C VAL A 49 1.06 -11.55 -0.84
N ILE A 50 0.15 -11.42 0.12
CA ILE A 50 0.46 -11.68 1.52
C ILE A 50 -0.32 -12.87 2.05
N ASN A 51 -0.69 -13.78 1.16
CA ASN A 51 -1.42 -14.98 1.54
C ASN A 51 -0.82 -15.63 2.79
N GLU A 52 0.48 -15.39 3.01
CA GLU A 52 1.16 -15.94 4.17
C GLU A 52 1.18 -14.93 5.32
N PRO A 53 1.17 -15.42 6.57
CA PRO A 53 1.19 -14.56 7.76
C PRO A 53 2.48 -13.77 7.91
N SER A 54 3.54 -14.24 7.27
CA SER A 54 4.83 -13.58 7.34
C SER A 54 4.79 -12.20 6.69
N ARG A 55 4.00 -12.08 5.63
CA ARG A 55 3.87 -10.81 4.90
C ARG A 55 2.77 -9.93 5.49
N LEU A 56 2.27 -10.30 6.67
CA LEU A 56 1.22 -9.54 7.35
C LEU A 56 1.53 -8.05 7.45
N PRO A 57 2.76 -7.68 7.87
CA PRO A 57 3.17 -6.28 8.04
C PRO A 57 2.52 -5.29 7.07
N LEU A 58 2.21 -5.72 5.85
CA LEU A 58 1.59 -4.83 4.86
C LEU A 58 0.31 -4.20 5.40
N PHE A 59 -0.41 -4.93 6.24
CA PHE A 59 -1.65 -4.41 6.81
C PHE A 59 -1.37 -3.22 7.72
N ASP A 60 -0.42 -3.39 8.64
CA ASP A 60 -0.04 -2.32 9.56
C ASP A 60 0.80 -1.28 8.85
N ALA A 61 1.53 -1.72 7.84
CA ALA A 61 2.41 -0.84 7.07
C ALA A 61 1.60 0.17 6.24
N ILE A 62 0.63 -0.33 5.48
CA ILE A 62 -0.21 0.50 4.62
C ILE A 62 -1.26 1.31 5.38
N ARG A 63 -1.81 0.72 6.44
CA ARG A 63 -2.86 1.38 7.22
C ARG A 63 -2.53 2.84 7.61
N PRO A 64 -1.27 3.17 7.91
CA PRO A 64 -0.88 4.54 8.29
C PRO A 64 -1.02 5.54 7.15
N LEU A 65 -0.39 5.23 6.02
CA LEU A 65 -0.44 6.12 4.86
C LEU A 65 -1.87 6.29 4.35
N ILE A 66 -2.66 5.23 4.47
CA ILE A 66 -4.06 5.26 4.03
C ILE A 66 -4.88 6.24 4.87
N PRO A 67 -5.86 6.94 4.27
CA PRO A 67 -6.72 7.88 4.97
C PRO A 67 -7.08 7.45 6.37
N LEU A 68 -7.02 8.42 7.26
CA LEU A 68 -7.32 8.22 8.65
C LEU A 68 -8.66 7.51 8.85
N LYS A 69 -9.58 7.74 7.93
CA LYS A 69 -10.89 7.09 7.99
C LYS A 69 -10.78 5.70 7.36
N HIS A 70 -9.91 5.59 6.37
CA HIS A 70 -9.69 4.33 5.68
C HIS A 70 -8.94 3.35 6.58
N GLN A 71 -7.99 3.86 7.36
CA GLN A 71 -7.21 3.01 8.26
C GLN A 71 -8.14 2.34 9.26
N VAL A 72 -9.14 3.07 9.73
CA VAL A 72 -10.11 2.53 10.67
C VAL A 72 -10.87 1.40 10.00
N GLU A 73 -11.51 1.72 8.88
CA GLU A 73 -12.26 0.71 8.13
C GLU A 73 -11.33 -0.44 7.78
N TYR A 74 -10.05 -0.12 7.56
CA TYR A 74 -9.06 -1.12 7.25
C TYR A 74 -8.99 -2.11 8.40
N ASP A 75 -9.15 -1.60 9.60
CA ASP A 75 -9.12 -2.43 10.80
C ASP A 75 -10.41 -3.25 10.91
N GLN A 76 -11.51 -2.67 10.45
CA GLN A 76 -12.81 -3.34 10.50
C GLN A 76 -12.85 -4.57 9.60
N LEU A 77 -12.14 -4.52 8.48
CA LEU A 77 -12.10 -5.63 7.55
C LEU A 77 -10.85 -6.48 7.75
N THR A 78 -9.75 -5.81 8.04
CA THR A 78 -8.48 -6.49 8.26
C THR A 78 -8.20 -6.66 9.75
N PRO A 79 -7.74 -7.85 10.16
CA PRO A 79 -7.44 -8.12 11.58
C PRO A 79 -6.22 -7.37 12.08
N ARG A 80 -6.26 -6.96 13.34
CA ARG A 80 -5.15 -6.23 13.94
C ARG A 80 -4.45 -7.08 15.01
N ASP B 1 -3.78 15.64 5.68
CA ASP B 1 -3.45 14.25 5.95
C ASP B 1 -4.54 13.31 5.43
N ASP B 2 -4.85 13.44 4.14
CA ASP B 2 -5.87 12.61 3.52
C ASP B 2 -5.93 12.84 2.02
N ASP B 3 -6.12 11.77 1.26
CA ASP B 3 -6.20 11.85 -0.20
C ASP B 3 -4.91 12.41 -0.79
N ARG B 4 -3.80 12.24 -0.07
CA ARG B 4 -2.51 12.73 -0.52
C ARG B 4 -1.43 11.64 -0.39
N TYR B 5 -1.48 10.90 0.71
CA TYR B 5 -0.52 9.83 0.96
C TYR B 5 -0.46 8.86 -0.21
N LEU B 6 -1.62 8.36 -0.62
CA LEU B 6 -1.70 7.41 -1.72
C LEU B 6 -1.14 8.02 -3.00
N ARG B 7 -1.65 9.19 -3.36
CA ARG B 7 -1.20 9.89 -4.56
C ARG B 7 0.30 10.21 -4.50
N GLU B 8 0.79 10.45 -3.29
CA GLU B 8 2.20 10.77 -3.09
C GLU B 8 3.09 9.60 -3.53
N ALA B 9 2.89 8.44 -2.92
CA ALA B 9 3.67 7.26 -3.27
C ALA B 9 3.28 6.70 -4.62
N ILE B 10 1.97 6.61 -4.86
CA ILE B 10 1.45 6.10 -6.12
C ILE B 10 1.97 6.91 -7.30
N GLN B 11 1.76 8.21 -7.26
CA GLN B 11 2.22 9.09 -8.33
C GLN B 11 3.74 9.11 -8.41
N GLU B 12 4.38 9.03 -7.23
CA GLU B 12 5.84 9.03 -7.18
C GLU B 12 6.38 7.91 -8.06
N TYR B 13 5.73 6.76 -7.99
CA TYR B 13 6.13 5.61 -8.78
C TYR B 13 5.77 5.85 -10.24
N ASP B 14 4.66 6.56 -10.46
CA ASP B 14 4.23 6.88 -11.81
C ASP B 14 5.30 7.69 -12.52
N ASN B 15 6.03 8.50 -11.73
CA ASN B 15 7.10 9.33 -12.27
C ASN B 15 8.38 8.51 -12.43
N ILE B 16 8.59 7.56 -11.53
CA ILE B 16 9.77 6.71 -11.58
C ILE B 16 9.66 5.66 -12.67
N ALA B 17 8.76 4.71 -12.48
CA ALA B 17 8.54 3.64 -13.45
C ALA B 17 9.82 2.84 -13.66
N LYS B 18 10.34 2.26 -12.58
CA LYS B 18 11.54 1.45 -12.65
C LYS B 18 11.32 0.08 -12.01
N MET A 1 8.15 19.16 3.26
CA MET A 1 8.49 18.35 2.06
C MET A 1 7.42 17.28 1.80
N ASP A 2 7.60 16.53 0.73
CA ASP A 2 6.67 15.48 0.37
C ASP A 2 7.34 14.41 -0.49
N ARG A 3 8.43 13.85 0.01
CA ARG A 3 9.18 12.83 -0.71
C ARG A 3 9.48 11.63 0.20
N LYS A 4 9.87 11.92 1.44
CA LYS A 4 10.19 10.87 2.39
C LYS A 4 9.05 9.87 2.54
N VAL A 5 7.82 10.37 2.38
CA VAL A 5 6.65 9.50 2.49
C VAL A 5 6.80 8.30 1.56
N ALA A 6 7.30 8.56 0.36
CA ALA A 6 7.51 7.51 -0.63
C ALA A 6 8.70 6.63 -0.24
N ARG A 7 9.70 7.25 0.40
CA ARG A 7 10.89 6.53 0.82
C ARG A 7 10.56 5.53 1.93
N GLU A 8 9.69 5.94 2.84
CA GLU A 8 9.29 5.09 3.95
C GLU A 8 8.41 3.95 3.46
N PHE A 9 7.40 4.30 2.66
CA PHE A 9 6.48 3.30 2.13
C PHE A 9 7.23 2.36 1.18
N ARG A 10 8.14 2.93 0.40
CA ARG A 10 8.93 2.15 -0.55
C ARG A 10 9.98 1.31 0.18
N HIS A 11 10.64 1.92 1.16
CA HIS A 11 11.66 1.23 1.93
C HIS A 11 11.05 0.12 2.78
N LYS A 12 9.90 0.42 3.38
CA LYS A 12 9.21 -0.56 4.22
C LYS A 12 8.84 -1.79 3.40
N VAL A 13 8.10 -1.58 2.31
CA VAL A 13 7.69 -2.67 1.44
C VAL A 13 8.90 -3.48 0.99
N ASP A 14 10.01 -2.79 0.75
CA ASP A 14 11.24 -3.44 0.32
C ASP A 14 11.85 -4.23 1.48
N PHE A 15 11.60 -3.76 2.70
CA PHE A 15 12.13 -4.43 3.89
C PHE A 15 11.44 -5.77 4.09
N LEU A 16 10.18 -5.84 3.69
CA LEU A 16 9.40 -7.06 3.83
C LEU A 16 9.54 -7.95 2.60
N ILE A 17 9.33 -7.37 1.43
CA ILE A 17 9.44 -8.10 0.18
C ILE A 17 10.86 -8.14 -0.33
N GLU A 18 11.40 -6.95 -0.56
CA GLU A 18 12.74 -6.82 -1.09
C GLU A 18 12.78 -7.34 -2.52
N ASN A 19 11.61 -7.72 -3.01
CA ASN A 19 11.48 -8.26 -4.37
C ASN A 19 10.81 -7.24 -5.28
N ASP A 20 10.97 -7.41 -6.58
CA ASP A 20 10.37 -6.51 -7.56
C ASP A 20 9.03 -7.03 -8.04
N ALA A 21 8.94 -8.34 -8.25
CA ALA A 21 7.70 -8.96 -8.71
C ALA A 21 6.55 -8.64 -7.77
N GLU A 22 6.73 -8.93 -6.49
CA GLU A 22 5.71 -8.66 -5.50
C GLU A 22 5.40 -7.16 -5.43
N LYS A 23 6.45 -6.35 -5.42
CA LYS A 23 6.29 -4.90 -5.38
C LYS A 23 5.56 -4.42 -6.62
N ASP A 24 5.77 -5.13 -7.73
CA ASP A 24 5.12 -4.78 -8.98
C ASP A 24 3.61 -4.89 -8.83
N TYR A 25 3.15 -6.04 -8.34
CA TYR A 25 1.72 -6.26 -8.14
C TYR A 25 1.19 -5.37 -7.03
N LEU A 26 1.94 -5.28 -5.93
CA LEU A 26 1.52 -4.43 -4.83
C LEU A 26 1.38 -3.01 -5.35
N TYR A 27 2.32 -2.60 -6.19
CA TYR A 27 2.27 -1.28 -6.79
C TYR A 27 1.00 -1.18 -7.63
N ASP A 28 0.60 -2.33 -8.20
CA ASP A 28 -0.62 -2.39 -9.00
C ASP A 28 -1.84 -2.27 -8.10
N VAL A 29 -1.75 -2.83 -6.89
CA VAL A 29 -2.85 -2.76 -5.95
C VAL A 29 -3.15 -1.31 -5.58
N LEU A 30 -2.10 -0.57 -5.24
CA LEU A 30 -2.25 0.84 -4.89
C LEU A 30 -2.80 1.61 -6.08
N ARG A 31 -2.34 1.23 -7.27
CA ARG A 31 -2.79 1.88 -8.50
C ARG A 31 -4.31 1.82 -8.61
N MET A 32 -4.87 0.67 -8.26
CA MET A 32 -6.31 0.48 -8.29
C MET A 32 -6.98 1.39 -7.29
N TYR A 33 -6.49 1.37 -6.05
CA TYR A 33 -7.04 2.21 -4.99
C TYR A 33 -7.00 3.68 -5.38
N HIS A 34 -6.12 4.02 -6.31
CA HIS A 34 -5.99 5.40 -6.78
C HIS A 34 -7.05 5.71 -7.83
N GLN A 35 -7.23 4.80 -8.79
CA GLN A 35 -8.20 4.97 -9.86
C GLN A 35 -9.62 4.65 -9.39
N THR A 36 -9.83 3.40 -9.01
CA THR A 36 -11.16 2.96 -8.56
C THR A 36 -11.46 3.41 -7.13
N MET A 37 -10.45 3.37 -6.27
CA MET A 37 -10.61 3.78 -4.88
C MET A 37 -11.52 2.79 -4.14
N ASP A 38 -11.19 1.50 -4.24
CA ASP A 38 -11.96 0.47 -3.58
C ASP A 38 -11.14 -0.23 -2.50
N VAL A 39 -11.49 0.01 -1.24
CA VAL A 39 -10.79 -0.58 -0.11
C VAL A 39 -10.89 -2.11 -0.14
N ALA A 40 -11.91 -2.62 -0.84
CA ALA A 40 -12.11 -4.06 -0.95
C ALA A 40 -11.10 -4.66 -1.90
N VAL A 41 -10.67 -3.86 -2.87
CA VAL A 41 -9.69 -4.32 -3.84
C VAL A 41 -8.29 -4.33 -3.24
N LEU A 42 -7.99 -3.32 -2.42
CA LEU A 42 -6.70 -3.21 -1.77
C LEU A 42 -6.51 -4.37 -0.79
N VAL A 43 -7.53 -4.65 0.00
CA VAL A 43 -7.47 -5.72 0.98
C VAL A 43 -7.36 -7.08 0.30
N GLY A 44 -8.14 -7.26 -0.77
CA GLY A 44 -8.11 -8.52 -1.50
C GLY A 44 -6.73 -8.86 -2.02
N ASP A 45 -6.16 -7.95 -2.81
CA ASP A 45 -4.83 -8.16 -3.37
C ASP A 45 -3.78 -8.33 -2.28
N LEU A 46 -3.85 -7.46 -1.27
CA LEU A 46 -2.90 -7.52 -0.16
C LEU A 46 -2.80 -8.93 0.41
N LYS A 47 -3.95 -9.59 0.55
CA LYS A 47 -3.99 -10.95 1.08
C LYS A 47 -3.33 -11.92 0.09
N LEU A 48 -3.73 -11.82 -1.17
CA LEU A 48 -3.16 -12.69 -2.20
C LEU A 48 -1.63 -12.62 -2.18
N VAL A 49 -1.10 -11.51 -1.70
CA VAL A 49 0.34 -11.33 -1.59
C VAL A 49 0.81 -11.61 -0.17
N ILE A 50 -0.07 -11.38 0.79
CA ILE A 50 0.24 -11.61 2.19
C ILE A 50 -0.36 -12.92 2.68
N ASN A 51 -0.61 -13.83 1.75
CA ASN A 51 -1.18 -15.13 2.08
C ASN A 51 -0.46 -15.76 3.27
N GLU A 52 0.83 -15.42 3.41
CA GLU A 52 1.63 -15.95 4.51
C GLU A 52 1.78 -14.90 5.61
N PRO A 53 1.82 -15.34 6.88
CA PRO A 53 1.97 -14.42 8.03
C PRO A 53 3.21 -13.54 7.93
N SER A 54 4.20 -14.03 7.20
CA SER A 54 5.45 -13.29 7.02
C SER A 54 5.22 -11.92 6.42
N ARG A 55 4.28 -11.84 5.48
CA ARG A 55 3.96 -10.58 4.81
C ARG A 55 2.90 -9.79 5.58
N LEU A 56 2.64 -10.18 6.82
CA LEU A 56 1.64 -9.50 7.66
C LEU A 56 1.89 -8.00 7.72
N PRO A 57 3.12 -7.57 8.09
CA PRO A 57 3.49 -6.17 8.22
C PRO A 57 2.88 -5.27 7.12
N LEU A 58 2.61 -5.85 5.96
CA LEU A 58 2.03 -5.07 4.85
C LEU A 58 0.75 -4.36 5.28
N PHE A 59 0.01 -4.97 6.19
CA PHE A 59 -1.23 -4.39 6.69
C PHE A 59 -0.94 -3.13 7.51
N ASP A 60 -0.04 -3.25 8.47
CA ASP A 60 0.33 -2.13 9.32
C ASP A 60 1.22 -1.15 8.55
N ALA A 61 1.87 -1.64 7.50
CA ALA A 61 2.74 -0.82 6.68
C ALA A 61 1.95 0.23 5.89
N ILE A 62 0.91 -0.22 5.20
CA ILE A 62 0.07 0.66 4.38
C ILE A 62 -0.91 1.49 5.20
N ARG A 63 -1.43 0.91 6.28
CA ARG A 63 -2.41 1.59 7.15
C ARG A 63 -2.03 3.03 7.51
N PRO A 64 -0.73 3.34 7.73
CA PRO A 64 -0.30 4.69 8.10
C PRO A 64 -0.69 5.73 7.05
N LEU A 65 -0.32 5.48 5.80
CA LEU A 65 -0.65 6.39 4.71
C LEU A 65 -2.15 6.33 4.38
N ILE A 66 -2.80 5.25 4.81
CA ILE A 66 -4.22 5.06 4.56
C ILE A 66 -5.04 5.99 5.46
N PRO A 67 -6.06 6.67 4.89
CA PRO A 67 -6.93 7.57 5.65
C PRO A 67 -7.37 7.00 6.97
N LEU A 68 -7.29 7.85 7.97
CA LEU A 68 -7.65 7.51 9.33
C LEU A 68 -9.03 6.86 9.40
N LYS A 69 -9.88 7.18 8.43
CA LYS A 69 -11.22 6.60 8.37
C LYS A 69 -11.16 5.28 7.61
N HIS A 70 -10.29 5.24 6.61
CA HIS A 70 -10.11 4.05 5.80
C HIS A 70 -9.38 2.97 6.57
N GLN A 71 -8.46 3.39 7.46
CA GLN A 71 -7.71 2.43 8.26
C GLN A 71 -8.66 1.69 9.20
N VAL A 72 -9.65 2.42 9.71
CA VAL A 72 -10.65 1.84 10.61
C VAL A 72 -11.44 0.79 9.86
N GLU A 73 -12.12 1.21 8.79
CA GLU A 73 -12.91 0.29 7.99
C GLU A 73 -12.01 -0.82 7.46
N TYR A 74 -10.78 -0.45 7.13
CA TYR A 74 -9.79 -1.41 6.66
C TYR A 74 -9.63 -2.51 7.69
N ASP A 75 -9.76 -2.12 8.97
CA ASP A 75 -9.66 -3.07 10.06
C ASP A 75 -10.90 -3.95 10.11
N GLN A 76 -12.06 -3.34 9.92
CA GLN A 76 -13.32 -4.08 9.92
C GLN A 76 -13.38 -5.05 8.74
N LEU A 77 -12.51 -4.84 7.75
CA LEU A 77 -12.48 -5.70 6.57
C LEU A 77 -11.51 -6.85 6.72
N THR A 78 -10.35 -6.60 7.35
CA THR A 78 -9.35 -7.64 7.53
C THR A 78 -9.38 -8.22 8.94
N PRO A 79 -8.87 -7.49 9.95
CA PRO A 79 -8.86 -7.96 11.34
C PRO A 79 -10.27 -8.12 11.91
N ARG A 80 -10.57 -9.33 12.38
CA ARG A 80 -11.87 -9.62 12.94
C ARG A 80 -12.18 -8.69 14.11
N ASP B 1 -4.24 14.13 6.81
CA ASP B 1 -4.07 12.68 6.79
C ASP B 1 -4.96 12.03 5.73
N ASP B 2 -5.22 12.76 4.65
CA ASP B 2 -6.06 12.27 3.58
C ASP B 2 -5.32 11.21 2.76
N ASP B 3 -5.77 10.99 1.52
CA ASP B 3 -5.13 10.01 0.65
C ASP B 3 -4.02 10.65 -0.20
N ARG B 4 -3.53 11.80 0.26
CA ARG B 4 -2.47 12.51 -0.46
C ARG B 4 -1.19 11.67 -0.49
N TYR B 5 -0.94 10.94 0.60
CA TYR B 5 0.25 10.10 0.69
C TYR B 5 0.25 9.04 -0.41
N LEU B 6 -0.94 8.54 -0.74
CA LEU B 6 -1.07 7.52 -1.78
C LEU B 6 -0.55 8.04 -3.12
N ARG B 7 -1.04 9.21 -3.52
CA ARG B 7 -0.64 9.82 -4.78
C ARG B 7 0.86 10.14 -4.76
N GLU B 8 1.37 10.47 -3.57
CA GLU B 8 2.78 10.80 -3.42
C GLU B 8 3.66 9.64 -3.87
N ALA B 9 3.46 8.48 -3.24
CA ALA B 9 4.24 7.30 -3.57
C ALA B 9 3.84 6.74 -4.93
N ILE B 10 2.55 6.82 -5.23
CA ILE B 10 2.03 6.33 -6.51
C ILE B 10 2.67 7.07 -7.67
N GLN B 11 2.57 8.40 -7.66
CA GLN B 11 3.14 9.22 -8.72
C GLN B 11 4.66 9.12 -8.72
N GLU B 12 5.24 9.08 -7.53
CA GLU B 12 6.69 8.96 -7.41
C GLU B 12 7.19 7.76 -8.19
N TYR B 13 6.42 6.67 -8.12
CA TYR B 13 6.76 5.46 -8.85
C TYR B 13 6.52 5.67 -10.33
N ASP B 14 5.50 6.46 -10.65
CA ASP B 14 5.18 6.76 -12.03
C ASP B 14 6.37 7.42 -12.71
N ASN B 15 7.13 8.19 -11.93
CA ASN B 15 8.32 8.87 -12.44
C ASN B 15 9.51 7.93 -12.47
N ILE B 16 9.57 7.01 -11.49
CA ILE B 16 10.66 6.05 -11.41
C ILE B 16 10.58 5.03 -12.54
N ALA B 17 9.35 4.69 -12.94
CA ALA B 17 9.14 3.73 -14.00
C ALA B 17 9.13 4.42 -15.37
N LYS B 18 10.20 5.17 -15.66
CA LYS B 18 10.32 5.87 -16.93
C LYS B 18 11.79 6.00 -17.33
N MET A 1 9.21 18.93 0.17
CA MET A 1 8.51 18.52 1.41
C MET A 1 7.53 17.39 1.15
N ASP A 2 7.41 16.49 2.12
CA ASP A 2 6.50 15.35 2.00
C ASP A 2 6.93 14.44 0.84
N ARG A 3 8.24 14.20 0.73
CA ARG A 3 8.77 13.35 -0.32
C ARG A 3 9.36 12.07 0.26
N LYS A 4 10.01 12.20 1.41
CA LYS A 4 10.63 11.05 2.08
C LYS A 4 9.59 9.98 2.41
N VAL A 5 8.37 10.42 2.68
CA VAL A 5 7.30 9.47 3.00
C VAL A 5 7.20 8.40 1.93
N ALA A 6 7.49 8.79 0.69
CA ALA A 6 7.46 7.86 -0.43
C ALA A 6 8.63 6.91 -0.37
N ARG A 7 9.81 7.44 -0.04
CA ARG A 7 11.01 6.63 0.06
C ARG A 7 10.92 5.65 1.22
N GLU A 8 10.31 6.11 2.31
CA GLU A 8 10.15 5.26 3.49
C GLU A 8 9.14 4.16 3.24
N PHE A 9 7.97 4.53 2.73
CA PHE A 9 6.93 3.56 2.43
C PHE A 9 7.43 2.54 1.41
N ARG A 10 8.15 3.02 0.41
CA ARG A 10 8.70 2.14 -0.62
C ARG A 10 9.85 1.30 -0.07
N HIS A 11 10.78 1.96 0.63
CA HIS A 11 11.91 1.25 1.21
C HIS A 11 11.45 0.17 2.17
N LYS A 12 10.47 0.50 3.01
CA LYS A 12 9.94 -0.45 3.97
C LYS A 12 9.37 -1.68 3.27
N VAL A 13 8.48 -1.45 2.31
CA VAL A 13 7.87 -2.53 1.56
C VAL A 13 8.94 -3.42 0.94
N ASP A 14 10.03 -2.81 0.49
CA ASP A 14 11.12 -3.55 -0.11
C ASP A 14 11.85 -4.37 0.95
N PHE A 15 11.83 -3.89 2.18
CA PHE A 15 12.48 -4.59 3.28
C PHE A 15 11.73 -5.87 3.63
N LEU A 16 10.42 -5.82 3.46
CA LEU A 16 9.57 -6.97 3.74
C LEU A 16 9.54 -7.96 2.58
N ILE A 17 9.28 -7.44 1.39
CA ILE A 17 9.23 -8.28 0.19
C ILE A 17 10.62 -8.65 -0.28
N GLU A 18 11.44 -7.65 -0.51
CA GLU A 18 12.78 -7.87 -1.00
C GLU A 18 12.75 -8.49 -2.38
N ASN A 19 11.55 -8.62 -2.90
CA ASN A 19 11.34 -9.20 -4.23
C ASN A 19 10.98 -8.11 -5.24
N ASP A 20 10.88 -8.50 -6.51
CA ASP A 20 10.55 -7.58 -7.58
C ASP A 20 9.13 -7.82 -8.09
N ALA A 21 8.84 -9.07 -8.44
CA ALA A 21 7.53 -9.43 -8.95
C ALA A 21 6.44 -9.04 -7.96
N GLU A 22 6.71 -9.28 -6.68
CA GLU A 22 5.76 -8.96 -5.62
C GLU A 22 5.54 -7.46 -5.53
N LYS A 23 6.63 -6.70 -5.54
CA LYS A 23 6.55 -5.25 -5.48
C LYS A 23 5.78 -4.71 -6.68
N ASP A 24 5.93 -5.38 -7.80
CA ASP A 24 5.24 -4.98 -9.02
C ASP A 24 3.73 -5.05 -8.82
N TYR A 25 3.25 -6.20 -8.33
CA TYR A 25 1.84 -6.39 -8.07
C TYR A 25 1.38 -5.50 -6.93
N LEU A 26 2.17 -5.42 -5.87
CA LEU A 26 1.82 -4.58 -4.73
C LEU A 26 1.66 -3.16 -5.24
N TYR A 27 2.61 -2.71 -6.04
CA TYR A 27 2.53 -1.38 -6.62
C TYR A 27 1.26 -1.31 -7.47
N ASP A 28 0.87 -2.46 -8.05
CA ASP A 28 -0.33 -2.53 -8.85
C ASP A 28 -1.56 -2.44 -7.96
N VAL A 29 -1.46 -3.00 -6.74
CA VAL A 29 -2.57 -2.98 -5.80
C VAL A 29 -2.86 -1.55 -5.37
N LEU A 30 -1.83 -0.82 -4.96
CA LEU A 30 -1.99 0.55 -4.53
C LEU A 30 -2.48 1.41 -5.69
N ARG A 31 -1.99 1.11 -6.88
CA ARG A 31 -2.38 1.84 -8.09
C ARG A 31 -3.86 1.64 -8.36
N MET A 32 -4.32 0.40 -8.27
CA MET A 32 -5.73 0.09 -8.50
C MET A 32 -6.59 0.74 -7.43
N TYR A 33 -6.07 0.79 -6.21
CA TYR A 33 -6.78 1.39 -5.09
C TYR A 33 -6.99 2.88 -5.33
N HIS A 34 -6.03 3.51 -5.98
CA HIS A 34 -6.10 4.94 -6.29
C HIS A 34 -7.09 5.20 -7.43
N GLN A 35 -7.21 4.24 -8.33
CA GLN A 35 -8.11 4.38 -9.47
C GLN A 35 -9.56 4.14 -9.08
N THR A 36 -9.84 2.93 -8.62
CA THR A 36 -11.18 2.55 -8.20
C THR A 36 -11.57 3.20 -6.88
N MET A 37 -10.58 3.52 -6.06
CA MET A 37 -10.83 4.15 -4.77
C MET A 37 -11.62 3.22 -3.86
N ASP A 38 -11.38 1.92 -4.00
CA ASP A 38 -12.06 0.91 -3.20
C ASP A 38 -11.10 0.21 -2.25
N VAL A 39 -11.28 0.42 -0.96
CA VAL A 39 -10.44 -0.19 0.05
C VAL A 39 -10.62 -1.71 0.08
N ALA A 40 -11.76 -2.17 -0.42
CA ALA A 40 -12.04 -3.60 -0.46
C ALA A 40 -11.24 -4.27 -1.55
N VAL A 41 -10.89 -3.50 -2.58
CA VAL A 41 -10.10 -4.02 -3.69
C VAL A 41 -8.63 -4.11 -3.31
N LEU A 42 -8.13 -3.07 -2.65
CA LEU A 42 -6.74 -3.04 -2.21
C LEU A 42 -6.46 -4.15 -1.20
N VAL A 43 -7.41 -4.38 -0.31
CA VAL A 43 -7.26 -5.43 0.70
C VAL A 43 -7.26 -6.81 0.05
N GLY A 44 -8.15 -6.99 -0.94
CA GLY A 44 -8.23 -8.26 -1.63
C GLY A 44 -6.91 -8.68 -2.23
N ASP A 45 -6.31 -7.78 -3.01
CA ASP A 45 -5.02 -8.05 -3.63
C ASP A 45 -3.93 -8.21 -2.58
N LEU A 46 -3.89 -7.27 -1.63
CA LEU A 46 -2.90 -7.29 -0.57
C LEU A 46 -2.88 -8.67 0.10
N LYS A 47 -4.06 -9.22 0.37
CA LYS A 47 -4.16 -10.54 1.01
C LYS A 47 -3.56 -11.61 0.10
N LEU A 48 -3.98 -11.61 -1.15
CA LEU A 48 -3.48 -12.58 -2.13
C LEU A 48 -1.95 -12.58 -2.14
N VAL A 49 -1.37 -11.45 -1.77
CA VAL A 49 0.08 -11.31 -1.71
C VAL A 49 0.57 -11.52 -0.29
N ILE A 50 -0.30 -11.22 0.68
CA ILE A 50 0.03 -11.38 2.09
C ILE A 50 -0.58 -12.64 2.67
N ASN A 51 -0.88 -13.59 1.79
CA ASN A 51 -1.48 -14.86 2.22
C ASN A 51 -0.73 -15.44 3.42
N GLU A 52 0.56 -15.14 3.51
CA GLU A 52 1.39 -15.62 4.61
C GLU A 52 1.59 -14.52 5.65
N PRO A 53 1.82 -14.90 6.92
CA PRO A 53 2.01 -13.94 8.01
C PRO A 53 3.26 -13.06 7.81
N SER A 54 4.23 -13.58 7.05
CA SER A 54 5.46 -12.85 6.79
C SER A 54 5.19 -11.49 6.17
N ARG A 55 4.19 -11.43 5.27
CA ARG A 55 3.84 -10.18 4.61
C ARG A 55 2.83 -9.37 5.41
N LEU A 56 2.65 -9.72 6.68
CA LEU A 56 1.71 -9.00 7.55
C LEU A 56 2.02 -7.51 7.62
N PRO A 57 3.30 -7.14 7.80
CA PRO A 57 3.72 -5.73 7.91
C PRO A 57 3.06 -4.82 6.87
N LEU A 58 2.68 -5.39 5.72
CA LEU A 58 2.05 -4.62 4.66
C LEU A 58 0.79 -3.91 5.17
N PHE A 59 0.00 -4.61 5.97
CA PHE A 59 -1.23 -4.05 6.51
C PHE A 59 -0.96 -2.83 7.38
N ASP A 60 -0.02 -2.98 8.32
CA ASP A 60 0.33 -1.88 9.22
C ASP A 60 1.18 -0.84 8.48
N ALA A 61 1.90 -1.30 7.47
CA ALA A 61 2.77 -0.42 6.68
C ALA A 61 1.96 0.58 5.87
N ILE A 62 0.97 0.08 5.14
CA ILE A 62 0.13 0.92 4.30
C ILE A 62 -0.89 1.74 5.09
N ARG A 63 -1.41 1.17 6.18
CA ARG A 63 -2.41 1.83 7.01
C ARG A 63 -2.09 3.32 7.25
N PRO A 64 -0.86 3.64 7.70
CA PRO A 64 -0.47 5.02 8.00
C PRO A 64 -0.96 6.03 6.96
N LEU A 65 -0.65 5.79 5.69
CA LEU A 65 -1.09 6.69 4.63
C LEU A 65 -2.58 6.54 4.34
N ILE A 66 -3.08 5.32 4.54
CA ILE A 66 -4.49 5.02 4.31
C ILE A 66 -5.40 5.95 5.13
N PRO A 67 -6.46 6.49 4.49
CA PRO A 67 -7.40 7.40 5.17
C PRO A 67 -7.82 6.90 6.52
N LEU A 68 -7.93 7.86 7.43
CA LEU A 68 -8.30 7.62 8.80
C LEU A 68 -9.58 6.78 8.88
N LYS A 69 -10.58 7.13 8.09
CA LYS A 69 -11.84 6.39 8.07
C LYS A 69 -11.63 5.03 7.40
N HIS A 70 -10.78 5.02 6.38
CA HIS A 70 -10.46 3.79 5.67
C HIS A 70 -9.68 2.85 6.56
N GLN A 71 -8.91 3.41 7.49
CA GLN A 71 -8.12 2.61 8.42
C GLN A 71 -9.04 1.68 9.21
N VAL A 72 -10.06 2.27 9.83
CA VAL A 72 -11.02 1.49 10.61
C VAL A 72 -11.66 0.43 9.73
N GLU A 73 -12.21 0.86 8.59
CA GLU A 73 -12.84 -0.06 7.66
C GLU A 73 -11.84 -1.12 7.23
N TYR A 74 -10.57 -0.71 7.13
CA TYR A 74 -9.51 -1.64 6.77
C TYR A 74 -9.46 -2.74 7.83
N ASP A 75 -9.75 -2.36 9.06
CA ASP A 75 -9.76 -3.30 10.17
C ASP A 75 -10.98 -4.23 10.07
N GLN A 76 -12.12 -3.65 9.72
CA GLN A 76 -13.35 -4.43 9.59
C GLN A 76 -13.27 -5.42 8.43
N LEU A 77 -12.39 -5.15 7.47
CA LEU A 77 -12.24 -6.02 6.31
C LEU A 77 -11.10 -7.01 6.47
N THR A 78 -10.13 -6.69 7.31
CA THR A 78 -8.98 -7.55 7.53
C THR A 78 -9.42 -8.99 7.84
N PRO A 79 -10.29 -9.16 8.84
CA PRO A 79 -10.79 -10.48 9.25
C PRO A 79 -11.36 -11.25 8.07
N ARG A 80 -11.30 -12.59 8.15
CA ARG A 80 -11.82 -13.44 7.09
C ARG A 80 -13.15 -14.05 7.51
N ASP B 1 -6.83 15.56 5.07
CA ASP B 1 -5.57 14.82 5.19
C ASP B 1 -5.77 13.35 4.84
N ASP B 2 -6.69 13.09 3.91
CA ASP B 2 -6.97 11.72 3.49
C ASP B 2 -6.60 11.53 2.02
N ASP B 3 -6.04 10.36 1.71
CA ASP B 3 -5.63 10.05 0.34
C ASP B 3 -4.60 11.04 -0.16
N ARG B 4 -3.76 11.54 0.75
CA ARG B 4 -2.71 12.49 0.40
C ARG B 4 -1.35 11.81 0.31
N TYR B 5 -1.08 10.92 1.26
CA TYR B 5 0.18 10.20 1.29
C TYR B 5 0.24 9.15 0.18
N LEU B 6 -0.92 8.56 -0.12
CA LEU B 6 -1.00 7.54 -1.16
C LEU B 6 -0.54 8.11 -2.50
N ARG B 7 -1.12 9.23 -2.90
CA ARG B 7 -0.77 9.87 -4.17
C ARG B 7 0.72 10.21 -4.21
N GLU B 8 1.28 10.59 -3.06
CA GLU B 8 2.69 10.95 -2.97
C GLU B 8 3.56 9.77 -3.41
N ALA B 9 3.41 8.64 -2.75
CA ALA B 9 4.19 7.45 -3.08
C ALA B 9 3.78 6.89 -4.43
N ILE B 10 2.48 6.91 -4.71
CA ILE B 10 1.95 6.42 -5.96
C ILE B 10 2.59 7.15 -7.15
N GLN B 11 2.50 8.48 -7.15
CA GLN B 11 3.07 9.28 -8.21
C GLN B 11 4.57 9.10 -8.27
N GLU B 12 5.19 8.94 -7.10
CA GLU B 12 6.63 8.74 -7.03
C GLU B 12 7.03 7.58 -7.92
N TYR B 13 6.24 6.51 -7.86
CA TYR B 13 6.49 5.33 -8.67
C TYR B 13 6.19 5.64 -10.12
N ASP B 14 5.20 6.49 -10.36
CA ASP B 14 4.84 6.89 -11.70
C ASP B 14 6.02 7.56 -12.38
N ASN B 15 6.86 8.21 -11.57
CA ASN B 15 8.04 8.89 -12.08
C ASN B 15 9.19 7.91 -12.26
N ILE B 16 9.27 6.92 -11.38
CA ILE B 16 10.32 5.91 -11.45
C ILE B 16 10.16 5.05 -12.69
N ALA B 17 8.94 4.62 -12.95
CA ALA B 17 8.64 3.79 -14.10
C ALA B 17 9.51 2.53 -14.12
N LYS B 18 9.36 1.68 -13.12
CA LYS B 18 10.13 0.46 -13.01
C LYS B 18 9.81 -0.49 -14.17
N MET A 1 9.15 17.76 0.95
CA MET A 1 9.38 17.48 2.40
C MET A 1 8.84 16.10 2.77
N ASP A 2 7.80 15.66 2.08
CA ASP A 2 7.20 14.36 2.34
C ASP A 2 7.70 13.31 1.36
N ARG A 3 8.94 13.47 0.92
CA ARG A 3 9.54 12.54 -0.03
C ARG A 3 9.97 11.26 0.67
N LYS A 4 10.37 11.39 1.94
CA LYS A 4 10.80 10.24 2.72
C LYS A 4 9.67 9.23 2.90
N VAL A 5 8.44 9.73 2.96
CA VAL A 5 7.28 8.86 3.11
C VAL A 5 7.31 7.75 2.05
N ALA A 6 7.78 8.11 0.87
CA ALA A 6 7.87 7.15 -0.23
C ALA A 6 9.00 6.17 0.01
N ARG A 7 10.11 6.68 0.55
CA ARG A 7 11.27 5.83 0.83
C ARG A 7 10.98 4.84 1.95
N GLU A 8 10.22 5.30 2.95
CA GLU A 8 9.88 4.46 4.08
C GLU A 8 8.87 3.38 3.65
N PHE A 9 7.81 3.81 2.98
CA PHE A 9 6.80 2.88 2.50
C PHE A 9 7.40 1.92 1.49
N ARG A 10 8.24 2.46 0.61
CA ARG A 10 8.89 1.65 -0.42
C ARG A 10 9.92 0.71 0.21
N HIS A 11 10.71 1.24 1.14
CA HIS A 11 11.73 0.44 1.81
C HIS A 11 11.10 -0.75 2.53
N LYS A 12 10.02 -0.48 3.25
CA LYS A 12 9.33 -1.53 3.98
C LYS A 12 8.86 -2.61 3.01
N VAL A 13 8.24 -2.18 1.91
CA VAL A 13 7.75 -3.11 0.90
C VAL A 13 8.86 -4.05 0.43
N ASP A 14 10.00 -3.49 0.08
CA ASP A 14 11.13 -4.30 -0.38
C ASP A 14 11.77 -5.06 0.77
N PHE A 15 11.50 -4.63 2.01
CA PHE A 15 12.05 -5.30 3.17
C PHE A 15 11.41 -6.66 3.35
N LEU A 16 10.12 -6.73 3.05
CA LEU A 16 9.36 -7.97 3.16
C LEU A 16 9.33 -8.71 1.83
N ILE A 17 9.03 -7.97 0.76
CA ILE A 17 8.95 -8.55 -0.57
C ILE A 17 10.34 -8.97 -1.06
N GLU A 18 11.28 -8.05 -0.99
CA GLU A 18 12.65 -8.32 -1.44
C GLU A 18 12.70 -8.81 -2.88
N ASN A 19 11.54 -8.83 -3.51
CA ASN A 19 11.42 -9.26 -4.88
C ASN A 19 11.08 -8.09 -5.80
N ASP A 20 10.65 -8.38 -7.02
CA ASP A 20 10.30 -7.36 -7.99
C ASP A 20 8.87 -7.54 -8.48
N ALA A 21 8.53 -8.77 -8.84
CA ALA A 21 7.18 -9.07 -9.33
C ALA A 21 6.13 -8.72 -8.29
N GLU A 22 6.45 -8.99 -7.02
CA GLU A 22 5.53 -8.71 -5.93
C GLU A 22 5.29 -7.21 -5.79
N LYS A 23 6.38 -6.42 -5.83
CA LYS A 23 6.27 -4.97 -5.72
C LYS A 23 5.48 -4.41 -6.89
N ASP A 24 5.62 -5.05 -8.05
CA ASP A 24 4.90 -4.61 -9.24
C ASP A 24 3.40 -4.72 -9.00
N TYR A 25 2.97 -5.87 -8.48
CA TYR A 25 1.57 -6.10 -8.20
C TYR A 25 1.08 -5.20 -7.08
N LEU A 26 1.82 -5.15 -5.97
CA LEU A 26 1.45 -4.29 -4.86
C LEU A 26 1.36 -2.86 -5.37
N TYR A 27 2.32 -2.49 -6.21
CA TYR A 27 2.31 -1.18 -6.81
C TYR A 27 1.05 -1.03 -7.65
N ASP A 28 0.62 -2.14 -8.25
CA ASP A 28 -0.59 -2.16 -9.06
C ASP A 28 -1.82 -2.07 -8.15
N VAL A 29 -1.72 -2.64 -6.95
CA VAL A 29 -2.83 -2.60 -6.01
C VAL A 29 -3.14 -1.17 -5.60
N LEU A 30 -2.13 -0.46 -5.12
CA LEU A 30 -2.29 0.94 -4.72
C LEU A 30 -2.76 1.78 -5.90
N ARG A 31 -2.20 1.49 -7.07
CA ARG A 31 -2.56 2.21 -8.29
C ARG A 31 -4.05 2.04 -8.58
N MET A 32 -4.54 0.82 -8.40
CA MET A 32 -5.95 0.53 -8.63
C MET A 32 -6.81 1.14 -7.53
N TYR A 33 -6.31 1.08 -6.30
CA TYR A 33 -7.02 1.63 -5.16
C TYR A 33 -7.20 3.14 -5.31
N HIS A 34 -6.31 3.76 -6.08
CA HIS A 34 -6.38 5.21 -6.30
C HIS A 34 -7.43 5.54 -7.36
N GLN A 35 -7.55 4.67 -8.37
CA GLN A 35 -8.49 4.89 -9.45
C GLN A 35 -9.92 4.52 -9.03
N THR A 36 -10.11 3.25 -8.70
CA THR A 36 -11.42 2.76 -8.30
C THR A 36 -11.81 3.27 -6.91
N MET A 37 -10.82 3.51 -6.06
CA MET A 37 -11.07 4.02 -4.72
C MET A 37 -11.79 2.95 -3.88
N ASP A 38 -11.38 1.70 -4.05
CA ASP A 38 -11.97 0.59 -3.31
C ASP A 38 -10.99 0.03 -2.29
N VAL A 39 -11.29 0.26 -1.01
CA VAL A 39 -10.43 -0.23 0.07
C VAL A 39 -10.56 -1.74 0.24
N ALA A 40 -11.69 -2.28 -0.17
CA ALA A 40 -11.92 -3.72 -0.08
C ALA A 40 -11.09 -4.47 -1.11
N VAL A 41 -10.77 -3.78 -2.19
CA VAL A 41 -9.98 -4.37 -3.26
C VAL A 41 -8.50 -4.39 -2.89
N LEU A 42 -8.00 -3.27 -2.39
CA LEU A 42 -6.60 -3.17 -2.00
C LEU A 42 -6.28 -4.16 -0.88
N VAL A 43 -7.21 -4.31 0.06
CA VAL A 43 -7.01 -5.23 1.17
C VAL A 43 -6.90 -6.66 0.66
N GLY A 44 -7.77 -7.01 -0.29
CA GLY A 44 -7.75 -8.36 -0.85
C GLY A 44 -6.40 -8.68 -1.47
N ASP A 45 -5.93 -7.80 -2.35
CA ASP A 45 -4.66 -8.00 -3.02
C ASP A 45 -3.52 -8.05 -2.00
N LEU A 46 -3.57 -7.13 -1.03
CA LEU A 46 -2.54 -7.06 0.01
C LEU A 46 -2.33 -8.43 0.65
N LYS A 47 -3.43 -9.13 0.91
CA LYS A 47 -3.37 -10.46 1.50
C LYS A 47 -2.73 -11.45 0.54
N LEU A 48 -3.20 -11.46 -0.71
CA LEU A 48 -2.66 -12.35 -1.72
C LEU A 48 -1.14 -12.21 -1.80
N VAL A 49 -0.64 -11.05 -1.42
CA VAL A 49 0.79 -10.78 -1.43
C VAL A 49 1.37 -10.97 -0.03
N ILE A 50 0.54 -10.74 0.97
CA ILE A 50 0.95 -10.86 2.36
C ILE A 50 0.45 -12.16 2.98
N ASN A 51 0.17 -13.15 2.13
CA ASN A 51 -0.31 -14.45 2.58
C ASN A 51 0.53 -14.97 3.73
N GLU A 52 1.81 -14.57 3.76
CA GLU A 52 2.72 -15.00 4.81
C GLU A 52 2.82 -13.93 5.90
N PRO A 53 3.16 -14.34 7.14
CA PRO A 53 3.29 -13.42 8.27
C PRO A 53 4.46 -12.45 8.12
N SER A 54 5.41 -12.82 7.27
CA SER A 54 6.59 -11.99 7.04
C SER A 54 6.21 -10.65 6.42
N ARG A 55 5.24 -10.67 5.51
CA ARG A 55 4.80 -9.45 4.85
C ARG A 55 3.69 -8.74 5.63
N LEU A 56 3.46 -9.18 6.87
CA LEU A 56 2.43 -8.58 7.71
C LEU A 56 2.58 -7.06 7.81
N PRO A 57 3.81 -6.57 8.04
CA PRO A 57 4.07 -5.12 8.16
C PRO A 57 3.37 -4.28 7.10
N LEU A 58 3.05 -4.88 5.95
CA LEU A 58 2.38 -4.15 4.88
C LEU A 58 1.07 -3.53 5.36
N PHE A 59 0.23 -4.34 6.02
CA PHE A 59 -1.05 -3.87 6.52
C PHE A 59 -0.88 -2.65 7.42
N ASP A 60 0.02 -2.75 8.39
CA ASP A 60 0.26 -1.65 9.32
C ASP A 60 1.05 -0.55 8.63
N ALA A 61 1.85 -0.94 7.65
CA ALA A 61 2.67 0.01 6.90
C ALA A 61 1.79 0.94 6.06
N ILE A 62 0.81 0.37 5.37
CA ILE A 62 -0.09 1.12 4.51
C ILE A 62 -1.11 1.94 5.30
N ARG A 63 -1.57 1.39 6.42
CA ARG A 63 -2.57 2.07 7.25
C ARG A 63 -2.27 3.56 7.43
N PRO A 64 -1.06 3.93 7.88
CA PRO A 64 -0.69 5.33 8.09
C PRO A 64 -1.19 6.27 7.00
N LEU A 65 -0.88 5.95 5.74
CA LEU A 65 -1.32 6.77 4.62
C LEU A 65 -2.81 6.58 4.35
N ILE A 66 -3.33 5.43 4.74
CA ILE A 66 -4.74 5.11 4.54
C ILE A 66 -5.64 6.00 5.40
N PRO A 67 -6.64 6.66 4.79
CA PRO A 67 -7.57 7.54 5.51
C PRO A 67 -8.08 6.94 6.79
N LEU A 68 -8.19 7.80 7.78
CA LEU A 68 -8.65 7.45 9.09
C LEU A 68 -9.97 6.67 9.02
N LYS A 69 -10.88 7.13 8.18
CA LYS A 69 -12.16 6.46 8.01
C LYS A 69 -11.96 5.14 7.27
N HIS A 70 -11.11 5.18 6.25
CA HIS A 70 -10.80 3.99 5.47
C HIS A 70 -10.10 2.95 6.35
N GLN A 71 -9.39 3.43 7.36
CA GLN A 71 -8.68 2.53 8.28
C GLN A 71 -9.68 1.65 9.01
N VAL A 72 -10.76 2.25 9.48
CA VAL A 72 -11.80 1.50 10.17
C VAL A 72 -12.40 0.47 9.24
N GLU A 73 -12.87 0.92 8.08
CA GLU A 73 -13.44 0.01 7.08
C GLU A 73 -12.40 -1.03 6.69
N TYR A 74 -11.14 -0.60 6.67
CA TYR A 74 -10.05 -1.51 6.36
C TYR A 74 -10.04 -2.64 7.37
N ASP A 75 -10.42 -2.31 8.60
CA ASP A 75 -10.49 -3.29 9.67
C ASP A 75 -11.68 -4.22 9.46
N GLN A 76 -12.82 -3.65 9.08
CA GLN A 76 -14.03 -4.42 8.84
C GLN A 76 -13.88 -5.36 7.65
N LEU A 77 -13.01 -4.98 6.71
CA LEU A 77 -12.79 -5.78 5.51
C LEU A 77 -11.70 -6.84 5.72
N THR A 78 -10.78 -6.56 6.63
CA THR A 78 -9.68 -7.49 6.91
C THR A 78 -10.21 -8.92 7.11
N PRO A 79 -11.14 -9.10 8.05
CA PRO A 79 -11.73 -10.41 8.34
C PRO A 79 -12.80 -10.81 7.33
N ARG A 80 -13.43 -11.94 7.58
CA ARG A 80 -14.47 -12.45 6.69
C ARG A 80 -15.71 -12.86 7.48
N ASP B 1 -8.12 16.83 -0.85
CA ASP B 1 -7.26 16.78 0.33
C ASP B 1 -7.37 15.44 1.03
N ASP B 2 -7.51 14.37 0.24
CA ASP B 2 -7.63 13.03 0.80
C ASP B 2 -6.64 12.07 0.13
N ASP B 3 -6.08 11.16 0.91
CA ASP B 3 -5.11 10.20 0.40
C ASP B 3 -3.89 10.90 -0.16
N ARG B 4 -3.40 11.91 0.56
CA ARG B 4 -2.23 12.66 0.13
C ARG B 4 -1.01 11.77 0.06
N TYR B 5 -0.78 10.99 1.12
CA TYR B 5 0.36 10.09 1.19
C TYR B 5 0.32 9.07 0.04
N LEU B 6 -0.88 8.63 -0.30
CA LEU B 6 -1.06 7.66 -1.38
C LEU B 6 -0.46 8.18 -2.68
N ARG B 7 -0.86 9.40 -3.06
CA ARG B 7 -0.35 10.01 -4.28
C ARG B 7 1.17 10.17 -4.22
N GLU B 8 1.68 10.38 -3.02
CA GLU B 8 3.13 10.55 -2.83
C GLU B 8 3.88 9.32 -3.30
N ALA B 9 3.56 8.17 -2.73
CA ALA B 9 4.21 6.91 -3.10
C ALA B 9 3.76 6.47 -4.49
N ILE B 10 2.47 6.58 -4.75
CA ILE B 10 1.90 6.18 -6.03
C ILE B 10 2.59 6.94 -7.17
N GLN B 11 2.59 8.26 -7.08
CA GLN B 11 3.22 9.09 -8.09
C GLN B 11 4.72 8.81 -8.16
N GLU B 12 5.32 8.51 -7.02
CA GLU B 12 6.74 8.20 -6.96
C GLU B 12 7.06 7.10 -7.95
N TYR B 13 6.23 6.06 -7.95
CA TYR B 13 6.41 4.95 -8.87
C TYR B 13 6.11 5.40 -10.29
N ASP B 14 5.15 6.33 -10.42
CA ASP B 14 4.79 6.86 -11.73
C ASP B 14 6.01 7.52 -12.37
N ASN B 15 6.89 8.06 -11.52
CA ASN B 15 8.10 8.71 -11.99
C ASN B 15 9.19 7.69 -12.28
N ILE B 16 9.22 6.62 -11.49
CA ILE B 16 10.22 5.57 -11.68
C ILE B 16 10.02 4.87 -13.01
N ALA B 17 8.77 4.75 -13.43
CA ALA B 17 8.45 4.10 -14.70
C ALA B 17 8.38 5.12 -15.83
N LYS B 18 9.39 5.99 -15.92
CA LYS B 18 9.44 7.00 -16.96
C LYS B 18 10.85 7.12 -17.53
N MET A 1 8.87 17.82 5.61
CA MET A 1 8.99 17.32 4.21
C MET A 1 7.98 16.20 3.94
N ASP A 2 7.92 15.76 2.68
CA ASP A 2 7.02 14.69 2.29
C ASP A 2 7.61 13.86 1.17
N ARG A 3 8.93 13.74 1.16
CA ARG A 3 9.63 12.96 0.14
C ARG A 3 10.16 11.65 0.71
N LYS A 4 10.51 11.68 2.00
CA LYS A 4 11.03 10.49 2.66
C LYS A 4 9.94 9.45 2.86
N VAL A 5 8.71 9.90 3.05
CA VAL A 5 7.58 8.99 3.25
C VAL A 5 7.53 7.98 2.11
N ALA A 6 7.91 8.42 0.92
CA ALA A 6 7.92 7.53 -0.25
C ALA A 6 9.09 6.55 -0.15
N ARG A 7 10.23 7.04 0.34
CA ARG A 7 11.41 6.21 0.48
C ARG A 7 11.21 5.14 1.55
N GLU A 8 10.55 5.53 2.64
CA GLU A 8 10.28 4.61 3.73
C GLU A 8 9.24 3.58 3.31
N PHE A 9 8.14 4.07 2.75
CA PHE A 9 7.07 3.19 2.29
C PHE A 9 7.59 2.26 1.20
N ARG A 10 8.41 2.82 0.32
CA ARG A 10 9.00 2.05 -0.78
C ARG A 10 10.02 1.05 -0.25
N HIS A 11 10.94 1.53 0.58
CA HIS A 11 11.96 0.66 1.16
C HIS A 11 11.32 -0.46 1.97
N LYS A 12 10.28 -0.12 2.73
CA LYS A 12 9.58 -1.10 3.53
C LYS A 12 9.02 -2.21 2.65
N VAL A 13 8.38 -1.81 1.55
CA VAL A 13 7.81 -2.77 0.61
C VAL A 13 8.85 -3.79 0.17
N ASP A 14 10.00 -3.29 -0.28
CA ASP A 14 11.07 -4.17 -0.73
C ASP A 14 11.75 -4.87 0.45
N PHE A 15 11.54 -4.35 1.66
CA PHE A 15 12.12 -4.92 2.86
C PHE A 15 11.46 -6.27 3.15
N LEU A 16 10.16 -6.33 2.90
CA LEU A 16 9.39 -7.55 3.14
C LEU A 16 9.31 -8.40 1.87
N ILE A 17 8.92 -7.76 0.78
CA ILE A 17 8.80 -8.45 -0.50
C ILE A 17 10.17 -8.91 -0.99
N GLU A 18 11.11 -7.97 -1.05
CA GLU A 18 12.46 -8.26 -1.50
C GLU A 18 12.47 -8.86 -2.91
N ASN A 19 11.29 -8.95 -3.49
CA ASN A 19 11.11 -9.50 -4.82
C ASN A 19 10.82 -8.39 -5.83
N ASP A 20 10.34 -8.77 -7.01
CA ASP A 20 10.02 -7.81 -8.06
C ASP A 20 8.57 -7.96 -8.52
N ALA A 21 8.19 -9.19 -8.86
CA ALA A 21 6.84 -9.47 -9.30
C ALA A 21 5.82 -9.09 -8.25
N GLU A 22 6.17 -9.29 -6.99
CA GLU A 22 5.29 -8.97 -5.87
C GLU A 22 5.14 -7.46 -5.73
N LYS A 23 6.26 -6.74 -5.78
CA LYS A 23 6.24 -5.28 -5.67
C LYS A 23 5.49 -4.69 -6.86
N ASP A 24 5.62 -5.32 -8.02
CA ASP A 24 4.93 -4.86 -9.21
C ASP A 24 3.43 -4.90 -9.00
N TYR A 25 2.95 -6.03 -8.49
CA TYR A 25 1.52 -6.19 -8.21
C TYR A 25 1.07 -5.27 -7.10
N LEU A 26 1.82 -5.25 -6.00
CA LEU A 26 1.47 -4.37 -4.89
C LEU A 26 1.42 -2.95 -5.39
N TYR A 27 2.40 -2.60 -6.22
CA TYR A 27 2.43 -1.27 -6.82
C TYR A 27 1.17 -1.11 -7.66
N ASP A 28 0.72 -2.20 -8.28
CA ASP A 28 -0.48 -2.17 -9.09
C ASP A 28 -1.72 -2.06 -8.20
N VAL A 29 -1.66 -2.63 -7.00
CA VAL A 29 -2.78 -2.58 -6.07
C VAL A 29 -3.05 -1.14 -5.64
N LEU A 30 -2.03 -0.47 -5.14
CA LEU A 30 -2.16 0.91 -4.69
C LEU A 30 -2.48 1.82 -5.88
N ARG A 31 -1.95 1.45 -7.05
CA ARG A 31 -2.19 2.23 -8.27
C ARG A 31 -3.64 2.09 -8.72
N MET A 32 -4.18 0.87 -8.58
CA MET A 32 -5.55 0.61 -8.97
C MET A 32 -6.50 1.17 -7.92
N TYR A 33 -6.10 1.07 -6.66
CA TYR A 33 -6.91 1.58 -5.56
C TYR A 33 -7.06 3.11 -5.66
N HIS A 34 -6.02 3.75 -6.18
CA HIS A 34 -6.03 5.20 -6.33
C HIS A 34 -7.12 5.64 -7.31
N GLN A 35 -7.28 4.88 -8.39
CA GLN A 35 -8.28 5.19 -9.40
C GLN A 35 -9.68 4.77 -8.94
N THR A 36 -9.85 3.48 -8.72
CA THR A 36 -11.14 2.93 -8.29
C THR A 36 -11.53 3.42 -6.90
N MET A 37 -10.52 3.72 -6.08
CA MET A 37 -10.77 4.20 -4.71
C MET A 37 -11.52 3.14 -3.92
N ASP A 38 -11.25 1.87 -4.22
CA ASP A 38 -11.91 0.76 -3.53
C ASP A 38 -10.97 0.13 -2.51
N VAL A 39 -11.30 0.31 -1.23
CA VAL A 39 -10.48 -0.25 -0.15
C VAL A 39 -10.66 -1.75 -0.04
N ALA A 40 -11.80 -2.25 -0.50
CA ALA A 40 -12.08 -3.67 -0.47
C ALA A 40 -11.25 -4.42 -1.49
N VAL A 41 -10.84 -3.71 -2.54
CA VAL A 41 -10.03 -4.31 -3.59
C VAL A 41 -8.58 -4.41 -3.15
N LEU A 42 -8.03 -3.32 -2.64
CA LEU A 42 -6.64 -3.30 -2.19
C LEU A 42 -6.43 -4.31 -1.07
N VAL A 43 -7.41 -4.42 -0.18
CA VAL A 43 -7.33 -5.35 0.93
C VAL A 43 -7.22 -6.79 0.42
N GLY A 44 -7.99 -7.10 -0.62
CA GLY A 44 -7.96 -8.43 -1.19
C GLY A 44 -6.60 -8.77 -1.76
N ASP A 45 -6.08 -7.89 -2.61
CA ASP A 45 -4.76 -8.11 -3.22
C ASP A 45 -3.68 -8.21 -2.16
N LEU A 46 -3.68 -7.25 -1.24
CA LEU A 46 -2.69 -7.23 -0.16
C LEU A 46 -2.62 -8.59 0.53
N LYS A 47 -3.78 -9.19 0.77
CA LYS A 47 -3.84 -10.49 1.43
C LYS A 47 -3.19 -11.56 0.53
N LEU A 48 -3.60 -11.60 -0.73
CA LEU A 48 -3.06 -12.56 -1.68
C LEU A 48 -1.53 -12.52 -1.71
N VAL A 49 -0.97 -11.36 -1.37
CA VAL A 49 0.48 -11.19 -1.36
C VAL A 49 1.03 -11.30 0.06
N ILE A 50 0.19 -10.97 1.04
CA ILE A 50 0.58 -11.01 2.44
C ILE A 50 -0.13 -12.15 3.17
N ASN A 51 -0.49 -13.18 2.42
CA ASN A 51 -1.19 -14.33 2.99
C ASN A 51 -0.45 -14.86 4.22
N GLU A 52 0.86 -14.61 4.28
CA GLU A 52 1.68 -15.05 5.41
C GLU A 52 1.85 -13.94 6.43
N PRO A 53 2.11 -14.29 7.70
CA PRO A 53 2.29 -13.32 8.77
C PRO A 53 3.57 -12.50 8.62
N SER A 54 4.53 -13.04 7.88
CA SER A 54 5.80 -12.36 7.67
C SER A 54 5.60 -11.01 6.98
N ARG A 55 4.64 -10.96 6.07
CA ARG A 55 4.35 -9.73 5.33
C ARG A 55 3.34 -8.86 6.08
N LEU A 56 3.05 -9.21 7.33
CA LEU A 56 2.09 -8.46 8.15
C LEU A 56 2.31 -6.95 8.04
N PRO A 57 3.53 -6.46 8.35
CA PRO A 57 3.86 -5.03 8.30
C PRO A 57 3.21 -4.30 7.12
N LEU A 58 3.01 -5.01 6.02
CA LEU A 58 2.40 -4.42 4.83
C LEU A 58 1.04 -3.82 5.15
N PHE A 59 0.32 -4.42 6.09
CA PHE A 59 -1.00 -3.92 6.47
C PHE A 59 -0.88 -2.63 7.27
N ASP A 60 -0.04 -2.65 8.29
CA ASP A 60 0.18 -1.48 9.13
C ASP A 60 0.99 -0.43 8.40
N ALA A 61 1.74 -0.86 7.39
CA ALA A 61 2.57 0.03 6.60
C ALA A 61 1.73 0.98 5.76
N ILE A 62 0.78 0.42 5.02
CA ILE A 62 -0.10 1.19 4.14
C ILE A 62 -1.17 1.96 4.91
N ARG A 63 -1.67 1.37 5.99
CA ARG A 63 -2.73 1.99 6.79
C ARG A 63 -2.50 3.49 7.03
N PRO A 64 -1.31 3.88 7.51
CA PRO A 64 -0.98 5.29 7.79
C PRO A 64 -1.49 6.26 6.72
N LEU A 65 -1.14 6.01 5.46
CA LEU A 65 -1.58 6.87 4.38
C LEU A 65 -3.06 6.63 4.06
N ILE A 66 -3.53 5.43 4.36
CA ILE A 66 -4.93 5.07 4.12
C ILE A 66 -5.86 5.91 5.00
N PRO A 67 -6.95 6.45 4.40
CA PRO A 67 -7.92 7.28 5.14
C PRO A 67 -8.31 6.69 6.48
N LEU A 68 -8.39 7.58 7.43
CA LEU A 68 -8.75 7.25 8.79
C LEU A 68 -10.01 6.40 8.84
N LYS A 69 -10.96 6.69 7.97
CA LYS A 69 -12.21 5.94 7.92
C LYS A 69 -11.94 4.57 7.29
N HIS A 70 -11.18 4.58 6.20
CA HIS A 70 -10.84 3.35 5.51
C HIS A 70 -9.96 2.46 6.40
N GLN A 71 -9.27 3.08 7.34
CA GLN A 71 -8.41 2.36 8.26
C GLN A 71 -9.24 1.39 9.10
N VAL A 72 -10.32 1.92 9.68
CA VAL A 72 -11.21 1.10 10.50
C VAL A 72 -11.84 0.00 9.65
N GLU A 73 -12.46 0.40 8.54
CA GLU A 73 -13.07 -0.56 7.64
C GLU A 73 -12.03 -1.56 7.16
N TYR A 74 -10.81 -1.08 6.97
CA TYR A 74 -9.70 -1.93 6.55
C TYR A 74 -9.50 -3.01 7.61
N ASP A 75 -9.74 -2.62 8.86
CA ASP A 75 -9.61 -3.55 9.98
C ASP A 75 -10.76 -4.55 9.98
N GLN A 76 -11.93 -4.09 9.57
CA GLN A 76 -13.12 -4.94 9.52
C GLN A 76 -12.95 -6.05 8.48
N LEU A 77 -12.27 -5.72 7.39
CA LEU A 77 -12.04 -6.68 6.31
C LEU A 77 -10.94 -7.67 6.70
N THR A 78 -9.90 -7.17 7.35
CA THR A 78 -8.79 -8.01 7.78
C THR A 78 -9.23 -8.99 8.87
N PRO A 79 -8.73 -10.23 8.84
CA PRO A 79 -9.08 -11.25 9.83
C PRO A 79 -8.40 -11.01 11.17
N ARG A 80 -8.94 -11.62 12.22
CA ARG A 80 -8.38 -11.47 13.56
C ARG A 80 -7.48 -12.65 13.92
N ASP B 1 -6.85 13.36 7.18
CA ASP B 1 -6.10 12.17 6.78
C ASP B 1 -6.62 11.62 5.45
N ASP B 2 -6.80 12.52 4.48
CA ASP B 2 -7.28 12.12 3.17
C ASP B 2 -6.30 11.19 2.47
N ASP B 3 -6.44 11.03 1.16
CA ASP B 3 -5.56 10.16 0.39
C ASP B 3 -4.44 10.97 -0.26
N ARG B 4 -4.02 12.04 0.42
CA ARG B 4 -2.95 12.89 -0.10
C ARG B 4 -1.62 12.14 -0.11
N TYR B 5 -1.39 11.32 0.91
CA TYR B 5 -0.15 10.55 1.01
C TYR B 5 -0.09 9.48 -0.08
N LEU B 6 -1.26 8.97 -0.47
CA LEU B 6 -1.33 7.94 -1.50
C LEU B 6 -0.69 8.43 -2.79
N ARG B 7 -1.12 9.60 -3.26
CA ARG B 7 -0.58 10.17 -4.49
C ARG B 7 0.91 10.45 -4.36
N GLU B 8 1.34 10.78 -3.15
CA GLU B 8 2.74 11.08 -2.90
C GLU B 8 3.62 9.89 -3.26
N ALA B 9 3.35 8.75 -2.64
CA ALA B 9 4.11 7.53 -2.91
C ALA B 9 3.78 6.98 -4.29
N ILE B 10 2.50 7.01 -4.64
CA ILE B 10 2.05 6.51 -5.94
C ILE B 10 2.77 7.22 -7.08
N GLN B 11 2.70 8.54 -7.10
CA GLN B 11 3.35 9.32 -8.15
C GLN B 11 4.86 9.14 -8.10
N GLU B 12 5.41 9.05 -6.89
CA GLU B 12 6.84 8.85 -6.73
C GLU B 12 7.31 7.67 -7.56
N TYR B 13 6.53 6.60 -7.50
CA TYR B 13 6.84 5.41 -8.28
C TYR B 13 6.61 5.67 -9.75
N ASP B 14 5.62 6.50 -10.05
CA ASP B 14 5.32 6.85 -11.43
C ASP B 14 6.52 7.53 -12.07
N ASN B 15 7.28 8.24 -11.23
CA ASN B 15 8.49 8.93 -11.70
C ASN B 15 9.67 7.95 -11.78
N ILE B 16 9.70 6.99 -10.87
CA ILE B 16 10.78 6.01 -10.84
C ILE B 16 10.67 5.03 -12.01
N ALA B 17 9.50 4.40 -12.11
CA ALA B 17 9.25 3.43 -13.17
C ALA B 17 8.37 4.04 -14.26
N LYS B 18 8.89 5.06 -14.95
CA LYS B 18 8.15 5.72 -16.02
C LYS B 18 7.94 4.78 -17.20
N MET A 1 5.75 18.66 2.94
CA MET A 1 7.10 18.05 2.83
C MET A 1 7.09 16.60 3.29
N ASP A 2 7.02 15.68 2.34
CA ASP A 2 6.99 14.25 2.65
C ASP A 2 7.64 13.44 1.53
N ARG A 3 8.95 13.58 1.40
CA ARG A 3 9.70 12.86 0.37
C ARG A 3 10.21 11.53 0.91
N LYS A 4 10.49 11.48 2.20
CA LYS A 4 10.99 10.26 2.83
C LYS A 4 9.88 9.21 2.93
N VAL A 5 8.65 9.66 3.08
CA VAL A 5 7.52 8.74 3.17
C VAL A 5 7.53 7.77 2.00
N ALA A 6 7.99 8.25 0.85
CA ALA A 6 8.07 7.43 -0.35
C ALA A 6 9.21 6.43 -0.23
N ARG A 7 10.34 6.88 0.31
CA ARG A 7 11.52 6.03 0.49
C ARG A 7 11.27 4.95 1.52
N GLU A 8 10.61 5.31 2.62
CA GLU A 8 10.32 4.37 3.69
C GLU A 8 9.23 3.39 3.25
N PHE A 9 8.21 3.90 2.59
CA PHE A 9 7.11 3.06 2.12
C PHE A 9 7.62 2.08 1.07
N ARG A 10 8.44 2.59 0.15
CA ARG A 10 9.01 1.75 -0.90
C ARG A 10 10.07 0.82 -0.35
N HIS A 11 10.96 1.37 0.48
CA HIS A 11 12.02 0.57 1.08
C HIS A 11 11.44 -0.50 2.00
N LYS A 12 10.40 -0.14 2.74
CA LYS A 12 9.75 -1.07 3.65
C LYS A 12 9.20 -2.27 2.88
N VAL A 13 8.37 -1.99 1.88
CA VAL A 13 7.79 -3.04 1.06
C VAL A 13 8.87 -3.96 0.51
N ASP A 14 9.99 -3.37 0.12
CA ASP A 14 11.11 -4.14 -0.41
C ASP A 14 11.81 -4.91 0.71
N PHE A 15 11.72 -4.41 1.93
CA PHE A 15 12.34 -5.06 3.08
C PHE A 15 11.64 -6.37 3.40
N LEU A 16 10.33 -6.39 3.16
CA LEU A 16 9.53 -7.57 3.44
C LEU A 16 9.51 -8.52 2.24
N ILE A 17 9.21 -7.98 1.07
CA ILE A 17 9.16 -8.77 -0.16
C ILE A 17 10.52 -8.86 -0.81
N GLU A 18 11.08 -7.71 -1.16
CA GLU A 18 12.36 -7.65 -1.82
C GLU A 18 12.27 -8.27 -3.21
N ASN A 19 11.08 -8.67 -3.57
CA ASN A 19 10.83 -9.28 -4.87
C ASN A 19 10.36 -8.23 -5.88
N ASP A 20 10.34 -8.62 -7.15
CA ASP A 20 9.92 -7.71 -8.21
C ASP A 20 8.46 -7.95 -8.59
N ALA A 21 8.16 -9.17 -9.03
CA ALA A 21 6.80 -9.52 -9.43
C ALA A 21 5.79 -9.19 -8.33
N GLU A 22 6.19 -9.43 -7.10
CA GLU A 22 5.32 -9.15 -5.95
C GLU A 22 5.15 -7.66 -5.77
N LYS A 23 6.27 -6.92 -5.82
CA LYS A 23 6.24 -5.47 -5.66
C LYS A 23 5.49 -4.85 -6.82
N ASP A 24 5.61 -5.46 -7.99
CA ASP A 24 4.92 -4.95 -9.17
C ASP A 24 3.42 -5.00 -8.95
N TYR A 25 2.94 -6.13 -8.44
CA TYR A 25 1.52 -6.31 -8.17
C TYR A 25 1.07 -5.41 -7.04
N LEU A 26 1.81 -5.40 -5.94
CA LEU A 26 1.47 -4.54 -4.82
C LEU A 26 1.43 -3.11 -5.30
N TYR A 27 2.41 -2.75 -6.12
CA TYR A 27 2.44 -1.42 -6.70
C TYR A 27 1.19 -1.23 -7.54
N ASP A 28 0.72 -2.33 -8.15
CA ASP A 28 -0.48 -2.29 -8.97
C ASP A 28 -1.71 -2.15 -8.09
N VAL A 29 -1.66 -2.74 -6.89
CA VAL A 29 -2.78 -2.67 -5.97
C VAL A 29 -3.04 -1.22 -5.54
N LEU A 30 -2.01 -0.56 -5.05
CA LEU A 30 -2.12 0.83 -4.63
C LEU A 30 -2.54 1.71 -5.79
N ARG A 31 -1.95 1.43 -6.96
CA ARG A 31 -2.26 2.19 -8.16
C ARG A 31 -3.73 2.03 -8.54
N MET A 32 -4.23 0.82 -8.38
CA MET A 32 -5.63 0.53 -8.70
C MET A 32 -6.53 1.06 -7.60
N TYR A 33 -6.03 1.04 -6.37
CA TYR A 33 -6.78 1.52 -5.22
C TYR A 33 -6.99 3.03 -5.32
N HIS A 34 -6.08 3.71 -6.01
CA HIS A 34 -6.18 5.16 -6.17
C HIS A 34 -7.17 5.53 -7.27
N GLN A 35 -7.28 4.67 -8.27
CA GLN A 35 -8.20 4.91 -9.38
C GLN A 35 -9.63 4.59 -9.01
N THR A 36 -9.88 3.33 -8.68
CA THR A 36 -11.23 2.88 -8.32
C THR A 36 -11.60 3.32 -6.91
N MET A 37 -10.61 3.58 -6.08
CA MET A 37 -10.85 4.01 -4.70
C MET A 37 -11.58 2.91 -3.92
N ASP A 38 -11.20 1.66 -4.18
CA ASP A 38 -11.81 0.52 -3.52
C ASP A 38 -10.87 -0.06 -2.46
N VAL A 39 -11.25 0.09 -1.19
CA VAL A 39 -10.43 -0.42 -0.09
C VAL A 39 -10.59 -1.94 0.05
N ALA A 40 -11.71 -2.46 -0.43
CA ALA A 40 -11.97 -3.89 -0.36
C ALA A 40 -11.12 -4.63 -1.38
N VAL A 41 -10.77 -3.95 -2.47
CA VAL A 41 -9.97 -4.54 -3.51
C VAL A 41 -8.50 -4.57 -3.12
N LEU A 42 -8.03 -3.47 -2.52
CA LEU A 42 -6.64 -3.37 -2.11
C LEU A 42 -6.35 -4.38 -0.99
N VAL A 43 -7.30 -4.54 -0.08
CA VAL A 43 -7.14 -5.48 1.03
C VAL A 43 -7.06 -6.91 0.50
N GLY A 44 -7.92 -7.24 -0.46
CA GLY A 44 -7.91 -8.58 -1.03
C GLY A 44 -6.57 -8.93 -1.63
N ASP A 45 -6.06 -8.07 -2.49
CA ASP A 45 -4.76 -8.29 -3.13
C ASP A 45 -3.66 -8.37 -2.08
N LEU A 46 -3.70 -7.44 -1.12
CA LEU A 46 -2.71 -7.41 -0.05
C LEU A 46 -2.56 -8.78 0.59
N LYS A 47 -3.69 -9.47 0.78
CA LYS A 47 -3.69 -10.80 1.38
C LYS A 47 -3.02 -11.80 0.45
N LEU A 48 -3.45 -11.81 -0.81
CA LEU A 48 -2.90 -12.72 -1.80
C LEU A 48 -1.38 -12.63 -1.83
N VAL A 49 -0.85 -11.47 -1.43
CA VAL A 49 0.58 -11.25 -1.40
C VAL A 49 1.11 -11.40 0.02
N ILE A 50 0.24 -11.11 1.00
CA ILE A 50 0.60 -11.22 2.40
C ILE A 50 0.02 -12.46 3.05
N ASN A 51 -0.25 -13.47 2.23
CA ASN A 51 -0.81 -14.73 2.71
C ASN A 51 -0.02 -15.25 3.90
N GLU A 52 1.26 -14.89 3.97
CA GLU A 52 2.12 -15.33 5.06
C GLU A 52 2.28 -14.21 6.09
N PRO A 53 2.38 -14.57 7.39
CA PRO A 53 2.54 -13.59 8.48
C PRO A 53 3.77 -12.71 8.28
N SER A 54 4.76 -13.22 7.57
CA SER A 54 6.00 -12.48 7.33
C SER A 54 5.72 -11.13 6.67
N ARG A 55 4.76 -11.11 5.76
CA ARG A 55 4.41 -9.87 5.06
C ARG A 55 3.36 -9.07 5.82
N LEU A 56 3.14 -9.41 7.09
CA LEU A 56 2.16 -8.72 7.92
C LEU A 56 2.36 -7.20 7.90
N PRO A 57 3.58 -6.73 8.22
CA PRO A 57 3.92 -5.30 8.26
C PRO A 57 3.21 -4.47 7.18
N LEU A 58 2.96 -5.09 6.03
CA LEU A 58 2.29 -4.40 4.92
C LEU A 58 0.97 -3.77 5.38
N PHE A 59 0.20 -4.53 6.15
CA PHE A 59 -1.08 -4.04 6.64
C PHE A 59 -0.93 -2.79 7.49
N ASP A 60 -0.02 -2.84 8.47
CA ASP A 60 0.22 -1.71 9.35
C ASP A 60 1.02 -0.63 8.63
N ALA A 61 1.80 -1.04 7.65
CA ALA A 61 2.62 -0.12 6.87
C ALA A 61 1.76 0.82 6.02
N ILE A 62 0.80 0.23 5.31
CA ILE A 62 -0.08 0.99 4.43
C ILE A 62 -1.14 1.78 5.22
N ARG A 63 -1.59 1.19 6.32
CA ARG A 63 -2.62 1.80 7.16
C ARG A 63 -2.40 3.31 7.39
N PRO A 64 -1.20 3.72 7.85
CA PRO A 64 -0.91 5.13 8.12
C PRO A 64 -1.24 6.04 6.94
N LEU A 65 -0.71 5.72 5.76
CA LEU A 65 -0.96 6.53 4.58
C LEU A 65 -2.38 6.33 4.06
N ILE A 66 -3.09 5.34 4.62
CA ILE A 66 -4.46 5.06 4.21
C ILE A 66 -5.44 5.97 4.95
N PRO A 67 -6.40 6.57 4.21
CA PRO A 67 -7.42 7.45 4.80
C PRO A 67 -8.00 6.89 6.07
N LEU A 68 -8.17 7.79 7.02
CA LEU A 68 -8.71 7.48 8.31
C LEU A 68 -10.02 6.69 8.20
N LYS A 69 -10.91 7.14 7.31
CA LYS A 69 -12.19 6.46 7.11
C LYS A 69 -11.94 5.04 6.61
N HIS A 70 -11.22 4.93 5.50
CA HIS A 70 -10.91 3.64 4.92
C HIS A 70 -10.07 2.80 5.89
N GLN A 71 -9.38 3.48 6.80
CA GLN A 71 -8.55 2.79 7.78
C GLN A 71 -9.43 1.91 8.67
N VAL A 72 -10.50 2.50 9.20
CA VAL A 72 -11.42 1.77 10.05
C VAL A 72 -12.06 0.64 9.27
N GLU A 73 -12.66 0.97 8.12
CA GLU A 73 -13.28 -0.03 7.27
C GLU A 73 -12.26 -1.08 6.87
N TYR A 74 -11.03 -0.63 6.67
CA TYR A 74 -9.95 -1.54 6.33
C TYR A 74 -9.77 -2.55 7.45
N ASP A 75 -10.02 -2.09 8.67
CA ASP A 75 -9.92 -2.95 9.85
C ASP A 75 -11.09 -3.93 9.89
N GLN A 76 -12.25 -3.47 9.41
CA GLN A 76 -13.44 -4.31 9.39
C GLN A 76 -13.27 -5.50 8.45
N LEU A 77 -12.54 -5.28 7.37
CA LEU A 77 -12.27 -6.34 6.39
C LEU A 77 -11.13 -7.23 6.85
N THR A 78 -10.17 -6.64 7.55
CA THR A 78 -9.01 -7.39 8.05
C THR A 78 -9.21 -7.76 9.51
N PRO A 79 -9.63 -9.01 9.79
CA PRO A 79 -9.85 -9.48 11.17
C PRO A 79 -8.55 -9.60 11.95
N ARG A 80 -8.60 -9.21 13.22
CA ARG A 80 -7.43 -9.27 14.09
C ARG A 80 -7.83 -9.20 15.55
N ASP B 1 -8.29 16.76 4.29
CA ASP B 1 -6.97 16.60 3.68
C ASP B 1 -6.81 15.20 3.10
N ASP B 2 -7.52 14.94 2.01
CA ASP B 2 -7.45 13.64 1.34
C ASP B 2 -6.67 13.74 0.04
N ASP B 3 -6.26 12.58 -0.48
CA ASP B 3 -5.51 12.53 -1.73
C ASP B 3 -4.18 13.30 -1.59
N ARG B 4 -3.36 12.86 -0.64
CA ARG B 4 -2.07 13.50 -0.41
C ARG B 4 -0.99 12.45 -0.14
N TYR B 5 -1.28 11.52 0.77
CA TYR B 5 -0.33 10.47 1.11
C TYR B 5 -0.23 9.44 -0.01
N LEU B 6 -1.38 8.91 -0.41
CA LEU B 6 -1.43 7.92 -1.49
C LEU B 6 -0.79 8.45 -2.77
N ARG B 7 -1.23 9.63 -3.19
CA ARG B 7 -0.71 10.25 -4.39
C ARG B 7 0.78 10.55 -4.26
N GLU B 8 1.21 10.84 -3.04
CA GLU B 8 2.62 11.13 -2.78
C GLU B 8 3.51 9.96 -3.17
N ALA B 9 3.24 8.80 -2.56
CA ALA B 9 4.01 7.60 -2.85
C ALA B 9 3.67 7.04 -4.23
N ILE B 10 2.38 7.02 -4.54
CA ILE B 10 1.91 6.52 -5.83
C ILE B 10 2.52 7.30 -6.99
N GLN B 11 2.34 8.62 -6.97
CA GLN B 11 2.88 9.48 -8.01
C GLN B 11 4.40 9.45 -8.00
N GLU B 12 4.98 9.32 -6.81
CA GLU B 12 6.43 9.28 -6.69
C GLU B 12 6.98 8.13 -7.53
N TYR B 13 6.27 7.02 -7.51
CA TYR B 13 6.67 5.86 -8.30
C TYR B 13 6.41 6.13 -9.78
N ASP B 14 5.35 6.87 -10.06
CA ASP B 14 5.00 7.21 -11.43
C ASP B 14 6.16 7.99 -12.07
N ASN B 15 6.86 8.76 -11.24
CA ASN B 15 7.99 9.55 -11.70
C ASN B 15 9.26 8.70 -11.78
N ILE B 16 9.38 7.74 -10.86
CA ILE B 16 10.54 6.86 -10.83
C ILE B 16 10.37 5.70 -11.82
N ALA B 17 9.44 4.82 -11.50
CA ALA B 17 9.15 3.66 -12.36
C ALA B 17 10.41 2.84 -12.62
N LYS B 18 11.31 2.79 -11.63
CA LYS B 18 12.54 2.03 -11.78
C LYS B 18 13.09 1.64 -10.41
N MET A 1 8.26 18.39 3.03
CA MET A 1 8.86 17.73 1.84
C MET A 1 8.14 16.43 1.50
N ASP A 2 7.50 16.41 0.34
CA ASP A 2 6.77 15.23 -0.09
C ASP A 2 7.66 14.31 -0.93
N ARG A 3 8.56 13.59 -0.26
CA ARG A 3 9.47 12.69 -0.95
C ARG A 3 9.82 11.50 -0.06
N LYS A 4 10.16 11.78 1.19
CA LYS A 4 10.52 10.74 2.13
C LYS A 4 9.39 9.74 2.31
N VAL A 5 8.15 10.22 2.24
CA VAL A 5 6.99 9.35 2.37
C VAL A 5 7.10 8.18 1.41
N ALA A 6 7.61 8.46 0.22
CA ALA A 6 7.79 7.42 -0.80
C ALA A 6 8.95 6.50 -0.45
N ARG A 7 10.00 7.08 0.14
CA ARG A 7 11.17 6.31 0.53
C ARG A 7 10.84 5.35 1.67
N GLU A 8 10.01 5.81 2.60
CA GLU A 8 9.62 4.99 3.73
C GLU A 8 8.66 3.89 3.29
N PHE A 9 7.63 4.27 2.54
CA PHE A 9 6.65 3.32 2.05
C PHE A 9 7.33 2.30 1.13
N ARG A 10 8.25 2.78 0.32
CA ARG A 10 8.97 1.92 -0.61
C ARG A 10 9.98 1.05 0.12
N HIS A 11 10.75 1.68 1.02
CA HIS A 11 11.75 0.95 1.79
C HIS A 11 11.10 -0.11 2.67
N LYS A 12 9.98 0.25 3.30
CA LYS A 12 9.27 -0.69 4.15
C LYS A 12 8.82 -1.90 3.35
N VAL A 13 8.07 -1.65 2.28
CA VAL A 13 7.59 -2.73 1.42
C VAL A 13 8.74 -3.61 0.96
N ASP A 14 9.88 -2.98 0.69
CA ASP A 14 11.06 -3.70 0.24
C ASP A 14 11.68 -4.50 1.38
N PHE A 15 11.49 -4.01 2.61
CA PHE A 15 12.02 -4.69 3.78
C PHE A 15 11.30 -6.00 4.04
N LEU A 16 10.02 -6.01 3.70
CA LEU A 16 9.18 -7.20 3.91
C LEU A 16 9.22 -8.10 2.67
N ILE A 17 9.13 -7.49 1.51
CA ILE A 17 9.15 -8.22 0.25
C ILE A 17 10.57 -8.32 -0.30
N GLU A 18 11.13 -7.18 -0.66
CA GLU A 18 12.49 -7.12 -1.20
C GLU A 18 12.55 -7.78 -2.57
N ASN A 19 11.40 -8.23 -3.00
CA ASN A 19 11.27 -8.89 -4.30
C ASN A 19 10.96 -7.88 -5.39
N ASP A 20 10.56 -8.38 -6.57
CA ASP A 20 10.25 -7.51 -7.69
C ASP A 20 8.82 -7.75 -8.17
N ALA A 21 8.51 -9.00 -8.50
CA ALA A 21 7.18 -9.36 -8.98
C ALA A 21 6.10 -8.91 -8.00
N GLU A 22 6.36 -9.11 -6.72
CA GLU A 22 5.41 -8.72 -5.68
C GLU A 22 5.24 -7.21 -5.64
N LYS A 23 6.35 -6.48 -5.72
CA LYS A 23 6.31 -5.03 -5.70
C LYS A 23 5.56 -4.51 -6.92
N ASP A 24 5.69 -5.22 -8.03
CA ASP A 24 5.00 -4.82 -9.25
C ASP A 24 3.49 -4.87 -9.03
N TYR A 25 3.00 -5.98 -8.50
CA TYR A 25 1.59 -6.15 -8.23
C TYR A 25 1.14 -5.21 -7.12
N LEU A 26 1.90 -5.15 -6.03
CA LEU A 26 1.56 -4.26 -4.94
C LEU A 26 1.48 -2.85 -5.47
N TYR A 27 2.42 -2.50 -6.33
CA TYR A 27 2.42 -1.19 -6.96
C TYR A 27 1.14 -1.05 -7.78
N ASP A 28 0.69 -2.17 -8.34
CA ASP A 28 -0.53 -2.19 -9.12
C ASP A 28 -1.74 -2.07 -8.21
N VAL A 29 -1.65 -2.61 -7.00
CA VAL A 29 -2.74 -2.55 -6.04
C VAL A 29 -3.02 -1.10 -5.64
N LEU A 30 -1.98 -0.42 -5.16
CA LEU A 30 -2.11 0.97 -4.75
C LEU A 30 -2.57 1.82 -5.93
N ARG A 31 -2.05 1.52 -7.11
CA ARG A 31 -2.42 2.24 -8.32
C ARG A 31 -3.92 2.17 -8.55
N MET A 32 -4.50 1.00 -8.28
CA MET A 32 -5.94 0.81 -8.45
C MET A 32 -6.69 1.53 -7.34
N TYR A 33 -6.20 1.38 -6.11
CA TYR A 33 -6.82 2.01 -4.95
C TYR A 33 -6.80 3.53 -5.09
N HIS A 34 -5.96 4.04 -5.97
CA HIS A 34 -5.85 5.49 -6.18
C HIS A 34 -6.90 5.98 -7.18
N GLN A 35 -7.11 5.20 -8.24
CA GLN A 35 -8.06 5.56 -9.29
C GLN A 35 -9.50 5.29 -8.86
N THR A 36 -9.81 4.03 -8.63
CA THR A 36 -11.17 3.62 -8.25
C THR A 36 -11.45 3.94 -6.79
N MET A 37 -10.42 3.96 -5.96
CA MET A 37 -10.59 4.25 -4.54
C MET A 37 -11.31 3.11 -3.83
N ASP A 38 -10.96 1.88 -4.18
CA ASP A 38 -11.58 0.71 -3.59
C ASP A 38 -10.67 0.08 -2.54
N VAL A 39 -11.08 0.15 -1.28
CA VAL A 39 -10.30 -0.41 -0.19
C VAL A 39 -10.52 -1.91 -0.05
N ALA A 40 -11.66 -2.39 -0.54
CA ALA A 40 -11.98 -3.81 -0.48
C ALA A 40 -11.14 -4.59 -1.48
N VAL A 41 -10.79 -3.93 -2.58
CA VAL A 41 -9.99 -4.56 -3.61
C VAL A 41 -8.51 -4.60 -3.22
N LEU A 42 -8.02 -3.49 -2.68
CA LEU A 42 -6.63 -3.41 -2.26
C LEU A 42 -6.34 -4.41 -1.15
N VAL A 43 -7.28 -4.54 -0.21
CA VAL A 43 -7.11 -5.48 0.90
C VAL A 43 -6.98 -6.90 0.37
N GLY A 44 -7.83 -7.24 -0.60
CA GLY A 44 -7.79 -8.57 -1.18
C GLY A 44 -6.44 -8.89 -1.80
N ASP A 45 -5.92 -7.94 -2.59
CA ASP A 45 -4.63 -8.12 -3.24
C ASP A 45 -3.52 -8.26 -2.20
N LEU A 46 -3.50 -7.36 -1.23
CA LEU A 46 -2.50 -7.39 -0.17
C LEU A 46 -2.44 -8.77 0.45
N LYS A 47 -3.59 -9.40 0.60
CA LYS A 47 -3.66 -10.74 1.18
C LYS A 47 -3.01 -11.76 0.23
N LEU A 48 -3.41 -11.71 -1.03
CA LEU A 48 -2.85 -12.62 -2.04
C LEU A 48 -1.33 -12.56 -2.01
N VAL A 49 -0.79 -11.43 -1.59
CA VAL A 49 0.66 -11.26 -1.50
C VAL A 49 1.14 -11.49 -0.08
N ILE A 50 0.25 -11.25 0.88
CA ILE A 50 0.57 -11.43 2.28
C ILE A 50 -0.08 -12.69 2.84
N ASN A 51 -0.36 -13.64 1.96
CA ASN A 51 -0.99 -14.90 2.36
C ASN A 51 -0.28 -15.50 3.58
N GLU A 52 1.00 -15.20 3.71
CA GLU A 52 1.79 -15.71 4.83
C GLU A 52 1.92 -14.64 5.91
N PRO A 53 2.11 -15.06 7.18
CA PRO A 53 2.25 -14.15 8.31
C PRO A 53 3.52 -13.30 8.24
N SER A 54 4.49 -13.77 7.47
CA SER A 54 5.76 -13.05 7.32
C SER A 54 5.55 -11.68 6.69
N ARG A 55 4.63 -11.60 5.73
CA ARG A 55 4.34 -10.35 5.04
C ARG A 55 3.28 -9.54 5.78
N LEU A 56 2.97 -9.93 7.01
CA LEU A 56 1.97 -9.23 7.81
C LEU A 56 2.24 -7.72 7.88
N PRO A 57 3.46 -7.32 8.28
CA PRO A 57 3.85 -5.91 8.39
C PRO A 57 3.29 -5.02 7.28
N LEU A 58 3.05 -5.61 6.10
CA LEU A 58 2.53 -4.84 4.97
C LEU A 58 1.25 -4.11 5.36
N PHE A 59 0.28 -4.85 5.90
CA PHE A 59 -0.99 -4.27 6.32
C PHE A 59 -0.77 -3.04 7.21
N ASP A 60 0.17 -3.15 8.13
CA ASP A 60 0.48 -2.06 9.04
C ASP A 60 1.19 -0.94 8.29
N ALA A 61 1.91 -1.32 7.24
CA ALA A 61 2.64 -0.37 6.42
C ALA A 61 1.69 0.53 5.64
N ILE A 62 0.61 -0.06 5.13
CA ILE A 62 -0.37 0.68 4.34
C ILE A 62 -1.27 1.56 5.22
N ARG A 63 -1.59 1.06 6.41
CA ARG A 63 -2.46 1.78 7.34
C ARG A 63 -2.13 3.28 7.41
N PRO A 64 -0.87 3.63 7.71
CA PRO A 64 -0.44 5.04 7.83
C PRO A 64 -0.98 5.94 6.72
N LEU A 65 -0.74 5.55 5.47
CA LEU A 65 -1.20 6.35 4.34
C LEU A 65 -2.72 6.20 4.14
N ILE A 66 -3.24 5.06 4.57
CA ILE A 66 -4.67 4.80 4.44
C ILE A 66 -5.50 5.75 5.31
N PRO A 67 -6.56 6.34 4.75
CA PRO A 67 -7.43 7.27 5.49
C PRO A 67 -7.90 6.70 6.80
N LEU A 68 -7.93 7.58 7.78
CA LEU A 68 -8.35 7.25 9.12
C LEU A 68 -9.69 6.53 9.11
N LYS A 69 -10.59 6.95 8.23
CA LYS A 69 -11.90 6.32 8.11
C LYS A 69 -11.75 4.96 7.45
N HIS A 70 -10.97 4.92 6.38
CA HIS A 70 -10.72 3.67 5.65
C HIS A 70 -9.99 2.69 6.56
N GLN A 71 -9.22 3.21 7.51
CA GLN A 71 -8.49 2.37 8.44
C GLN A 71 -9.47 1.55 9.29
N VAL A 72 -10.53 2.21 9.75
CA VAL A 72 -11.54 1.55 10.54
C VAL A 72 -12.23 0.46 9.73
N GLU A 73 -12.81 0.85 8.61
CA GLU A 73 -13.47 -0.10 7.72
C GLU A 73 -12.49 -1.18 7.30
N TYR A 74 -11.23 -0.76 7.12
CA TYR A 74 -10.18 -1.69 6.76
C TYR A 74 -10.07 -2.75 7.84
N ASP A 75 -10.32 -2.34 9.08
CA ASP A 75 -10.27 -3.25 10.21
C ASP A 75 -11.47 -4.19 10.19
N GLN A 76 -12.61 -3.69 9.69
CA GLN A 76 -13.82 -4.48 9.61
C GLN A 76 -13.64 -5.63 8.62
N LEU A 77 -12.88 -5.39 7.57
CA LEU A 77 -12.62 -6.39 6.55
C LEU A 77 -11.55 -7.38 7.02
N THR A 78 -10.56 -6.86 7.74
CA THR A 78 -9.47 -7.68 8.25
C THR A 78 -9.88 -8.39 9.54
N PRO A 79 -9.21 -9.51 9.87
CA PRO A 79 -9.52 -10.27 11.09
C PRO A 79 -9.29 -9.45 12.35
N ARG A 80 -10.06 -9.75 13.40
CA ARG A 80 -9.95 -9.03 14.66
C ARG A 80 -8.68 -9.45 15.41
N ASP B 1 -2.90 14.99 6.69
CA ASP B 1 -2.21 14.60 5.48
C ASP B 1 -2.94 13.47 4.76
N ASP B 2 -4.27 13.52 4.80
CA ASP B 2 -5.09 12.51 4.15
C ASP B 2 -5.23 12.80 2.66
N ASP B 3 -5.31 11.73 1.86
CA ASP B 3 -5.45 11.87 0.42
C ASP B 3 -4.26 12.63 -0.17
N ARG B 4 -3.06 12.19 0.20
CA ARG B 4 -1.84 12.83 -0.30
C ARG B 4 -0.69 11.84 -0.33
N TYR B 5 -0.53 11.07 0.75
CA TYR B 5 0.54 10.08 0.85
C TYR B 5 0.46 9.08 -0.31
N LEU B 6 -0.76 8.73 -0.70
CA LEU B 6 -0.96 7.78 -1.79
C LEU B 6 -0.35 8.32 -3.08
N ARG B 7 -0.71 9.55 -3.43
CA ARG B 7 -0.21 10.18 -4.65
C ARG B 7 1.30 10.39 -4.56
N GLU B 8 1.80 10.62 -3.36
CA GLU B 8 3.22 10.84 -3.15
C GLU B 8 4.03 9.64 -3.63
N ALA B 9 3.75 8.47 -3.05
CA ALA B 9 4.45 7.25 -3.42
C ALA B 9 4.02 6.77 -4.80
N ILE B 10 2.71 6.79 -5.04
CA ILE B 10 2.15 6.36 -6.32
C ILE B 10 2.77 7.15 -7.47
N GLN B 11 2.75 8.48 -7.36
CA GLN B 11 3.30 9.34 -8.39
C GLN B 11 4.80 9.13 -8.50
N GLU B 12 5.46 8.90 -7.37
CA GLU B 12 6.90 8.66 -7.37
C GLU B 12 7.24 7.54 -8.32
N TYR B 13 6.41 6.50 -8.30
CA TYR B 13 6.60 5.36 -9.19
C TYR B 13 6.27 5.75 -10.61
N ASP B 14 5.28 6.63 -10.76
CA ASP B 14 4.89 7.12 -12.07
C ASP B 14 6.08 7.80 -12.76
N ASN B 15 6.93 8.41 -11.93
CA ASN B 15 8.12 9.09 -12.44
C ASN B 15 9.25 8.10 -12.70
N ILE B 16 9.32 7.06 -11.86
CA ILE B 16 10.35 6.04 -12.01
C ILE B 16 10.11 5.19 -13.26
N ALA B 17 8.85 5.01 -13.61
CA ALA B 17 8.48 4.22 -14.79
C ALA B 17 8.44 5.10 -16.04
N LYS B 18 9.53 5.81 -16.29
CA LYS B 18 9.61 6.68 -17.46
C LYS B 18 9.75 5.87 -18.73
N MET A 1 8.55 17.91 3.67
CA MET A 1 8.82 16.49 3.33
C MET A 1 7.79 15.96 2.33
N ASP A 2 8.08 16.13 1.05
CA ASP A 2 7.17 15.67 -0.01
C ASP A 2 7.88 14.68 -0.93
N ARG A 3 8.51 13.67 -0.33
CA ARG A 3 9.23 12.66 -1.09
C ARG A 3 9.62 11.48 -0.20
N LYS A 4 10.09 11.79 1.00
CA LYS A 4 10.51 10.77 1.95
C LYS A 4 9.38 9.79 2.23
N VAL A 5 8.14 10.28 2.18
CA VAL A 5 6.97 9.43 2.44
C VAL A 5 7.04 8.20 1.54
N ALA A 6 7.47 8.40 0.30
CA ALA A 6 7.58 7.31 -0.66
C ALA A 6 8.76 6.41 -0.30
N ARG A 7 9.84 7.01 0.18
CA ARG A 7 11.04 6.27 0.57
C ARG A 7 10.76 5.39 1.78
N GLU A 8 9.95 5.89 2.70
CA GLU A 8 9.61 5.14 3.90
C GLU A 8 8.71 3.96 3.57
N PHE A 9 7.64 4.24 2.82
CA PHE A 9 6.71 3.19 2.42
C PHE A 9 7.40 2.21 1.49
N ARG A 10 8.28 2.73 0.64
CA ARG A 10 9.01 1.90 -0.31
C ARG A 10 10.07 1.07 0.41
N HIS A 11 10.80 1.71 1.32
CA HIS A 11 11.85 1.02 2.07
C HIS A 11 11.26 -0.10 2.92
N LYS A 12 10.14 0.19 3.59
CA LYS A 12 9.47 -0.79 4.42
C LYS A 12 9.07 -2.01 3.60
N VAL A 13 8.34 -1.76 2.51
CA VAL A 13 7.90 -2.84 1.63
C VAL A 13 9.08 -3.69 1.19
N ASP A 14 10.21 -3.04 0.96
CA ASP A 14 11.42 -3.75 0.54
C ASP A 14 11.98 -4.58 1.69
N PHE A 15 11.75 -4.13 2.92
CA PHE A 15 12.23 -4.83 4.10
C PHE A 15 11.47 -6.15 4.28
N LEU A 16 10.21 -6.14 3.87
CA LEU A 16 9.36 -7.31 4.00
C LEU A 16 9.45 -8.19 2.75
N ILE A 17 9.29 -7.56 1.60
CA ILE A 17 9.35 -8.27 0.32
C ILE A 17 10.78 -8.40 -0.17
N GLU A 18 11.40 -7.25 -0.41
CA GLU A 18 12.76 -7.22 -0.93
C GLU A 18 12.80 -7.75 -2.35
N ASN A 19 11.63 -8.06 -2.86
CA ASN A 19 11.49 -8.58 -4.22
C ASN A 19 11.01 -7.50 -5.18
N ASP A 20 11.11 -7.77 -6.47
CA ASP A 20 10.69 -6.81 -7.49
C ASP A 20 9.31 -7.17 -8.04
N ALA A 21 9.13 -8.44 -8.38
CA ALA A 21 7.85 -8.91 -8.92
C ALA A 21 6.70 -8.58 -7.97
N GLU A 22 6.89 -8.89 -6.69
CA GLU A 22 5.88 -8.63 -5.69
C GLU A 22 5.60 -7.13 -5.57
N LYS A 23 6.68 -6.34 -5.53
CA LYS A 23 6.55 -4.89 -5.44
C LYS A 23 5.80 -4.36 -6.66
N ASP A 24 6.01 -5.01 -7.79
CA ASP A 24 5.35 -4.59 -9.03
C ASP A 24 3.84 -4.71 -8.87
N TYR A 25 3.38 -5.87 -8.44
CA TYR A 25 1.95 -6.10 -8.23
C TYR A 25 1.43 -5.25 -7.08
N LEU A 26 2.17 -5.22 -5.98
CA LEU A 26 1.76 -4.42 -4.84
C LEU A 26 1.61 -2.98 -5.28
N TYR A 27 2.57 -2.52 -6.08
CA TYR A 27 2.50 -1.17 -6.62
C TYR A 27 1.24 -1.05 -7.47
N ASP A 28 0.86 -2.17 -8.10
CA ASP A 28 -0.34 -2.20 -8.93
C ASP A 28 -1.59 -2.16 -8.05
N VAL A 29 -1.49 -2.76 -6.86
CA VAL A 29 -2.62 -2.78 -5.93
C VAL A 29 -2.95 -1.37 -5.46
N LEU A 30 -1.95 -0.67 -4.93
CA LEU A 30 -2.15 0.69 -4.45
C LEU A 30 -2.57 1.59 -5.59
N ARG A 31 -2.01 1.35 -6.77
CA ARG A 31 -2.35 2.14 -7.95
C ARG A 31 -3.81 1.93 -8.33
N MET A 32 -4.25 0.67 -8.31
CA MET A 32 -5.63 0.35 -8.65
C MET A 32 -6.58 0.90 -7.60
N TYR A 33 -6.15 0.83 -6.35
CA TYR A 33 -6.95 1.32 -5.23
C TYR A 33 -7.23 2.81 -5.38
N HIS A 34 -6.24 3.55 -5.88
CA HIS A 34 -6.39 4.99 -6.07
C HIS A 34 -7.34 5.29 -7.23
N GLN A 35 -7.37 4.40 -8.22
CA GLN A 35 -8.23 4.58 -9.38
C GLN A 35 -9.67 4.20 -9.07
N THR A 36 -9.88 2.94 -8.72
CA THR A 36 -11.22 2.44 -8.40
C THR A 36 -11.70 2.98 -7.06
N MET A 37 -10.77 3.31 -6.17
CA MET A 37 -11.13 3.82 -4.85
C MET A 37 -11.88 2.78 -4.04
N ASP A 38 -11.48 1.51 -4.20
CA ASP A 38 -12.11 0.41 -3.48
C ASP A 38 -11.15 -0.20 -2.47
N VAL A 39 -11.46 -0.01 -1.19
CA VAL A 39 -10.63 -0.55 -0.12
C VAL A 39 -10.71 -2.07 -0.08
N ALA A 40 -11.81 -2.62 -0.58
CA ALA A 40 -11.99 -4.06 -0.61
C ALA A 40 -11.11 -4.70 -1.67
N VAL A 41 -10.75 -3.91 -2.68
CA VAL A 41 -9.90 -4.40 -3.75
C VAL A 41 -8.44 -4.43 -3.33
N LEU A 42 -8.00 -3.39 -2.64
CA LEU A 42 -6.62 -3.32 -2.16
C LEU A 42 -6.36 -4.39 -1.11
N VAL A 43 -7.34 -4.60 -0.24
CA VAL A 43 -7.21 -5.60 0.81
C VAL A 43 -7.15 -7.01 0.21
N GLY A 44 -7.97 -7.26 -0.80
CA GLY A 44 -7.98 -8.55 -1.45
C GLY A 44 -6.64 -8.91 -2.04
N ASP A 45 -6.08 -7.99 -2.83
CA ASP A 45 -4.78 -8.21 -3.45
C ASP A 45 -3.71 -8.37 -2.39
N LEU A 46 -3.76 -7.52 -1.37
CA LEU A 46 -2.78 -7.56 -0.29
C LEU A 46 -2.67 -8.97 0.28
N LYS A 47 -3.82 -9.63 0.44
CA LYS A 47 -3.85 -10.99 0.96
C LYS A 47 -3.18 -11.96 -0.02
N LEU A 48 -3.59 -11.89 -1.28
CA LEU A 48 -3.03 -12.74 -2.32
C LEU A 48 -1.51 -12.65 -2.32
N VAL A 49 -0.99 -11.52 -1.86
CA VAL A 49 0.44 -11.31 -1.78
C VAL A 49 0.94 -11.59 -0.37
N ILE A 50 0.06 -11.39 0.61
CA ILE A 50 0.40 -11.62 2.01
C ILE A 50 -0.16 -12.94 2.51
N ASN A 51 -0.41 -13.85 1.57
CA ASN A 51 -0.93 -15.17 1.91
C ASN A 51 -0.18 -15.79 3.08
N GLU A 52 1.09 -15.42 3.21
CA GLU A 52 1.92 -15.94 4.30
C GLU A 52 2.01 -14.92 5.44
N PRO A 53 2.02 -15.39 6.70
CA PRO A 53 2.10 -14.51 7.87
C PRO A 53 3.33 -13.60 7.83
N SER A 54 4.37 -14.03 7.14
CA SER A 54 5.60 -13.25 7.04
C SER A 54 5.34 -11.90 6.39
N ARG A 55 4.38 -11.86 5.47
CA ARG A 55 4.03 -10.62 4.78
C ARG A 55 2.98 -9.82 5.54
N LEU A 56 2.73 -10.20 6.79
CA LEU A 56 1.75 -9.51 7.62
C LEU A 56 2.01 -8.00 7.69
N PRO A 57 3.22 -7.59 8.09
CA PRO A 57 3.60 -6.18 8.21
C PRO A 57 3.04 -5.30 7.09
N LEU A 58 2.80 -5.87 5.92
CA LEU A 58 2.26 -5.11 4.80
C LEU A 58 0.99 -4.37 5.17
N PHE A 59 0.19 -4.96 6.06
CA PHE A 59 -1.06 -4.35 6.49
C PHE A 59 -0.78 -3.12 7.34
N ASP A 60 0.08 -3.27 8.35
CA ASP A 60 0.43 -2.17 9.23
C ASP A 60 1.35 -1.19 8.52
N ALA A 61 2.04 -1.68 7.50
CA ALA A 61 2.95 -0.85 6.71
C ALA A 61 2.20 0.21 5.91
N ILE A 62 1.15 -0.23 5.21
CA ILE A 62 0.35 0.66 4.38
C ILE A 62 -0.58 1.56 5.20
N ARG A 63 -1.11 1.04 6.29
CA ARG A 63 -2.03 1.78 7.15
C ARG A 63 -1.57 3.23 7.37
N PRO A 64 -0.32 3.45 7.82
CA PRO A 64 0.21 4.78 8.09
C PRO A 64 -0.18 5.82 7.03
N LEU A 65 0.09 5.52 5.76
CA LEU A 65 -0.26 6.43 4.68
C LEU A 65 -1.76 6.42 4.42
N ILE A 66 -2.41 5.31 4.76
CA ILE A 66 -3.85 5.17 4.56
C ILE A 66 -4.62 6.15 5.46
N PRO A 67 -5.54 6.95 4.88
CA PRO A 67 -6.34 7.92 5.63
C PRO A 67 -6.95 7.32 6.88
N LEU A 68 -7.34 8.22 7.76
CA LEU A 68 -7.92 7.88 9.02
C LEU A 68 -9.31 7.25 8.87
N LYS A 69 -10.00 7.61 7.80
CA LYS A 69 -11.34 7.07 7.55
C LYS A 69 -11.22 5.67 6.95
N HIS A 70 -10.36 5.54 5.94
CA HIS A 70 -10.14 4.26 5.29
C HIS A 70 -9.48 3.29 6.26
N GLN A 71 -8.76 3.83 7.24
CA GLN A 71 -8.09 3.01 8.24
C GLN A 71 -9.11 2.18 9.01
N VAL A 72 -10.15 2.85 9.49
CA VAL A 72 -11.21 2.17 10.23
C VAL A 72 -11.90 1.16 9.34
N GLU A 73 -12.37 1.63 8.18
CA GLU A 73 -13.04 0.74 7.24
C GLU A 73 -12.12 -0.40 6.85
N TYR A 74 -10.82 -0.10 6.79
CA TYR A 74 -9.83 -1.10 6.46
C TYR A 74 -9.84 -2.18 7.54
N ASP A 75 -10.11 -1.75 8.78
CA ASP A 75 -10.19 -2.67 9.90
C ASP A 75 -11.48 -3.48 9.81
N GLN A 76 -12.54 -2.84 9.34
CA GLN A 76 -13.83 -3.52 9.20
C GLN A 76 -13.75 -4.62 8.16
N LEU A 77 -12.92 -4.41 7.14
CA LEU A 77 -12.75 -5.39 6.07
C LEU A 77 -11.89 -6.56 6.53
N THR A 78 -10.83 -6.26 7.27
CA THR A 78 -9.93 -7.29 7.77
C THR A 78 -10.69 -8.35 8.56
N PRO A 79 -10.13 -9.57 8.64
CA PRO A 79 -10.76 -10.67 9.37
C PRO A 79 -11.02 -10.34 10.83
N ARG A 80 -9.95 -10.27 11.63
CA ARG A 80 -10.07 -9.96 13.04
C ARG A 80 -8.83 -9.21 13.54
N ASP B 1 -4.97 17.29 6.06
CA ASP B 1 -3.97 16.31 6.49
C ASP B 1 -4.36 14.90 6.09
N ASP B 2 -4.89 14.76 4.87
CA ASP B 2 -5.30 13.46 4.36
C ASP B 2 -5.38 13.47 2.84
N ASP B 3 -5.43 12.28 2.25
CA ASP B 3 -5.50 12.15 0.80
C ASP B 3 -4.28 12.79 0.13
N ARG B 4 -3.10 12.39 0.57
CA ARG B 4 -1.86 12.92 0.02
C ARG B 4 -0.74 11.88 0.08
N TYR B 5 -0.63 11.20 1.22
CA TYR B 5 0.40 10.18 1.40
C TYR B 5 0.35 9.14 0.30
N LEU B 6 -0.83 8.57 0.08
CA LEU B 6 -1.01 7.56 -0.95
C LEU B 6 -0.63 8.12 -2.33
N ARG B 7 -1.21 9.26 -2.67
CA ARG B 7 -0.93 9.91 -3.95
C ARG B 7 0.56 10.23 -4.09
N GLU B 8 1.18 10.58 -2.97
CA GLU B 8 2.61 10.92 -2.97
C GLU B 8 3.45 9.76 -3.48
N ALA B 9 3.33 8.61 -2.82
CA ALA B 9 4.09 7.42 -3.23
C ALA B 9 3.56 6.86 -4.54
N ILE B 10 2.24 6.85 -4.68
CA ILE B 10 1.60 6.33 -5.89
C ILE B 10 2.10 7.08 -7.13
N GLN B 11 1.99 8.41 -7.12
CA GLN B 11 2.43 9.21 -8.24
C GLN B 11 3.94 9.08 -8.43
N GLU B 12 4.67 8.96 -7.32
CA GLU B 12 6.12 8.81 -7.39
C GLU B 12 6.47 7.65 -8.31
N TYR B 13 5.73 6.55 -8.17
CA TYR B 13 5.95 5.38 -9.01
C TYR B 13 5.51 5.68 -10.43
N ASP B 14 4.45 6.47 -10.56
CA ASP B 14 3.95 6.84 -11.88
C ASP B 14 5.04 7.58 -12.66
N ASN B 15 5.91 8.26 -11.91
CA ASN B 15 7.01 9.00 -12.51
C ASN B 15 8.18 8.08 -12.83
N ILE B 16 8.41 7.09 -11.96
CA ILE B 16 9.49 6.15 -12.16
C ILE B 16 9.32 5.39 -13.47
N ALA B 17 8.09 5.05 -13.79
CA ALA B 17 7.79 4.33 -15.02
C ALA B 17 8.60 3.03 -15.12
N LYS B 18 8.14 1.99 -14.43
CA LYS B 18 8.82 0.71 -14.44
C LYS B 18 8.50 -0.08 -15.70
N MET A 1 9.00 17.81 2.19
CA MET A 1 8.03 17.97 1.08
C MET A 1 7.23 16.69 0.86
N ASP A 2 7.05 15.91 1.93
CA ASP A 2 6.32 14.66 1.84
C ASP A 2 6.97 13.70 0.84
N ARG A 3 8.29 13.80 0.72
CA ARG A 3 9.03 12.94 -0.19
C ARG A 3 9.58 11.72 0.52
N LYS A 4 9.92 11.89 1.79
CA LYS A 4 10.45 10.79 2.59
C LYS A 4 9.39 9.73 2.87
N VAL A 5 8.13 10.18 2.98
CA VAL A 5 7.03 9.26 3.23
C VAL A 5 7.04 8.13 2.21
N ALA A 6 7.42 8.47 0.99
CA ALA A 6 7.49 7.50 -0.09
C ALA A 6 8.67 6.56 0.09
N ARG A 7 9.78 7.10 0.61
CA ARG A 7 10.99 6.32 0.84
C ARG A 7 10.77 5.30 1.94
N GLU A 8 10.00 5.68 2.96
CA GLU A 8 9.71 4.80 4.08
C GLU A 8 8.75 3.68 3.64
N PHE A 9 7.67 4.07 2.98
CA PHE A 9 6.69 3.10 2.49
C PHE A 9 7.33 2.19 1.46
N ARG A 10 8.24 2.74 0.66
CA ARG A 10 8.93 1.98 -0.37
C ARG A 10 9.96 1.06 0.26
N HIS A 11 10.80 1.62 1.13
CA HIS A 11 11.83 0.84 1.80
C HIS A 11 11.23 -0.28 2.64
N LYS A 12 10.16 0.04 3.35
CA LYS A 12 9.48 -0.95 4.19
C LYS A 12 8.99 -2.11 3.33
N VAL A 13 8.16 -1.80 2.34
CA VAL A 13 7.63 -2.83 1.45
C VAL A 13 8.76 -3.65 0.83
N ASP A 14 9.86 -2.99 0.53
CA ASP A 14 11.01 -3.66 -0.06
C ASP A 14 11.74 -4.51 0.97
N PHE A 15 11.65 -4.09 2.24
CA PHE A 15 12.30 -4.82 3.33
C PHE A 15 11.60 -6.15 3.57
N LEU A 16 10.29 -6.18 3.30
CA LEU A 16 9.49 -7.38 3.50
C LEU A 16 9.40 -8.20 2.22
N ILE A 17 9.07 -7.55 1.12
CA ILE A 17 8.94 -8.20 -0.17
C ILE A 17 10.31 -8.56 -0.74
N GLU A 18 11.20 -7.56 -0.78
CA GLU A 18 12.54 -7.76 -1.30
C GLU A 18 12.53 -8.32 -2.72
N ASN A 19 11.34 -8.45 -3.25
CA ASN A 19 11.16 -8.97 -4.61
C ASN A 19 10.68 -7.87 -5.55
N ASP A 20 10.88 -8.07 -6.84
CA ASP A 20 10.47 -7.10 -7.85
C ASP A 20 9.07 -7.41 -8.38
N ALA A 21 8.83 -8.69 -8.68
CA ALA A 21 7.54 -9.12 -9.20
C ALA A 21 6.42 -8.79 -8.22
N GLU A 22 6.68 -9.04 -6.94
CA GLU A 22 5.70 -8.76 -5.90
C GLU A 22 5.43 -7.27 -5.78
N LYS A 23 6.50 -6.48 -5.76
CA LYS A 23 6.38 -5.03 -5.67
C LYS A 23 5.65 -4.49 -6.90
N ASP A 24 5.83 -5.15 -8.03
CA ASP A 24 5.17 -4.75 -9.26
C ASP A 24 3.65 -4.85 -9.09
N TYR A 25 3.20 -6.00 -8.63
CA TYR A 25 1.78 -6.23 -8.41
C TYR A 25 1.27 -5.36 -7.27
N LEU A 26 2.01 -5.31 -6.17
CA LEU A 26 1.62 -4.48 -5.04
C LEU A 26 1.49 -3.05 -5.52
N TYR A 27 2.44 -2.64 -6.35
CA TYR A 27 2.40 -1.30 -6.92
C TYR A 27 1.13 -1.17 -7.75
N ASP A 28 0.72 -2.28 -8.37
CA ASP A 28 -0.48 -2.31 -9.18
C ASP A 28 -1.71 -2.24 -8.27
N VAL A 29 -1.60 -2.84 -7.08
CA VAL A 29 -2.70 -2.83 -6.13
C VAL A 29 -3.05 -1.40 -5.71
N LEU A 30 -2.03 -0.66 -5.29
CA LEU A 30 -2.21 0.72 -4.87
C LEU A 30 -2.74 1.56 -6.02
N ARG A 31 -2.20 1.31 -7.22
CA ARG A 31 -2.61 2.04 -8.40
C ARG A 31 -4.07 1.74 -8.73
N MET A 32 -4.47 0.49 -8.53
CA MET A 32 -5.84 0.07 -8.81
C MET A 32 -6.81 0.64 -7.76
N TYR A 33 -6.43 0.52 -6.49
CA TYR A 33 -7.26 1.03 -5.40
C TYR A 33 -7.55 2.52 -5.59
N HIS A 34 -6.53 3.27 -6.00
CA HIS A 34 -6.68 4.70 -6.20
C HIS A 34 -7.56 4.99 -7.42
N GLN A 35 -7.52 4.08 -8.39
CA GLN A 35 -8.31 4.24 -9.62
C GLN A 35 -9.76 3.87 -9.38
N THR A 36 -9.99 2.64 -8.94
CA THR A 36 -11.34 2.16 -8.69
C THR A 36 -11.89 2.68 -7.36
N MET A 37 -10.99 3.08 -6.46
CA MET A 37 -11.40 3.60 -5.17
C MET A 37 -12.19 2.56 -4.38
N ASP A 38 -11.66 1.34 -4.33
CA ASP A 38 -12.32 0.25 -3.62
C ASP A 38 -11.39 -0.37 -2.57
N VAL A 39 -11.74 -0.21 -1.30
CA VAL A 39 -10.94 -0.75 -0.21
C VAL A 39 -10.95 -2.28 -0.24
N ALA A 40 -11.98 -2.84 -0.86
CA ALA A 40 -12.09 -4.29 -0.97
C ALA A 40 -11.05 -4.83 -1.93
N VAL A 41 -10.59 -3.97 -2.84
CA VAL A 41 -9.59 -4.36 -3.81
C VAL A 41 -8.21 -4.42 -3.15
N LEU A 42 -7.82 -3.33 -2.51
CA LEU A 42 -6.52 -3.27 -1.83
C LEU A 42 -6.38 -4.42 -0.84
N VAL A 43 -7.46 -4.71 -0.12
CA VAL A 43 -7.45 -5.78 0.87
C VAL A 43 -7.28 -7.14 0.18
N GLY A 44 -8.08 -7.39 -0.85
CA GLY A 44 -7.99 -8.63 -1.57
C GLY A 44 -6.60 -8.88 -2.14
N ASP A 45 -6.10 -7.91 -2.91
CA ASP A 45 -4.79 -8.02 -3.51
C ASP A 45 -3.70 -8.13 -2.44
N LEU A 46 -3.83 -7.32 -1.39
CA LEU A 46 -2.85 -7.33 -0.31
C LEU A 46 -2.65 -8.75 0.22
N LYS A 47 -3.74 -9.50 0.36
CA LYS A 47 -3.67 -10.87 0.84
C LYS A 47 -2.94 -11.75 -0.17
N LEU A 48 -3.37 -11.67 -1.43
CA LEU A 48 -2.76 -12.45 -2.50
C LEU A 48 -1.25 -12.25 -2.51
N VAL A 49 -0.80 -11.11 -2.00
CA VAL A 49 0.61 -10.80 -1.93
C VAL A 49 1.15 -11.08 -0.54
N ILE A 50 0.28 -10.97 0.46
CA ILE A 50 0.65 -11.21 1.84
C ILE A 50 0.13 -12.55 2.33
N ASN A 51 -0.06 -13.47 1.40
CA ASN A 51 -0.54 -14.81 1.72
C ASN A 51 0.23 -15.41 2.89
N GLU A 52 1.49 -14.98 3.04
CA GLU A 52 2.34 -15.47 4.11
C GLU A 52 2.35 -14.48 5.28
N PRO A 53 2.57 -14.98 6.51
CA PRO A 53 2.61 -14.13 7.71
C PRO A 53 3.80 -13.18 7.73
N SER A 54 4.80 -13.46 6.92
CA SER A 54 5.99 -12.62 6.85
C SER A 54 5.66 -11.25 6.25
N ARG A 55 4.80 -11.23 5.25
CA ARG A 55 4.41 -9.99 4.60
C ARG A 55 3.23 -9.33 5.30
N LEU A 56 2.86 -9.84 6.47
CA LEU A 56 1.75 -9.29 7.24
C LEU A 56 1.89 -7.78 7.46
N PRO A 57 3.10 -7.32 7.86
CA PRO A 57 3.35 -5.90 8.12
C PRO A 57 2.74 -4.97 7.07
N LEU A 58 2.53 -5.48 5.86
CA LEU A 58 1.96 -4.67 4.78
C LEU A 58 0.64 -4.02 5.20
N PHE A 59 -0.23 -4.80 5.85
CA PHE A 59 -1.52 -4.31 6.30
C PHE A 59 -1.36 -3.12 7.25
N ASP A 60 -0.52 -3.29 8.27
CA ASP A 60 -0.28 -2.22 9.24
C ASP A 60 0.60 -1.13 8.64
N ALA A 61 1.44 -1.52 7.70
CA ALA A 61 2.34 -0.59 7.04
C ALA A 61 1.58 0.40 6.16
N ILE A 62 0.65 -0.12 5.36
CA ILE A 62 -0.13 0.69 4.45
C ILE A 62 -1.21 1.51 5.16
N ARG A 63 -1.80 0.94 6.20
CA ARG A 63 -2.87 1.62 6.95
C ARG A 63 -2.54 3.09 7.23
N PRO A 64 -1.38 3.38 7.83
CA PRO A 64 -0.97 4.75 8.17
C PRO A 64 -1.22 5.76 7.06
N LEU A 65 -0.73 5.47 5.86
CA LEU A 65 -0.88 6.38 4.73
C LEU A 65 -2.31 6.39 4.19
N ILE A 66 -3.15 5.50 4.69
CA ILE A 66 -4.54 5.42 4.25
C ILE A 66 -5.42 6.40 5.03
N PRO A 67 -6.39 7.05 4.36
CA PRO A 67 -7.31 8.00 5.00
C PRO A 67 -7.77 7.56 6.36
N LEU A 68 -7.78 8.52 7.26
CA LEU A 68 -8.18 8.34 8.62
C LEU A 68 -9.53 7.61 8.72
N LYS A 69 -10.34 7.73 7.68
CA LYS A 69 -11.62 7.05 7.65
C LYS A 69 -11.45 5.66 7.06
N HIS A 70 -10.54 5.56 6.10
CA HIS A 70 -10.25 4.29 5.45
C HIS A 70 -9.42 3.38 6.36
N GLN A 71 -8.59 3.98 7.21
CA GLN A 71 -7.77 3.20 8.13
C GLN A 71 -8.66 2.45 9.11
N VAL A 72 -9.70 3.13 9.57
CA VAL A 72 -10.64 2.52 10.50
C VAL A 72 -11.39 1.38 9.81
N GLU A 73 -12.06 1.71 8.72
CA GLU A 73 -12.79 0.70 7.97
C GLU A 73 -11.85 -0.41 7.52
N TYR A 74 -10.61 -0.02 7.21
CA TYR A 74 -9.59 -0.98 6.82
C TYR A 74 -9.37 -1.96 7.95
N ASP A 75 -9.50 -1.44 9.19
CA ASP A 75 -9.33 -2.26 10.38
C ASP A 75 -10.54 -3.18 10.55
N GLN A 76 -11.72 -2.69 10.15
CA GLN A 76 -12.93 -3.48 10.27
C GLN A 76 -12.89 -4.68 9.34
N LEU A 77 -12.21 -4.53 8.21
CA LEU A 77 -12.07 -5.60 7.24
C LEU A 77 -11.01 -6.61 7.67
N THR A 78 -9.93 -6.09 8.24
CA THR A 78 -8.83 -6.94 8.71
C THR A 78 -9.14 -7.52 10.09
N PRO A 79 -8.59 -8.70 10.41
CA PRO A 79 -8.81 -9.34 11.71
C PRO A 79 -8.38 -8.46 12.88
N ARG A 80 -8.16 -9.08 14.04
CA ARG A 80 -7.75 -8.35 15.23
C ARG A 80 -8.83 -7.38 15.67
N ASP B 1 -7.01 17.19 4.25
CA ASP B 1 -5.77 16.93 3.50
C ASP B 1 -5.57 15.42 3.30
N ASP B 2 -6.67 14.70 3.18
CA ASP B 2 -6.61 13.25 2.98
C ASP B 2 -6.30 12.92 1.53
N ASP B 3 -6.04 11.64 1.27
CA ASP B 3 -5.72 11.20 -0.09
C ASP B 3 -4.48 11.90 -0.62
N ARG B 4 -3.54 12.20 0.27
CA ARG B 4 -2.31 12.88 -0.10
C ARG B 4 -1.12 11.94 0.02
N TYR B 5 -1.12 11.12 1.06
CA TYR B 5 -0.05 10.17 1.30
C TYR B 5 0.02 9.13 0.18
N LEU B 6 -1.12 8.55 -0.15
CA LEU B 6 -1.19 7.53 -1.20
C LEU B 6 -0.67 8.10 -2.51
N ARG B 7 -1.20 9.24 -2.92
CA ARG B 7 -0.78 9.89 -4.17
C ARG B 7 0.72 10.15 -4.16
N GLU B 8 1.27 10.41 -2.97
CA GLU B 8 2.69 10.68 -2.82
C GLU B 8 3.52 9.48 -3.24
N ALA B 9 3.28 8.34 -2.60
CA ALA B 9 4.00 7.11 -2.92
C ALA B 9 3.63 6.61 -4.30
N ILE B 10 2.34 6.72 -4.63
CA ILE B 10 1.83 6.28 -5.92
C ILE B 10 2.57 6.99 -7.06
N GLN B 11 2.57 8.32 -7.02
CA GLN B 11 3.25 9.11 -8.04
C GLN B 11 4.75 8.90 -7.98
N GLU B 12 5.28 8.68 -6.78
CA GLU B 12 6.70 8.45 -6.61
C GLU B 12 7.15 7.30 -7.50
N TYR B 13 6.36 6.24 -7.52
CA TYR B 13 6.67 5.09 -8.35
C TYR B 13 6.41 5.43 -9.81
N ASP B 14 5.40 6.27 -10.05
CA ASP B 14 5.09 6.70 -11.41
C ASP B 14 6.28 7.43 -12.00
N ASN B 15 7.04 8.12 -11.15
CA ASN B 15 8.22 8.85 -11.56
C ASN B 15 9.42 7.93 -11.70
N ILE B 16 9.47 6.90 -10.86
CA ILE B 16 10.57 5.95 -10.89
C ILE B 16 10.44 5.00 -12.08
N ALA B 17 9.21 4.65 -12.42
CA ALA B 17 8.95 3.75 -13.54
C ALA B 17 8.63 4.52 -14.81
N LYS B 18 9.33 5.64 -15.01
CA LYS B 18 9.12 6.47 -16.19
C LYS B 18 9.77 5.85 -17.42
N MET A 1 6.42 19.60 -0.64
CA MET A 1 6.65 18.82 0.60
C MET A 1 6.29 17.35 0.40
N ASP A 2 6.33 16.58 1.48
CA ASP A 2 6.01 15.17 1.43
C ASP A 2 6.95 14.44 0.47
N ARG A 3 7.88 13.67 1.04
CA ARG A 3 8.84 12.91 0.23
C ARG A 3 9.29 11.65 0.97
N LYS A 4 9.65 11.82 2.24
CA LYS A 4 10.10 10.70 3.06
C LYS A 4 9.02 9.63 3.18
N VAL A 5 7.77 10.05 3.17
CA VAL A 5 6.65 9.13 3.25
C VAL A 5 6.79 8.04 2.20
N ALA A 6 7.27 8.43 1.03
CA ALA A 6 7.47 7.49 -0.07
C ALA A 6 8.67 6.58 0.20
N ARG A 7 9.71 7.15 0.81
CA ARG A 7 10.91 6.39 1.13
C ARG A 7 10.63 5.35 2.20
N GLU A 8 9.83 5.74 3.18
CA GLU A 8 9.48 4.83 4.27
C GLU A 8 8.54 3.74 3.78
N PHE A 9 7.51 4.15 3.05
CA PHE A 9 6.54 3.21 2.51
C PHE A 9 7.20 2.31 1.46
N ARG A 10 8.13 2.90 0.70
CA ARG A 10 8.84 2.16 -0.33
C ARG A 10 9.87 1.22 0.30
N HIS A 11 10.63 1.74 1.26
CA HIS A 11 11.64 0.94 1.93
C HIS A 11 11.01 -0.19 2.74
N LYS A 12 9.93 0.14 3.43
CA LYS A 12 9.22 -0.85 4.24
C LYS A 12 8.74 -2.01 3.36
N VAL A 13 7.94 -1.67 2.34
CA VAL A 13 7.41 -2.68 1.42
C VAL A 13 8.55 -3.51 0.84
N ASP A 14 9.68 -2.86 0.58
CA ASP A 14 10.84 -3.54 0.02
C ASP A 14 11.50 -4.42 1.08
N PHE A 15 11.36 -4.04 2.34
CA PHE A 15 11.95 -4.80 3.44
C PHE A 15 11.22 -6.13 3.61
N LEU A 16 9.93 -6.13 3.31
CA LEU A 16 9.11 -7.32 3.44
C LEU A 16 9.04 -8.08 2.11
N ILE A 17 9.05 -7.34 1.02
CA ILE A 17 8.98 -7.95 -0.31
C ILE A 17 10.38 -8.13 -0.90
N GLU A 18 11.03 -7.01 -1.21
CA GLU A 18 12.36 -7.02 -1.79
C GLU A 18 12.40 -7.72 -3.14
N ASN A 19 11.23 -8.12 -3.59
CA ASN A 19 11.08 -8.79 -4.88
C ASN A 19 10.42 -7.86 -5.90
N ASP A 20 11.07 -7.70 -7.05
CA ASP A 20 10.53 -6.83 -8.10
C ASP A 20 9.16 -7.31 -8.55
N ALA A 21 9.02 -8.61 -8.77
CA ALA A 21 7.75 -9.18 -9.20
C ALA A 21 6.63 -8.85 -8.22
N GLU A 22 6.91 -9.08 -6.95
CA GLU A 22 5.93 -8.80 -5.90
C GLU A 22 5.64 -7.31 -5.82
N LYS A 23 6.70 -6.50 -5.86
CA LYS A 23 6.56 -5.05 -5.80
C LYS A 23 5.79 -4.56 -7.02
N ASP A 24 5.97 -5.26 -8.14
CA ASP A 24 5.28 -4.91 -9.37
C ASP A 24 3.77 -5.01 -9.18
N TYR A 25 3.32 -6.16 -8.69
CA TYR A 25 1.91 -6.39 -8.44
C TYR A 25 1.40 -5.49 -7.32
N LEU A 26 2.14 -5.43 -6.22
CA LEU A 26 1.74 -4.57 -5.11
C LEU A 26 1.61 -3.15 -5.62
N TYR A 27 2.56 -2.76 -6.46
CA TYR A 27 2.52 -1.44 -7.06
C TYR A 27 1.24 -1.32 -7.88
N ASP A 28 0.82 -2.44 -8.47
CA ASP A 28 -0.40 -2.47 -9.25
C ASP A 28 -1.62 -2.39 -8.34
N VAL A 29 -1.50 -2.96 -7.13
CA VAL A 29 -2.59 -2.94 -6.18
C VAL A 29 -2.88 -1.52 -5.71
N LEU A 30 -1.86 -0.85 -5.21
CA LEU A 30 -1.99 0.53 -4.75
C LEU A 30 -2.47 1.43 -5.88
N ARG A 31 -1.97 1.16 -7.08
CA ARG A 31 -2.33 1.94 -8.26
C ARG A 31 -3.81 1.74 -8.59
N MET A 32 -4.26 0.49 -8.55
CA MET A 32 -5.65 0.17 -8.83
C MET A 32 -6.56 0.74 -7.76
N TYR A 33 -6.13 0.63 -6.50
CA TYR A 33 -6.90 1.14 -5.38
C TYR A 33 -7.15 2.64 -5.54
N HIS A 34 -6.16 3.35 -6.03
CA HIS A 34 -6.28 4.79 -6.23
C HIS A 34 -7.24 5.11 -7.38
N GLN A 35 -7.31 4.21 -8.35
CA GLN A 35 -8.18 4.40 -9.50
C GLN A 35 -9.63 4.07 -9.15
N THR A 36 -9.84 2.85 -8.67
CA THR A 36 -11.18 2.40 -8.30
C THR A 36 -11.61 2.98 -6.96
N MET A 37 -10.64 3.29 -6.10
CA MET A 37 -10.93 3.86 -4.78
C MET A 37 -11.68 2.84 -3.93
N ASP A 38 -11.28 1.58 -4.02
CA ASP A 38 -11.92 0.51 -3.25
C ASP A 38 -10.93 -0.14 -2.29
N VAL A 39 -11.15 0.06 -1.00
CA VAL A 39 -10.27 -0.51 0.02
C VAL A 39 -10.40 -2.03 0.06
N ALA A 40 -11.53 -2.55 -0.41
CA ALA A 40 -11.76 -3.98 -0.43
C ALA A 40 -10.93 -4.66 -1.51
N VAL A 41 -10.59 -3.88 -2.54
CA VAL A 41 -9.80 -4.40 -3.63
C VAL A 41 -8.32 -4.47 -3.25
N LEU A 42 -7.82 -3.41 -2.64
CA LEU A 42 -6.42 -3.35 -2.21
C LEU A 42 -6.15 -4.42 -1.16
N VAL A 43 -7.10 -4.62 -0.26
CA VAL A 43 -6.95 -5.63 0.80
C VAL A 43 -6.90 -7.03 0.19
N GLY A 44 -7.75 -7.29 -0.79
CA GLY A 44 -7.77 -8.59 -1.43
C GLY A 44 -6.42 -8.94 -2.02
N ASP A 45 -5.89 -8.04 -2.84
CA ASP A 45 -4.59 -8.27 -3.47
C ASP A 45 -3.50 -8.42 -2.41
N LEU A 46 -3.56 -7.55 -1.40
CA LEU A 46 -2.58 -7.59 -0.31
C LEU A 46 -2.50 -9.00 0.27
N LYS A 47 -3.64 -9.68 0.34
CA LYS A 47 -3.69 -11.04 0.87
C LYS A 47 -2.99 -11.99 -0.09
N LEU A 48 -3.36 -11.92 -1.37
CA LEU A 48 -2.78 -12.78 -2.39
C LEU A 48 -1.26 -12.69 -2.36
N VAL A 49 -0.74 -11.56 -1.87
CA VAL A 49 0.70 -11.36 -1.78
C VAL A 49 1.18 -11.59 -0.35
N ILE A 50 0.28 -11.35 0.60
CA ILE A 50 0.60 -11.53 2.02
C ILE A 50 -0.04 -12.80 2.57
N ASN A 51 -0.29 -13.75 1.69
CA ASN A 51 -0.89 -15.02 2.08
C ASN A 51 -0.17 -15.62 3.30
N GLU A 52 1.11 -15.28 3.44
CA GLU A 52 1.90 -15.78 4.55
C GLU A 52 1.97 -14.73 5.67
N PRO A 53 2.14 -15.17 6.93
CA PRO A 53 2.23 -14.26 8.08
C PRO A 53 3.48 -13.39 8.06
N SER A 54 4.48 -13.82 7.29
CA SER A 54 5.73 -13.07 7.19
C SER A 54 5.51 -11.70 6.56
N ARG A 55 4.62 -11.63 5.57
CA ARG A 55 4.32 -10.38 4.89
C ARG A 55 3.21 -9.59 5.60
N LEU A 56 2.86 -10.02 6.82
CA LEU A 56 1.82 -9.35 7.60
C LEU A 56 2.09 -7.85 7.75
N PRO A 57 3.33 -7.46 8.08
CA PRO A 57 3.69 -6.05 8.26
C PRO A 57 3.08 -5.12 7.21
N LEU A 58 2.85 -5.65 6.01
CA LEU A 58 2.28 -4.87 4.92
C LEU A 58 0.96 -4.22 5.35
N PHE A 59 0.13 -4.98 6.05
CA PHE A 59 -1.16 -4.48 6.52
C PHE A 59 -0.98 -3.29 7.45
N ASP A 60 -0.08 -3.42 8.41
CA ASP A 60 0.19 -2.35 9.36
C ASP A 60 1.00 -1.23 8.71
N ALA A 61 1.80 -1.60 7.73
CA ALA A 61 2.63 -0.64 7.01
C ALA A 61 1.79 0.33 6.17
N ILE A 62 0.86 -0.23 5.41
CA ILE A 62 -0.01 0.57 4.55
C ILE A 62 -1.09 1.31 5.33
N ARG A 63 -1.57 0.68 6.40
CA ARG A 63 -2.62 1.27 7.23
C ARG A 63 -2.40 2.76 7.51
N PRO A 64 -1.23 3.15 8.04
CA PRO A 64 -0.94 4.55 8.35
C PRO A 64 -1.02 5.47 7.14
N LEU A 65 -0.31 5.13 6.08
CA LEU A 65 -0.30 5.95 4.87
C LEU A 65 -1.71 6.11 4.28
N ILE A 66 -2.61 5.19 4.64
CA ILE A 66 -3.97 5.23 4.14
C ILE A 66 -4.83 6.24 4.93
N PRO A 67 -5.75 6.93 4.24
CA PRO A 67 -6.64 7.92 4.87
C PRO A 67 -7.18 7.47 6.20
N LEU A 68 -7.22 8.42 7.11
CA LEU A 68 -7.71 8.22 8.44
C LEU A 68 -9.08 7.53 8.44
N LYS A 69 -9.90 7.87 7.45
CA LYS A 69 -11.22 7.27 7.33
C LYS A 69 -11.08 5.84 6.80
N HIS A 70 -10.26 5.68 5.77
CA HIS A 70 -10.01 4.38 5.20
C HIS A 70 -9.34 3.47 6.21
N GLN A 71 -8.60 4.06 7.15
CA GLN A 71 -7.91 3.31 8.18
C GLN A 71 -8.92 2.50 8.99
N VAL A 72 -9.94 3.19 9.52
CA VAL A 72 -10.97 2.53 10.30
C VAL A 72 -11.65 1.46 9.46
N GLU A 73 -12.12 1.84 8.27
CA GLU A 73 -12.77 0.90 7.38
C GLU A 73 -11.84 -0.27 7.09
N TYR A 74 -10.54 0.03 7.01
CA TYR A 74 -9.55 -1.00 6.79
C TYR A 74 -9.60 -2.00 7.93
N ASP A 75 -9.91 -1.49 9.13
CA ASP A 75 -10.03 -2.32 10.31
C ASP A 75 -11.31 -3.13 10.26
N GLN A 76 -12.36 -2.56 9.69
CA GLN A 76 -13.64 -3.24 9.57
C GLN A 76 -13.53 -4.45 8.65
N LEU A 77 -12.66 -4.35 7.66
CA LEU A 77 -12.46 -5.44 6.70
C LEU A 77 -11.45 -6.45 7.23
N THR A 78 -10.47 -5.97 7.98
CA THR A 78 -9.45 -6.84 8.54
C THR A 78 -9.83 -7.31 9.94
N PRO A 79 -9.68 -8.62 10.22
CA PRO A 79 -10.03 -9.19 11.53
C PRO A 79 -9.32 -8.46 12.68
N ARG A 80 -10.07 -7.63 13.40
CA ARG A 80 -9.52 -6.88 14.52
C ARG A 80 -10.59 -6.07 15.23
N ASP B 1 -7.32 17.65 3.55
CA ASP B 1 -5.97 17.10 3.43
C ASP B 1 -5.99 15.58 3.53
N ASP B 2 -6.99 14.96 2.90
CA ASP B 2 -7.12 13.51 2.90
C ASP B 2 -6.75 12.92 1.55
N ASP B 3 -6.32 11.67 1.55
CA ASP B 3 -5.93 10.99 0.32
C ASP B 3 -4.76 11.70 -0.34
N ARG B 4 -3.75 12.05 0.45
CA ARG B 4 -2.57 12.74 -0.06
C ARG B 4 -1.35 11.82 -0.05
N TYR B 5 -1.21 11.05 1.03
CA TYR B 5 -0.08 10.14 1.16
C TYR B 5 -0.08 9.11 0.03
N LEU B 6 -1.27 8.67 -0.36
CA LEU B 6 -1.41 7.69 -1.42
C LEU B 6 -0.80 8.21 -2.72
N ARG B 7 -1.22 9.42 -3.12
CA ARG B 7 -0.71 10.03 -4.35
C ARG B 7 0.80 10.26 -4.26
N GLU B 8 1.28 10.55 -3.06
CA GLU B 8 2.70 10.79 -2.85
C GLU B 8 3.53 9.59 -3.28
N ALA B 9 3.24 8.43 -2.67
CA ALA B 9 3.96 7.20 -3.00
C ALA B 9 3.54 6.68 -4.37
N ILE B 10 2.23 6.64 -4.61
CA ILE B 10 1.70 6.17 -5.87
C ILE B 10 2.28 6.94 -7.05
N GLN B 11 2.14 8.27 -7.01
CA GLN B 11 2.66 9.11 -8.08
C GLN B 11 4.17 9.03 -8.15
N GLU B 12 4.82 8.89 -7.00
CA GLU B 12 6.27 8.78 -6.95
C GLU B 12 6.74 7.64 -7.85
N TYR B 13 6.01 6.54 -7.81
CA TYR B 13 6.32 5.39 -8.64
C TYR B 13 5.96 5.70 -10.08
N ASP B 14 4.88 6.48 -10.27
CA ASP B 14 4.45 6.86 -11.61
C ASP B 14 5.56 7.63 -12.30
N ASN B 15 6.34 8.38 -11.51
CA ASN B 15 7.45 9.15 -12.04
C ASN B 15 8.68 8.28 -12.24
N ILE B 16 8.84 7.28 -11.37
CA ILE B 16 9.98 6.38 -11.44
C ILE B 16 9.72 5.28 -12.46
N ALA B 17 8.85 4.34 -12.10
CA ALA B 17 8.53 3.22 -12.98
C ALA B 17 9.78 2.47 -13.43
N LYS B 18 10.10 1.40 -12.69
CA LYS B 18 11.27 0.59 -13.00
C LYS B 18 10.95 -0.44 -14.08
N MET A 1 7.35 16.21 7.10
CA MET A 1 8.44 15.57 6.33
C MET A 1 7.91 14.94 5.04
N ASP A 2 7.49 15.78 4.10
CA ASP A 2 6.96 15.30 2.83
C ASP A 2 8.03 14.54 2.05
N ARG A 3 7.62 13.94 0.93
CA ARG A 3 8.53 13.18 0.08
C ARG A 3 9.02 11.90 0.77
N LYS A 4 9.65 12.06 1.93
CA LYS A 4 10.17 10.91 2.69
C LYS A 4 9.09 9.86 2.90
N VAL A 5 7.83 10.31 3.01
CA VAL A 5 6.73 9.38 3.21
C VAL A 5 6.74 8.29 2.14
N ALA A 6 7.11 8.68 0.92
CA ALA A 6 7.19 7.75 -0.18
C ALA A 6 8.40 6.83 -0.03
N ARG A 7 9.49 7.38 0.51
CA ARG A 7 10.70 6.62 0.72
C ARG A 7 10.52 5.54 1.77
N GLU A 8 9.76 5.86 2.81
CA GLU A 8 9.49 4.92 3.88
C GLU A 8 8.55 3.82 3.41
N PHE A 9 7.51 4.21 2.68
CA PHE A 9 6.55 3.26 2.16
C PHE A 9 7.22 2.29 1.19
N ARG A 10 8.04 2.84 0.30
CA ARG A 10 8.75 2.04 -0.68
C ARG A 10 9.87 1.24 -0.02
N HIS A 11 10.64 1.91 0.84
CA HIS A 11 11.73 1.24 1.54
C HIS A 11 11.21 0.11 2.42
N LYS A 12 10.08 0.36 3.10
CA LYS A 12 9.48 -0.64 3.96
C LYS A 12 9.10 -1.89 3.15
N VAL A 13 8.34 -1.67 2.08
CA VAL A 13 7.90 -2.76 1.23
C VAL A 13 9.09 -3.58 0.75
N ASP A 14 10.20 -2.89 0.47
CA ASP A 14 11.41 -3.56 0.03
C ASP A 14 12.04 -4.35 1.16
N PHE A 15 11.83 -3.90 2.40
CA PHE A 15 12.36 -4.59 3.56
C PHE A 15 11.66 -5.92 3.77
N LEU A 16 10.39 -5.96 3.39
CA LEU A 16 9.59 -7.16 3.53
C LEU A 16 9.71 -8.05 2.31
N ILE A 17 9.48 -7.46 1.14
CA ILE A 17 9.56 -8.19 -0.12
C ILE A 17 10.97 -8.22 -0.64
N GLU A 18 11.54 -7.04 -0.86
CA GLU A 18 12.87 -6.92 -1.41
C GLU A 18 12.91 -7.44 -2.84
N ASN A 19 11.75 -7.82 -3.33
CA ASN A 19 11.62 -8.35 -4.68
C ASN A 19 11.12 -7.26 -5.63
N ASP A 20 10.98 -7.61 -6.91
CA ASP A 20 10.50 -6.66 -7.91
C ASP A 20 9.12 -7.05 -8.42
N ALA A 21 8.95 -8.33 -8.74
CA ALA A 21 7.68 -8.82 -9.25
C ALA A 21 6.55 -8.56 -8.25
N GLU A 22 6.84 -8.80 -6.98
CA GLU A 22 5.86 -8.58 -5.93
C GLU A 22 5.55 -7.10 -5.78
N LYS A 23 6.59 -6.27 -5.73
CA LYS A 23 6.42 -4.84 -5.62
C LYS A 23 5.68 -4.29 -6.84
N ASP A 24 5.91 -4.93 -7.98
CA ASP A 24 5.26 -4.53 -9.21
C ASP A 24 3.75 -4.66 -9.08
N TYR A 25 3.32 -5.84 -8.63
CA TYR A 25 1.89 -6.10 -8.44
C TYR A 25 1.34 -5.25 -7.31
N LEU A 26 2.05 -5.21 -6.19
CA LEU A 26 1.61 -4.40 -5.06
C LEU A 26 1.46 -2.97 -5.51
N TYR A 27 2.42 -2.51 -6.31
CA TYR A 27 2.36 -1.17 -6.86
C TYR A 27 1.13 -1.07 -7.74
N ASP A 28 0.76 -2.19 -8.38
CA ASP A 28 -0.41 -2.23 -9.23
C ASP A 28 -1.67 -2.20 -8.38
N VAL A 29 -1.61 -2.81 -7.19
CA VAL A 29 -2.76 -2.83 -6.29
C VAL A 29 -3.13 -1.41 -5.86
N LEU A 30 -2.16 -0.69 -5.31
CA LEU A 30 -2.38 0.68 -4.87
C LEU A 30 -2.75 1.56 -6.05
N ARG A 31 -2.19 1.24 -7.22
CA ARG A 31 -2.47 2.00 -8.43
C ARG A 31 -3.93 1.84 -8.84
N MET A 32 -4.45 0.62 -8.71
CA MET A 32 -5.83 0.35 -9.06
C MET A 32 -6.77 0.85 -7.96
N TYR A 33 -6.29 0.81 -6.72
CA TYR A 33 -7.06 1.27 -5.57
C TYR A 33 -7.30 2.77 -5.66
N HIS A 34 -6.36 3.49 -6.24
CA HIS A 34 -6.48 4.93 -6.39
C HIS A 34 -7.58 5.30 -7.37
N GLN A 35 -7.75 4.48 -8.40
CA GLN A 35 -8.76 4.72 -9.42
C GLN A 35 -10.14 4.30 -8.93
N THR A 36 -10.26 3.05 -8.51
CA THR A 36 -11.53 2.52 -8.03
C THR A 36 -11.85 3.03 -6.63
N MET A 37 -10.81 3.29 -5.84
CA MET A 37 -11.00 3.77 -4.47
C MET A 37 -11.74 2.73 -3.63
N ASP A 38 -11.39 1.47 -3.82
CA ASP A 38 -12.01 0.38 -3.08
C ASP A 38 -11.03 -0.25 -2.10
N VAL A 39 -11.27 -0.04 -0.81
CA VAL A 39 -10.41 -0.59 0.23
C VAL A 39 -10.48 -2.12 0.26
N ALA A 40 -11.59 -2.65 -0.22
CA ALA A 40 -11.78 -4.09 -0.25
C ALA A 40 -10.94 -4.72 -1.35
N VAL A 41 -10.65 -3.94 -2.38
CA VAL A 41 -9.85 -4.42 -3.50
C VAL A 41 -8.37 -4.43 -3.14
N LEU A 42 -7.91 -3.34 -2.53
CA LEU A 42 -6.50 -3.24 -2.15
C LEU A 42 -6.15 -4.28 -1.09
N VAL A 43 -7.08 -4.51 -0.16
CA VAL A 43 -6.86 -5.49 0.90
C VAL A 43 -6.83 -6.90 0.31
N GLY A 44 -7.74 -7.16 -0.63
CA GLY A 44 -7.80 -8.47 -1.26
C GLY A 44 -6.47 -8.86 -1.89
N ASP A 45 -5.95 -8.00 -2.75
CA ASP A 45 -4.68 -8.25 -3.41
C ASP A 45 -3.57 -8.41 -2.38
N LEU A 46 -3.54 -7.52 -1.40
CA LEU A 46 -2.54 -7.56 -0.35
C LEU A 46 -2.46 -8.96 0.26
N LYS A 47 -3.61 -9.60 0.41
CA LYS A 47 -3.67 -10.95 0.97
C LYS A 47 -3.04 -11.95 0.01
N LEU A 48 -3.47 -11.90 -1.25
CA LEU A 48 -2.96 -12.79 -2.27
C LEU A 48 -1.42 -12.76 -2.30
N VAL A 49 -0.87 -11.63 -1.88
CA VAL A 49 0.58 -11.47 -1.83
C VAL A 49 1.10 -11.68 -0.42
N ILE A 50 0.24 -11.40 0.56
CA ILE A 50 0.60 -11.57 1.97
C ILE A 50 -0.02 -12.84 2.55
N ASN A 51 -0.31 -13.79 1.68
CA ASN A 51 -0.89 -15.06 2.09
C ASN A 51 -0.12 -15.66 3.26
N GLU A 52 1.17 -15.34 3.35
CA GLU A 52 2.01 -15.84 4.42
C GLU A 52 2.11 -14.82 5.57
N PRO A 53 2.13 -15.30 6.82
CA PRO A 53 2.22 -14.42 8.00
C PRO A 53 3.46 -13.54 7.98
N SER A 54 4.46 -13.92 7.19
CA SER A 54 5.69 -13.17 7.09
C SER A 54 5.46 -11.78 6.49
N ARG A 55 4.59 -11.72 5.49
CA ARG A 55 4.28 -10.45 4.83
C ARG A 55 3.16 -9.70 5.54
N LEU A 56 2.74 -10.18 6.71
CA LEU A 56 1.69 -9.54 7.48
C LEU A 56 1.93 -8.03 7.65
N PRO A 57 3.12 -7.63 8.16
CA PRO A 57 3.47 -6.23 8.39
C PRO A 57 2.92 -5.28 7.33
N LEU A 58 2.77 -5.76 6.10
CA LEU A 58 2.25 -4.93 5.01
C LEU A 58 0.92 -4.28 5.38
N PHE A 59 0.02 -5.08 5.97
CA PHE A 59 -1.29 -4.58 6.37
C PHE A 59 -1.17 -3.40 7.35
N ASP A 60 -0.37 -3.58 8.39
CA ASP A 60 -0.16 -2.54 9.39
C ASP A 60 0.75 -1.45 8.84
N ALA A 61 1.57 -1.81 7.87
CA ALA A 61 2.49 -0.87 7.25
C ALA A 61 1.75 0.19 6.43
N ILE A 62 0.86 -0.28 5.56
CA ILE A 62 0.09 0.60 4.68
C ILE A 62 -1.03 1.35 5.41
N ARG A 63 -1.65 0.70 6.38
CA ARG A 63 -2.75 1.29 7.13
C ARG A 63 -2.47 2.75 7.53
N PRO A 64 -1.35 3.01 8.20
CA PRO A 64 -0.99 4.36 8.66
C PRO A 64 -1.14 5.43 7.58
N LEU A 65 -0.54 5.20 6.42
CA LEU A 65 -0.61 6.15 5.32
C LEU A 65 -2.03 6.28 4.76
N ILE A 66 -2.82 5.23 4.91
CA ILE A 66 -4.19 5.24 4.41
C ILE A 66 -5.07 6.17 5.24
N PRO A 67 -5.98 6.93 4.58
CA PRO A 67 -6.89 7.87 5.24
C PRO A 67 -7.41 7.35 6.56
N LEU A 68 -7.43 8.25 7.51
CA LEU A 68 -7.89 7.99 8.85
C LEU A 68 -9.26 7.31 8.84
N LYS A 69 -10.12 7.72 7.91
CA LYS A 69 -11.45 7.14 7.80
C LYS A 69 -11.34 5.73 7.22
N HIS A 70 -10.53 5.60 6.18
CA HIS A 70 -10.32 4.30 5.54
C HIS A 70 -9.60 3.35 6.50
N GLN A 71 -8.85 3.93 7.43
CA GLN A 71 -8.13 3.13 8.42
C GLN A 71 -9.11 2.32 9.24
N VAL A 72 -10.10 2.99 9.81
CA VAL A 72 -11.13 2.33 10.61
C VAL A 72 -11.84 1.27 9.76
N GLU A 73 -12.29 1.68 8.58
CA GLU A 73 -12.97 0.76 7.67
C GLU A 73 -12.05 -0.40 7.35
N TYR A 74 -10.75 -0.09 7.23
CA TYR A 74 -9.76 -1.12 6.96
C TYR A 74 -9.83 -2.15 8.07
N ASP A 75 -10.14 -1.67 9.27
CA ASP A 75 -10.27 -2.54 10.43
C ASP A 75 -11.55 -3.35 10.33
N GLN A 76 -12.65 -2.68 10.04
CA GLN A 76 -13.95 -3.35 9.92
C GLN A 76 -13.98 -4.28 8.71
N LEU A 77 -13.03 -4.10 7.78
CA LEU A 77 -12.97 -4.91 6.58
C LEU A 77 -11.95 -6.04 6.70
N THR A 78 -10.79 -5.73 7.24
CA THR A 78 -9.73 -6.73 7.37
C THR A 78 -9.85 -7.53 8.67
N PRO A 79 -9.50 -6.93 9.83
CA PRO A 79 -9.59 -7.62 11.13
C PRO A 79 -11.03 -7.77 11.62
N ARG A 80 -11.99 -7.24 10.85
CA ARG A 80 -13.39 -7.32 11.22
C ARG A 80 -13.69 -6.41 12.41
N ASP B 1 -8.10 16.04 3.33
CA ASP B 1 -7.08 15.78 2.31
C ASP B 1 -6.19 14.61 2.73
N ASP B 2 -6.79 13.43 2.85
CA ASP B 2 -6.05 12.23 3.24
C ASP B 2 -5.70 11.39 2.02
N ASP B 3 -5.69 12.03 0.87
CA ASP B 3 -5.37 11.37 -0.38
C ASP B 3 -4.05 11.87 -0.95
N ARG B 4 -3.17 12.33 -0.06
CA ARG B 4 -1.86 12.85 -0.47
C ARG B 4 -0.80 11.77 -0.34
N TYR B 5 -0.94 10.91 0.66
CA TYR B 5 0.02 9.83 0.89
C TYR B 5 0.02 8.86 -0.28
N LEU B 6 -1.17 8.48 -0.73
CA LEU B 6 -1.31 7.55 -1.85
C LEU B 6 -0.65 8.13 -3.10
N ARG B 7 -1.01 9.35 -3.45
CA ARG B 7 -0.44 10.01 -4.63
C ARG B 7 1.07 10.14 -4.49
N GLU B 8 1.55 10.32 -3.26
CA GLU B 8 2.97 10.46 -3.00
C GLU B 8 3.74 9.23 -3.47
N ALA B 9 3.37 8.07 -2.93
CA ALA B 9 4.03 6.82 -3.30
C ALA B 9 3.64 6.39 -4.70
N ILE B 10 2.37 6.53 -5.02
CA ILE B 10 1.87 6.16 -6.34
C ILE B 10 2.61 6.92 -7.45
N GLN B 11 2.60 8.25 -7.35
CA GLN B 11 3.27 9.08 -8.34
C GLN B 11 4.77 8.84 -8.32
N GLU B 12 5.31 8.58 -7.13
CA GLU B 12 6.73 8.31 -7.00
C GLU B 12 7.14 7.17 -7.90
N TYR B 13 6.29 6.15 -7.96
CA TYR B 13 6.54 5.00 -8.81
C TYR B 13 6.34 5.39 -10.26
N ASP B 14 5.38 6.29 -10.49
CA ASP B 14 5.11 6.77 -11.85
C ASP B 14 6.37 7.42 -12.43
N ASN B 15 7.17 8.02 -11.55
CA ASN B 15 8.40 8.67 -11.96
C ASN B 15 9.52 7.65 -12.11
N ILE B 16 9.51 6.63 -11.25
CA ILE B 16 10.53 5.59 -11.30
C ILE B 16 10.36 4.72 -12.54
N ALA B 17 9.13 4.51 -12.95
CA ALA B 17 8.83 3.70 -14.13
C ALA B 17 8.85 4.54 -15.40
N LYS B 18 9.96 5.25 -15.61
CA LYS B 18 10.11 6.10 -16.79
C LYS B 18 10.42 5.26 -18.02
N MET A 1 9.03 15.88 5.00
CA MET A 1 8.42 16.51 3.80
C MET A 1 7.77 15.46 2.89
N ASP A 2 7.13 15.92 1.82
CA ASP A 2 6.47 15.03 0.89
C ASP A 2 7.47 14.44 -0.10
N ARG A 3 8.11 13.34 0.30
CA ARG A 3 9.09 12.67 -0.56
C ARG A 3 9.66 11.44 0.13
N LYS A 4 9.86 11.53 1.44
CA LYS A 4 10.39 10.41 2.22
C LYS A 4 9.34 9.32 2.39
N VAL A 5 8.07 9.73 2.46
CA VAL A 5 6.99 8.78 2.62
C VAL A 5 7.07 7.70 1.55
N ALA A 6 7.54 8.08 0.37
CA ALA A 6 7.70 7.15 -0.74
C ALA A 6 8.88 6.23 -0.49
N ARG A 7 9.95 6.78 0.06
CA ARG A 7 11.14 6.00 0.35
C ARG A 7 10.88 4.98 1.44
N GLU A 8 10.05 5.37 2.42
CA GLU A 8 9.70 4.48 3.52
C GLU A 8 8.76 3.38 3.05
N PHE A 9 7.73 3.77 2.30
CA PHE A 9 6.76 2.81 1.78
C PHE A 9 7.45 1.84 0.82
N ARG A 10 8.36 2.38 0.00
CA ARG A 10 9.08 1.57 -0.95
C ARG A 10 10.13 0.71 -0.25
N HIS A 11 10.89 1.34 0.64
CA HIS A 11 11.93 0.64 1.39
C HIS A 11 11.32 -0.45 2.25
N LYS A 12 10.18 -0.15 2.86
CA LYS A 12 9.48 -1.11 3.72
C LYS A 12 9.08 -2.34 2.91
N VAL A 13 8.39 -2.10 1.79
CA VAL A 13 7.95 -3.19 0.93
C VAL A 13 9.12 -4.08 0.56
N ASP A 14 10.27 -3.46 0.32
CA ASP A 14 11.47 -4.21 -0.04
C ASP A 14 12.05 -4.95 1.16
N PHE A 15 11.79 -4.42 2.36
CA PHE A 15 12.29 -5.03 3.59
C PHE A 15 11.56 -6.33 3.87
N LEU A 16 10.30 -6.40 3.45
CA LEU A 16 9.49 -7.59 3.67
C LEU A 16 9.56 -8.53 2.48
N ILE A 17 9.38 -7.97 1.28
CA ILE A 17 9.43 -8.76 0.06
C ILE A 17 10.84 -8.82 -0.50
N GLU A 18 11.40 -7.66 -0.78
CA GLU A 18 12.72 -7.57 -1.35
C GLU A 18 12.71 -8.04 -2.79
N ASN A 19 11.53 -8.41 -3.22
CA ASN A 19 11.31 -8.89 -4.57
C ASN A 19 10.82 -7.76 -5.47
N ASP A 20 10.79 -8.00 -6.77
CA ASP A 20 10.35 -7.00 -7.73
C ASP A 20 8.93 -7.29 -8.23
N ALA A 21 8.69 -8.54 -8.61
CA ALA A 21 7.38 -8.94 -9.11
C ALA A 21 6.29 -8.66 -8.09
N GLU A 22 6.61 -8.89 -6.83
CA GLU A 22 5.64 -8.68 -5.75
C GLU A 22 5.35 -7.19 -5.56
N LYS A 23 6.39 -6.38 -5.52
CA LYS A 23 6.21 -4.94 -5.36
C LYS A 23 5.53 -4.37 -6.60
N ASP A 24 5.76 -5.01 -7.74
CA ASP A 24 5.15 -4.57 -8.98
C ASP A 24 3.64 -4.68 -8.87
N TYR A 25 3.17 -5.84 -8.43
CA TYR A 25 1.74 -6.08 -8.27
C TYR A 25 1.19 -5.21 -7.16
N LEU A 26 1.87 -5.19 -6.01
CA LEU A 26 1.43 -4.37 -4.91
C LEU A 26 1.35 -2.92 -5.38
N TYR A 27 2.33 -2.53 -6.19
CA TYR A 27 2.34 -1.19 -6.76
C TYR A 27 1.08 -1.02 -7.61
N ASP A 28 0.66 -2.11 -8.24
CA ASP A 28 -0.54 -2.09 -9.07
C ASP A 28 -1.78 -2.00 -8.20
N VAL A 29 -1.73 -2.66 -7.03
CA VAL A 29 -2.85 -2.63 -6.11
C VAL A 29 -3.12 -1.22 -5.61
N LEU A 30 -2.04 -0.54 -5.22
CA LEU A 30 -2.15 0.84 -4.74
C LEU A 30 -2.68 1.74 -5.85
N ARG A 31 -2.18 1.51 -7.06
CA ARG A 31 -2.61 2.29 -8.23
C ARG A 31 -4.12 2.23 -8.38
N MET A 32 -4.68 1.05 -8.15
CA MET A 32 -6.12 0.85 -8.25
C MET A 32 -6.84 1.66 -7.17
N TYR A 33 -6.37 1.51 -5.92
CA TYR A 33 -6.96 2.23 -4.81
C TYR A 33 -6.96 3.74 -5.05
N HIS A 34 -6.04 4.20 -5.88
CA HIS A 34 -5.95 5.62 -6.19
C HIS A 34 -7.08 6.06 -7.12
N GLN A 35 -7.30 5.30 -8.17
CA GLN A 35 -8.34 5.62 -9.15
C GLN A 35 -9.74 5.23 -8.67
N THR A 36 -9.95 3.93 -8.44
CA THR A 36 -11.25 3.43 -8.01
C THR A 36 -11.50 3.68 -6.53
N MET A 37 -10.44 3.69 -5.73
CA MET A 37 -10.58 3.91 -4.29
C MET A 37 -11.38 2.79 -3.64
N ASP A 38 -10.99 1.56 -3.94
CA ASP A 38 -11.67 0.39 -3.38
C ASP A 38 -10.82 -0.27 -2.29
N VAL A 39 -11.26 -0.13 -1.05
CA VAL A 39 -10.55 -0.72 0.09
C VAL A 39 -10.74 -2.22 0.15
N ALA A 40 -11.85 -2.70 -0.39
CA ALA A 40 -12.15 -4.12 -0.39
C ALA A 40 -11.22 -4.85 -1.35
N VAL A 41 -10.80 -4.16 -2.39
CA VAL A 41 -9.91 -4.74 -3.38
C VAL A 41 -8.47 -4.74 -2.85
N LEU A 42 -8.06 -3.61 -2.27
CA LEU A 42 -6.71 -3.48 -1.73
C LEU A 42 -6.44 -4.58 -0.71
N VAL A 43 -7.41 -4.84 0.16
CA VAL A 43 -7.28 -5.86 1.19
C VAL A 43 -7.11 -7.24 0.57
N GLY A 44 -8.01 -7.58 -0.36
CA GLY A 44 -7.95 -8.87 -1.01
C GLY A 44 -6.60 -9.13 -1.64
N ASP A 45 -6.14 -8.20 -2.47
CA ASP A 45 -4.85 -8.33 -3.14
C ASP A 45 -3.73 -8.42 -2.11
N LEU A 46 -3.82 -7.57 -1.07
CA LEU A 46 -2.81 -7.56 -0.02
C LEU A 46 -2.62 -8.96 0.55
N LYS A 47 -3.71 -9.72 0.63
CA LYS A 47 -3.66 -11.08 1.14
C LYS A 47 -2.93 -11.99 0.16
N LEU A 48 -3.36 -11.94 -1.10
CA LEU A 48 -2.75 -12.75 -2.14
C LEU A 48 -1.23 -12.57 -2.15
N VAL A 49 -0.78 -11.42 -1.69
CA VAL A 49 0.64 -11.12 -1.63
C VAL A 49 1.17 -11.31 -0.20
N ILE A 50 0.28 -11.13 0.77
CA ILE A 50 0.64 -11.29 2.17
C ILE A 50 0.13 -12.61 2.73
N ASN A 51 -0.07 -13.58 1.85
CA ASN A 51 -0.55 -14.90 2.24
C ASN A 51 0.22 -15.42 3.45
N GLU A 52 1.47 -14.99 3.58
CA GLU A 52 2.32 -15.42 4.69
C GLU A 52 2.33 -14.35 5.79
N PRO A 53 2.62 -14.75 7.04
CA PRO A 53 2.66 -13.83 8.18
C PRO A 53 3.84 -12.85 8.10
N SER A 54 4.88 -13.23 7.36
CA SER A 54 6.05 -12.39 7.22
C SER A 54 5.70 -11.04 6.58
N ARG A 55 4.76 -11.08 5.64
CA ARG A 55 4.33 -9.86 4.95
C ARG A 55 3.21 -9.15 5.70
N LEU A 56 2.99 -9.53 6.96
CA LEU A 56 1.94 -8.92 7.78
C LEU A 56 2.11 -7.41 7.89
N PRO A 57 3.35 -6.93 8.17
CA PRO A 57 3.63 -5.49 8.31
C PRO A 57 2.98 -4.63 7.23
N LEU A 58 2.72 -5.21 6.07
CA LEU A 58 2.09 -4.48 4.97
C LEU A 58 0.80 -3.81 5.42
N PHE A 59 -0.06 -4.56 6.09
CA PHE A 59 -1.34 -4.03 6.56
C PHE A 59 -1.13 -2.76 7.39
N ASP A 60 -0.23 -2.83 8.36
CA ASP A 60 0.05 -1.69 9.21
C ASP A 60 0.88 -0.65 8.46
N ALA A 61 1.61 -1.12 7.45
CA ALA A 61 2.44 -0.24 6.64
C ALA A 61 1.61 0.73 5.80
N ILE A 62 0.62 0.17 5.10
CA ILE A 62 -0.25 0.96 4.22
C ILE A 62 -1.27 1.79 5.01
N ARG A 63 -1.77 1.24 6.11
CA ARG A 63 -2.77 1.93 6.93
C ARG A 63 -2.46 3.41 7.13
N PRO A 64 -1.26 3.75 7.61
CA PRO A 64 -0.86 5.14 7.85
C PRO A 64 -1.28 6.10 6.74
N LEU A 65 -0.91 5.77 5.50
CA LEU A 65 -1.26 6.62 4.36
C LEU A 65 -2.74 6.46 4.01
N ILE A 66 -3.32 5.32 4.34
CA ILE A 66 -4.72 5.05 4.06
C ILE A 66 -5.63 5.94 4.91
N PRO A 67 -6.61 6.62 4.27
CA PRO A 67 -7.55 7.51 4.95
C PRO A 67 -8.00 6.96 6.28
N LEU A 68 -8.08 7.86 7.23
CA LEU A 68 -8.48 7.57 8.58
C LEU A 68 -9.78 6.78 8.62
N LYS A 69 -10.77 7.21 7.82
CA LYS A 69 -12.04 6.52 7.77
C LYS A 69 -11.87 5.14 7.14
N HIS A 70 -11.08 5.09 6.07
CA HIS A 70 -10.81 3.83 5.38
C HIS A 70 -10.00 2.90 6.26
N GLN A 71 -9.23 3.47 7.18
CA GLN A 71 -8.42 2.68 8.09
C GLN A 71 -9.31 1.82 8.97
N VAL A 72 -10.35 2.43 9.52
CA VAL A 72 -11.30 1.73 10.37
C VAL A 72 -11.99 0.64 9.57
N GLU A 73 -12.61 1.03 8.45
CA GLU A 73 -13.29 0.07 7.60
C GLU A 73 -12.31 -1.00 7.13
N TYR A 74 -11.06 -0.57 6.92
CA TYR A 74 -10.01 -1.49 6.51
C TYR A 74 -9.85 -2.55 7.58
N ASP A 75 -10.07 -2.14 8.84
CA ASP A 75 -9.97 -3.06 9.96
C ASP A 75 -11.16 -4.01 9.97
N GLN A 76 -12.33 -3.49 9.64
CA GLN A 76 -13.55 -4.29 9.60
C GLN A 76 -13.48 -5.34 8.49
N LEU A 77 -12.69 -5.07 7.46
CA LEU A 77 -12.55 -5.98 6.33
C LEU A 77 -11.44 -7.00 6.57
N THR A 78 -10.41 -6.62 7.31
CA THR A 78 -9.29 -7.52 7.59
C THR A 78 -9.77 -8.91 7.99
N PRO A 79 -10.56 -9.01 9.05
CA PRO A 79 -11.10 -10.28 9.55
C PRO A 79 -12.22 -10.82 8.67
N ARG A 80 -12.87 -11.88 9.12
CA ARG A 80 -13.97 -12.49 8.39
C ARG A 80 -15.25 -11.69 8.57
N ASP B 1 -3.57 15.44 6.94
CA ASP B 1 -3.14 15.58 5.55
C ASP B 1 -3.53 14.35 4.74
N ASP B 2 -4.83 14.04 4.72
CA ASP B 2 -5.32 12.88 3.98
C ASP B 2 -5.37 13.17 2.49
N ASP B 3 -5.38 12.12 1.69
CA ASP B 3 -5.42 12.26 0.24
C ASP B 3 -4.21 13.04 -0.27
N ARG B 4 -3.03 12.71 0.28
CA ARG B 4 -1.80 13.37 -0.12
C ARG B 4 -0.63 12.40 -0.12
N TYR B 5 -0.53 11.60 0.93
CA TYR B 5 0.55 10.62 1.05
C TYR B 5 0.38 9.49 0.03
N LEU B 6 -0.87 9.18 -0.30
CA LEU B 6 -1.16 8.12 -1.26
C LEU B 6 -0.65 8.49 -2.65
N ARG B 7 -1.04 9.67 -3.12
CA ARG B 7 -0.61 10.14 -4.43
C ARG B 7 0.87 10.46 -4.44
N GLU B 8 1.38 10.92 -3.31
CA GLU B 8 2.80 11.28 -3.18
C GLU B 8 3.69 10.08 -3.52
N ALA B 9 3.50 8.99 -2.79
CA ALA B 9 4.29 7.78 -3.02
C ALA B 9 3.90 7.12 -4.33
N ILE B 10 2.61 7.09 -4.61
CA ILE B 10 2.10 6.50 -5.84
C ILE B 10 2.75 7.14 -7.07
N GLN B 11 2.65 8.46 -7.17
CA GLN B 11 3.24 9.18 -8.30
C GLN B 11 4.74 9.01 -8.31
N GLU B 12 5.34 8.96 -7.13
CA GLU B 12 6.78 8.80 -7.01
C GLU B 12 7.22 7.57 -7.81
N TYR B 13 6.46 6.50 -7.67
CA TYR B 13 6.75 5.27 -8.39
C TYR B 13 6.45 5.46 -9.87
N ASP B 14 5.43 6.27 -10.16
CA ASP B 14 5.06 6.55 -11.54
C ASP B 14 6.23 7.21 -12.26
N ASN B 15 7.03 7.97 -11.51
CA ASN B 15 8.19 8.65 -12.06
C ASN B 15 9.37 7.69 -12.15
N ILE B 16 9.46 6.76 -11.19
CA ILE B 16 10.55 5.80 -11.17
C ILE B 16 10.37 4.75 -12.26
N ALA B 17 9.12 4.39 -12.52
CA ALA B 17 8.81 3.39 -13.55
C ALA B 17 8.40 4.06 -14.85
N LYS B 18 9.02 5.20 -15.14
CA LYS B 18 8.71 5.94 -16.37
C LYS B 18 9.04 5.10 -17.61
N MET A 1 7.69 14.84 5.78
CA MET A 1 7.49 15.71 4.59
C MET A 1 6.69 14.99 3.51
N ASP A 2 6.57 15.62 2.35
CA ASP A 2 5.83 15.03 1.24
C ASP A 2 6.77 14.37 0.24
N ARG A 3 7.88 13.83 0.75
CA ARG A 3 8.86 13.16 -0.09
C ARG A 3 9.37 11.89 0.57
N LYS A 4 9.73 12.00 1.85
CA LYS A 4 10.23 10.85 2.61
C LYS A 4 9.17 9.78 2.75
N VAL A 5 7.91 10.19 2.82
CA VAL A 5 6.81 9.25 2.95
C VAL A 5 6.90 8.19 1.86
N ALA A 6 7.38 8.58 0.69
CA ALA A 6 7.53 7.67 -0.42
C ALA A 6 8.71 6.73 -0.19
N ARG A 7 9.79 7.28 0.36
CA ARG A 7 10.99 6.49 0.63
C ARG A 7 10.75 5.48 1.74
N GLU A 8 10.03 5.90 2.78
CA GLU A 8 9.74 5.02 3.91
C GLU A 8 8.72 3.96 3.52
N PHE A 9 7.80 4.33 2.62
CA PHE A 9 6.78 3.39 2.16
C PHE A 9 7.39 2.40 1.18
N ARG A 10 8.25 2.89 0.31
CA ARG A 10 8.92 2.04 -0.68
C ARG A 10 10.00 1.20 -0.01
N HIS A 11 10.76 1.82 0.89
CA HIS A 11 11.82 1.11 1.59
C HIS A 11 11.25 0.03 2.49
N LYS A 12 10.19 0.37 3.22
CA LYS A 12 9.55 -0.58 4.12
C LYS A 12 9.06 -1.79 3.33
N VAL A 13 8.21 -1.55 2.34
CA VAL A 13 7.68 -2.62 1.50
C VAL A 13 8.81 -3.45 0.92
N ASP A 14 9.91 -2.79 0.56
CA ASP A 14 11.06 -3.47 0.00
C ASP A 14 11.71 -4.38 1.05
N PHE A 15 11.62 -3.95 2.31
CA PHE A 15 12.19 -4.73 3.41
C PHE A 15 11.41 -6.01 3.62
N LEU A 16 10.10 -5.94 3.36
CA LEU A 16 9.23 -7.09 3.52
C LEU A 16 9.29 -8.01 2.30
N ILE A 17 9.11 -7.43 1.13
CA ILE A 17 9.14 -8.18 -0.12
C ILE A 17 10.54 -8.55 -0.52
N GLU A 18 11.39 -7.54 -0.66
CA GLU A 18 12.75 -7.75 -1.08
C GLU A 18 12.80 -8.30 -2.50
N ASN A 19 11.63 -8.39 -3.09
CA ASN A 19 11.48 -8.89 -4.45
C ASN A 19 11.10 -7.77 -5.41
N ASP A 20 10.77 -8.14 -6.64
CA ASP A 20 10.37 -7.16 -7.65
C ASP A 20 8.99 -7.49 -8.21
N ALA A 21 8.78 -8.76 -8.55
CA ALA A 21 7.49 -9.19 -9.09
C ALA A 21 6.36 -8.91 -8.11
N GLU A 22 6.62 -9.17 -6.82
CA GLU A 22 5.64 -8.94 -5.79
C GLU A 22 5.36 -7.45 -5.63
N LYS A 23 6.42 -6.66 -5.57
CA LYS A 23 6.29 -5.22 -5.44
C LYS A 23 5.60 -4.64 -6.67
N ASP A 24 5.82 -5.27 -7.81
CA ASP A 24 5.20 -4.83 -9.05
C ASP A 24 3.69 -4.92 -8.92
N TYR A 25 3.21 -6.07 -8.46
CA TYR A 25 1.78 -6.29 -8.28
C TYR A 25 1.24 -5.41 -7.18
N LEU A 26 1.94 -5.36 -6.05
CA LEU A 26 1.50 -4.52 -4.95
C LEU A 26 1.39 -3.09 -5.44
N TYR A 27 2.40 -2.66 -6.20
CA TYR A 27 2.37 -1.34 -6.78
C TYR A 27 1.15 -1.22 -7.69
N ASP A 28 0.79 -2.35 -8.32
CA ASP A 28 -0.38 -2.39 -9.19
C ASP A 28 -1.65 -2.33 -8.37
N VAL A 29 -1.61 -2.91 -7.16
CA VAL A 29 -2.78 -2.91 -6.28
C VAL A 29 -3.05 -1.51 -5.75
N LEU A 30 -1.99 -0.84 -5.29
CA LEU A 30 -2.12 0.51 -4.76
C LEU A 30 -2.56 1.47 -5.87
N ARG A 31 -2.09 1.19 -7.09
CA ARG A 31 -2.43 2.01 -8.24
C ARG A 31 -3.92 1.91 -8.56
N MET A 32 -4.42 0.68 -8.58
CA MET A 32 -5.84 0.44 -8.86
C MET A 32 -6.70 0.94 -7.72
N TYR A 33 -6.17 0.84 -6.50
CA TYR A 33 -6.90 1.28 -5.31
C TYR A 33 -7.17 2.78 -5.39
N HIS A 34 -6.17 3.54 -5.82
CA HIS A 34 -6.30 4.99 -5.93
C HIS A 34 -7.22 5.36 -7.09
N GLN A 35 -7.25 4.52 -8.12
CA GLN A 35 -8.08 4.76 -9.29
C GLN A 35 -9.55 4.51 -8.98
N THR A 36 -9.86 3.29 -8.58
CA THR A 36 -11.23 2.92 -8.25
C THR A 36 -11.63 3.43 -6.86
N MET A 37 -10.63 3.67 -6.02
CA MET A 37 -10.89 4.15 -4.67
C MET A 37 -11.63 3.10 -3.83
N ASP A 38 -11.28 1.84 -4.05
CA ASP A 38 -11.91 0.74 -3.32
C ASP A 38 -10.94 0.12 -2.33
N VAL A 39 -11.21 0.32 -1.04
CA VAL A 39 -10.36 -0.22 0.02
C VAL A 39 -10.54 -1.74 0.13
N ALA A 40 -11.70 -2.23 -0.28
CA ALA A 40 -11.99 -3.66 -0.24
C ALA A 40 -11.19 -4.40 -1.30
N VAL A 41 -10.82 -3.67 -2.36
CA VAL A 41 -10.06 -4.26 -3.45
C VAL A 41 -8.58 -4.39 -3.07
N LEU A 42 -8.03 -3.32 -2.50
CA LEU A 42 -6.63 -3.33 -2.09
C LEU A 42 -6.39 -4.37 -1.01
N VAL A 43 -7.34 -4.50 -0.09
CA VAL A 43 -7.22 -5.47 0.98
C VAL A 43 -7.20 -6.89 0.43
N GLY A 44 -8.07 -7.16 -0.54
CA GLY A 44 -8.12 -8.48 -1.14
C GLY A 44 -6.80 -8.88 -1.74
N ASP A 45 -6.28 -8.05 -2.64
CA ASP A 45 -5.00 -8.32 -3.30
C ASP A 45 -3.89 -8.44 -2.27
N LEU A 46 -3.88 -7.53 -1.29
CA LEU A 46 -2.88 -7.53 -0.24
C LEU A 46 -2.76 -8.91 0.38
N LYS A 47 -3.89 -9.55 0.64
CA LYS A 47 -3.90 -10.89 1.24
C LYS A 47 -3.30 -11.90 0.27
N LEU A 48 -3.76 -11.87 -0.99
CA LEU A 48 -3.27 -12.78 -2.01
C LEU A 48 -1.75 -12.74 -2.07
N VAL A 49 -1.18 -11.61 -1.68
CA VAL A 49 0.27 -11.44 -1.67
C VAL A 49 0.82 -11.65 -0.26
N ILE A 50 -0.02 -11.38 0.73
CA ILE A 50 0.37 -11.54 2.12
C ILE A 50 -0.22 -12.82 2.72
N ASN A 51 -0.52 -13.77 1.85
CA ASN A 51 -1.08 -15.05 2.27
C ASN A 51 -0.30 -15.63 3.44
N GLU A 52 0.98 -15.30 3.51
CA GLU A 52 1.84 -15.78 4.58
C GLU A 52 1.99 -14.72 5.68
N PRO A 53 2.00 -15.13 6.95
CA PRO A 53 2.13 -14.22 8.09
C PRO A 53 3.39 -13.36 8.00
N SER A 54 4.39 -13.84 7.27
CA SER A 54 5.65 -13.12 7.12
C SER A 54 5.43 -11.73 6.52
N ARG A 55 4.49 -11.64 5.59
CA ARG A 55 4.20 -10.36 4.93
C ARG A 55 3.16 -9.55 5.72
N LEU A 56 2.94 -9.91 6.98
CA LEU A 56 1.98 -9.20 7.82
C LEU A 56 2.25 -7.69 7.83
N PRO A 57 3.51 -7.27 8.03
CA PRO A 57 3.88 -5.85 8.08
C PRO A 57 3.19 -5.01 7.00
N LEU A 58 2.88 -5.64 5.86
CA LEU A 58 2.23 -4.93 4.77
C LEU A 58 0.91 -4.30 5.21
N PHE A 59 0.23 -4.96 6.14
CA PHE A 59 -1.04 -4.46 6.66
C PHE A 59 -0.83 -3.23 7.53
N ASP A 60 0.14 -3.31 8.45
CA ASP A 60 0.44 -2.21 9.34
C ASP A 60 1.19 -1.10 8.61
N ALA A 61 1.92 -1.48 7.57
CA ALA A 61 2.70 -0.53 6.78
C ALA A 61 1.79 0.42 5.99
N ILE A 62 0.83 -0.16 5.27
CA ILE A 62 -0.09 0.62 4.45
C ILE A 62 -1.16 1.32 5.29
N ARG A 63 -1.58 0.69 6.38
CA ARG A 63 -2.61 1.25 7.25
C ARG A 63 -2.41 2.74 7.54
N PRO A 64 -1.22 3.16 8.00
CA PRO A 64 -0.95 4.57 8.32
C PRO A 64 -1.16 5.53 7.14
N LEU A 65 -0.53 5.23 6.02
CA LEU A 65 -0.66 6.09 4.84
C LEU A 65 -2.07 6.05 4.26
N ILE A 66 -2.90 5.13 4.74
CA ILE A 66 -4.27 5.02 4.26
C ILE A 66 -5.20 5.97 5.02
N PRO A 67 -6.21 6.53 4.33
CA PRO A 67 -7.18 7.46 4.94
C PRO A 67 -7.63 7.03 6.31
N LEU A 68 -7.70 8.02 7.18
CA LEU A 68 -8.12 7.83 8.55
C LEU A 68 -9.42 7.04 8.64
N LYS A 69 -10.37 7.37 7.76
CA LYS A 69 -11.65 6.66 7.74
C LYS A 69 -11.45 5.27 7.17
N HIS A 70 -10.58 5.17 6.17
CA HIS A 70 -10.29 3.88 5.55
C HIS A 70 -9.56 2.97 6.52
N GLN A 71 -8.86 3.57 7.48
CA GLN A 71 -8.13 2.80 8.48
C GLN A 71 -9.10 1.94 9.28
N VAL A 72 -10.15 2.57 9.79
CA VAL A 72 -11.16 1.85 10.56
C VAL A 72 -11.80 0.78 9.70
N GLU A 73 -12.28 1.18 8.51
CA GLU A 73 -12.89 0.24 7.59
C GLU A 73 -11.91 -0.86 7.24
N TYR A 74 -10.63 -0.48 7.19
CA TYR A 74 -9.57 -1.44 6.90
C TYR A 74 -9.57 -2.50 7.99
N ASP A 75 -9.91 -2.07 9.20
CA ASP A 75 -9.98 -2.97 10.34
C ASP A 75 -11.20 -3.88 10.23
N GLN A 76 -12.32 -3.30 9.78
CA GLN A 76 -13.56 -4.05 9.62
C GLN A 76 -13.42 -5.11 8.52
N LEU A 77 -12.54 -4.85 7.56
CA LEU A 77 -12.35 -5.76 6.44
C LEU A 77 -11.30 -6.83 6.76
N THR A 78 -10.35 -6.50 7.62
CA THR A 78 -9.29 -7.44 7.99
C THR A 78 -9.85 -8.82 8.32
N PRO A 79 -10.79 -8.89 9.28
CA PRO A 79 -11.41 -10.15 9.70
C PRO A 79 -12.47 -10.62 8.70
N ARG A 80 -12.82 -11.90 8.79
CA ARG A 80 -13.81 -12.48 7.90
C ARG A 80 -15.18 -11.83 8.11
N ASP B 1 -10.13 15.23 2.77
CA ASP B 1 -8.73 15.59 2.95
C ASP B 1 -7.87 14.36 3.16
N ASP B 2 -8.25 13.27 2.51
CA ASP B 2 -7.51 12.01 2.64
C ASP B 2 -6.99 11.55 1.27
N ASP B 3 -6.32 10.41 1.26
CA ASP B 3 -5.77 9.86 0.02
C ASP B 3 -4.77 10.84 -0.60
N ARG B 4 -4.13 11.65 0.24
CA ARG B 4 -3.16 12.62 -0.23
C ARG B 4 -1.75 12.02 -0.27
N TYR B 5 -1.47 11.13 0.69
CA TYR B 5 -0.17 10.48 0.77
C TYR B 5 -0.02 9.44 -0.34
N LEU B 6 -1.14 8.79 -0.68
CA LEU B 6 -1.13 7.78 -1.72
C LEU B 6 -0.63 8.35 -3.04
N ARG B 7 -1.18 9.48 -3.44
CA ARG B 7 -0.78 10.14 -4.68
C ARG B 7 0.70 10.46 -4.66
N GLU B 8 1.22 10.79 -3.48
CA GLU B 8 2.64 11.11 -3.33
C GLU B 8 3.50 9.93 -3.74
N ALA B 9 3.30 8.79 -3.09
CA ALA B 9 4.07 7.59 -3.40
C ALA B 9 3.73 7.08 -4.79
N ILE B 10 2.45 7.19 -5.15
CA ILE B 10 1.98 6.75 -6.45
C ILE B 10 2.71 7.48 -7.57
N GLN B 11 2.67 8.80 -7.55
CA GLN B 11 3.34 9.61 -8.55
C GLN B 11 4.84 9.39 -8.52
N GLU B 12 5.38 9.19 -7.32
CA GLU B 12 6.81 8.95 -7.15
C GLU B 12 7.23 7.79 -8.04
N TYR B 13 6.42 6.75 -8.04
CA TYR B 13 6.70 5.57 -8.86
C TYR B 13 6.49 5.92 -10.32
N ASP B 14 5.52 6.80 -10.59
CA ASP B 14 5.24 7.23 -11.95
C ASP B 14 6.48 7.88 -12.54
N ASN B 15 7.28 8.51 -11.68
CA ASN B 15 8.51 9.17 -12.11
C ASN B 15 9.64 8.15 -12.25
N ILE B 16 9.64 7.16 -11.38
CA ILE B 16 10.68 6.12 -11.41
C ILE B 16 10.50 5.22 -12.62
N ALA B 17 9.25 4.96 -12.98
CA ALA B 17 8.94 4.11 -14.12
C ALA B 17 8.45 4.93 -15.30
N LYS B 18 9.22 5.94 -15.68
CA LYS B 18 8.86 6.80 -16.81
C LYS B 18 9.10 6.09 -18.13
N MET A 1 3.72 19.02 3.64
CA MET A 1 4.59 18.33 2.64
C MET A 1 4.76 16.86 3.00
N ASP A 2 5.16 16.07 2.00
CA ASP A 2 5.36 14.64 2.20
C ASP A 2 6.23 14.05 1.09
N ARG A 3 7.32 13.40 1.49
CA ARG A 3 8.23 12.79 0.53
C ARG A 3 8.86 11.52 1.10
N LYS A 4 9.33 11.61 2.34
CA LYS A 4 9.96 10.47 3.00
C LYS A 4 8.94 9.35 3.20
N VAL A 5 7.68 9.72 3.39
CA VAL A 5 6.63 8.73 3.59
C VAL A 5 6.65 7.71 2.46
N ALA A 6 7.03 8.17 1.27
CA ALA A 6 7.11 7.30 0.10
C ALA A 6 8.32 6.38 0.21
N ARG A 7 9.43 6.94 0.68
CA ARG A 7 10.66 6.16 0.84
C ARG A 7 10.51 5.11 1.93
N GLU A 8 9.82 5.48 3.00
CA GLU A 8 9.60 4.56 4.11
C GLU A 8 8.57 3.49 3.71
N PHE A 9 7.58 3.91 2.93
CA PHE A 9 6.55 2.99 2.48
C PHE A 9 7.13 2.00 1.47
N ARG A 10 7.94 2.52 0.55
CA ARG A 10 8.58 1.69 -0.46
C ARG A 10 9.69 0.84 0.15
N HIS A 11 10.49 1.46 1.02
CA HIS A 11 11.58 0.75 1.67
C HIS A 11 11.05 -0.41 2.51
N LYS A 12 10.00 -0.13 3.28
CA LYS A 12 9.38 -1.16 4.11
C LYS A 12 8.90 -2.32 3.26
N VAL A 13 8.10 -2.02 2.25
CA VAL A 13 7.57 -3.03 1.35
C VAL A 13 8.71 -3.88 0.78
N ASP A 14 9.83 -3.23 0.49
CA ASP A 14 10.99 -3.92 -0.05
C ASP A 14 11.65 -4.80 1.02
N PHE A 15 11.50 -4.41 2.28
CA PHE A 15 12.08 -5.15 3.39
C PHE A 15 11.35 -6.48 3.57
N LEU A 16 10.06 -6.48 3.29
CA LEU A 16 9.23 -7.67 3.43
C LEU A 16 9.18 -8.45 2.12
N ILE A 17 8.94 -7.73 1.04
CA ILE A 17 8.86 -8.33 -0.28
C ILE A 17 10.24 -8.55 -0.87
N GLU A 18 10.93 -7.44 -1.13
CA GLU A 18 12.28 -7.50 -1.70
C GLU A 18 12.28 -8.12 -3.09
N ASN A 19 11.09 -8.45 -3.56
CA ASN A 19 10.93 -9.06 -4.87
C ASN A 19 10.33 -8.05 -5.85
N ASP A 20 10.54 -8.29 -7.14
CA ASP A 20 10.02 -7.41 -8.17
C ASP A 20 8.60 -7.79 -8.58
N ALA A 21 8.37 -9.09 -8.73
CA ALA A 21 7.05 -9.60 -9.11
C ALA A 21 6.00 -9.20 -8.09
N GLU A 22 6.34 -9.36 -6.82
CA GLU A 22 5.41 -9.02 -5.74
C GLU A 22 5.19 -7.51 -5.68
N LYS A 23 6.27 -6.75 -5.78
CA LYS A 23 6.18 -5.30 -5.75
C LYS A 23 5.44 -4.79 -6.98
N ASP A 24 5.60 -5.50 -8.08
CA ASP A 24 4.93 -5.13 -9.33
C ASP A 24 3.42 -5.22 -9.13
N TYR A 25 2.98 -6.34 -8.56
CA TYR A 25 1.55 -6.55 -8.31
C TYR A 25 1.05 -5.60 -7.24
N LEU A 26 1.77 -5.50 -6.12
CA LEU A 26 1.37 -4.59 -5.06
C LEU A 26 1.31 -3.18 -5.64
N TYR A 27 2.27 -2.88 -6.50
CA TYR A 27 2.29 -1.59 -7.17
C TYR A 27 1.02 -1.46 -8.01
N ASP A 28 0.58 -2.60 -8.57
CA ASP A 28 -0.63 -2.63 -9.37
C ASP A 28 -1.87 -2.48 -8.48
N VAL A 29 -1.78 -2.99 -7.26
CA VAL A 29 -2.89 -2.89 -6.31
C VAL A 29 -3.12 -1.44 -5.90
N LEU A 30 -2.06 -0.80 -5.40
CA LEU A 30 -2.14 0.58 -4.98
C LEU A 30 -2.59 1.47 -6.14
N ARG A 31 -2.09 1.16 -7.33
CA ARG A 31 -2.43 1.91 -8.53
C ARG A 31 -3.93 1.86 -8.77
N MET A 32 -4.51 0.67 -8.63
CA MET A 32 -5.95 0.51 -8.82
C MET A 32 -6.71 1.16 -7.67
N TYR A 33 -6.23 0.93 -6.45
CA TYR A 33 -6.86 1.51 -5.26
C TYR A 33 -6.95 3.02 -5.37
N HIS A 34 -6.05 3.61 -6.14
CA HIS A 34 -6.03 5.06 -6.33
C HIS A 34 -7.16 5.52 -7.24
N GLN A 35 -7.38 4.77 -8.33
CA GLN A 35 -8.42 5.11 -9.29
C GLN A 35 -9.80 4.68 -8.79
N THR A 36 -9.98 3.38 -8.59
CA THR A 36 -11.26 2.85 -8.13
C THR A 36 -11.59 3.31 -6.71
N MET A 37 -10.55 3.61 -5.93
CA MET A 37 -10.75 4.06 -4.56
C MET A 37 -11.46 2.98 -3.74
N ASP A 38 -11.22 1.73 -4.09
CA ASP A 38 -11.83 0.61 -3.39
C ASP A 38 -10.86 0.00 -2.40
N VAL A 39 -11.17 0.13 -1.11
CA VAL A 39 -10.33 -0.40 -0.05
C VAL A 39 -10.52 -1.91 0.09
N ALA A 40 -11.68 -2.40 -0.32
CA ALA A 40 -11.98 -3.82 -0.25
C ALA A 40 -11.19 -4.59 -1.30
N VAL A 41 -10.85 -3.90 -2.39
CA VAL A 41 -10.08 -4.51 -3.45
C VAL A 41 -8.62 -4.60 -3.10
N LEU A 42 -8.07 -3.53 -2.55
CA LEU A 42 -6.66 -3.50 -2.16
C LEU A 42 -6.39 -4.51 -1.05
N VAL A 43 -7.36 -4.65 -0.14
CA VAL A 43 -7.23 -5.60 0.96
C VAL A 43 -7.12 -7.03 0.43
N GLY A 44 -7.99 -7.36 -0.52
CA GLY A 44 -7.97 -8.69 -1.11
C GLY A 44 -6.63 -9.02 -1.72
N ASP A 45 -6.16 -8.16 -2.61
CA ASP A 45 -4.86 -8.35 -3.26
C ASP A 45 -3.75 -8.41 -2.22
N LEU A 46 -3.83 -7.53 -1.23
CA LEU A 46 -2.83 -7.48 -0.16
C LEU A 46 -2.66 -8.85 0.47
N LYS A 47 -3.77 -9.56 0.66
CA LYS A 47 -3.72 -10.89 1.24
C LYS A 47 -3.01 -11.86 0.30
N LEU A 48 -3.44 -11.86 -0.96
CA LEU A 48 -2.84 -12.73 -1.96
C LEU A 48 -1.33 -12.56 -1.99
N VAL A 49 -0.87 -11.39 -1.58
CA VAL A 49 0.56 -11.09 -1.53
C VAL A 49 1.09 -11.28 -0.12
N ILE A 50 0.21 -11.09 0.87
CA ILE A 50 0.59 -11.24 2.26
C ILE A 50 0.13 -12.59 2.81
N ASN A 51 -0.09 -13.53 1.92
CA ASN A 51 -0.52 -14.88 2.30
C ASN A 51 0.31 -15.41 3.45
N GLU A 52 1.56 -14.97 3.54
CA GLU A 52 2.46 -15.40 4.60
C GLU A 52 2.55 -14.35 5.70
N PRO A 53 2.78 -14.77 6.95
CA PRO A 53 2.88 -13.87 8.10
C PRO A 53 4.02 -12.85 7.96
N SER A 54 5.05 -13.22 7.19
CA SER A 54 6.20 -12.35 6.98
C SER A 54 5.77 -11.01 6.38
N ARG A 55 4.80 -11.05 5.48
CA ARG A 55 4.32 -9.83 4.83
C ARG A 55 3.21 -9.16 5.64
N LEU A 56 3.08 -9.53 6.91
CA LEU A 56 2.04 -8.96 7.77
C LEU A 56 2.17 -7.44 7.87
N PRO A 57 3.39 -6.92 8.09
CA PRO A 57 3.63 -5.47 8.23
C PRO A 57 2.96 -4.64 7.13
N LEU A 58 2.66 -5.25 5.99
CA LEU A 58 2.04 -4.55 4.88
C LEU A 58 0.75 -3.85 5.32
N PHE A 59 -0.07 -4.56 6.10
CA PHE A 59 -1.34 -3.99 6.58
C PHE A 59 -1.11 -2.71 7.38
N ASP A 60 -0.20 -2.78 8.35
CA ASP A 60 0.12 -1.63 9.18
C ASP A 60 0.96 -0.62 8.41
N ALA A 61 1.69 -1.11 7.42
CA ALA A 61 2.55 -0.28 6.60
C ALA A 61 1.74 0.68 5.73
N ILE A 62 0.74 0.13 5.02
CA ILE A 62 -0.10 0.91 4.13
C ILE A 62 -1.12 1.78 4.87
N ARG A 63 -1.64 1.26 5.98
CA ARG A 63 -2.66 1.97 6.76
C ARG A 63 -2.33 3.46 6.93
N PRO A 64 -1.12 3.79 7.43
CA PRO A 64 -0.70 5.18 7.63
C PRO A 64 -1.03 6.07 6.43
N LEU A 65 -0.60 5.67 5.25
CA LEU A 65 -0.84 6.45 4.03
C LEU A 65 -2.30 6.32 3.60
N ILE A 66 -3.01 5.35 4.16
CA ILE A 66 -4.41 5.13 3.82
C ILE A 66 -5.32 6.07 4.62
N PRO A 67 -6.32 6.69 3.95
CA PRO A 67 -7.27 7.60 4.60
C PRO A 67 -7.73 7.10 5.94
N LEU A 68 -7.84 8.05 6.85
CA LEU A 68 -8.26 7.82 8.20
C LEU A 68 -9.55 7.00 8.25
N LYS A 69 -10.53 7.35 7.43
CA LYS A 69 -11.79 6.63 7.39
C LYS A 69 -11.58 5.22 6.87
N HIS A 70 -10.83 5.11 5.77
CA HIS A 70 -10.53 3.82 5.18
C HIS A 70 -9.68 2.98 6.13
N GLN A 71 -8.89 3.66 6.97
CA GLN A 71 -8.05 2.96 7.94
C GLN A 71 -8.91 2.14 8.89
N VAL A 72 -9.96 2.76 9.41
CA VAL A 72 -10.89 2.09 10.31
C VAL A 72 -11.53 0.90 9.61
N GLU A 73 -12.20 1.18 8.49
CA GLU A 73 -12.85 0.12 7.73
C GLU A 73 -11.83 -0.94 7.35
N TYR A 74 -10.62 -0.50 7.06
CA TYR A 74 -9.54 -1.41 6.71
C TYR A 74 -9.31 -2.36 7.88
N ASP A 75 -9.52 -1.84 9.09
CA ASP A 75 -9.37 -2.63 10.29
C ASP A 75 -10.52 -3.62 10.43
N GLN A 76 -11.72 -3.19 10.04
CA GLN A 76 -12.90 -4.03 10.13
C GLN A 76 -12.82 -5.22 9.17
N LEU A 77 -12.07 -5.06 8.08
CA LEU A 77 -11.94 -6.12 7.08
C LEU A 77 -10.67 -6.95 7.28
N THR A 78 -9.66 -6.36 7.93
CA THR A 78 -8.39 -7.05 8.16
C THR A 78 -8.62 -8.46 8.73
N PRO A 79 -9.27 -8.54 9.89
CA PRO A 79 -9.54 -9.82 10.55
C PRO A 79 -10.64 -10.62 9.85
N ARG A 80 -10.51 -11.93 9.85
CA ARG A 80 -11.48 -12.81 9.21
C ARG A 80 -11.57 -14.15 9.93
N ASP B 1 -5.63 18.23 1.96
CA ASP B 1 -4.85 17.04 2.24
C ASP B 1 -5.61 15.78 1.83
N ASP B 2 -6.26 15.84 0.68
CA ASP B 2 -7.03 14.70 0.16
C ASP B 2 -6.25 13.97 -0.92
N ASP B 3 -6.05 12.67 -0.73
CA ASP B 3 -5.32 11.85 -1.70
C ASP B 3 -3.89 12.34 -1.83
N ARG B 4 -3.32 12.84 -0.74
CA ARG B 4 -1.95 13.34 -0.73
C ARG B 4 -0.97 12.20 -0.47
N TYR B 5 -1.27 11.39 0.53
CA TYR B 5 -0.40 10.26 0.89
C TYR B 5 -0.30 9.27 -0.26
N LEU B 6 -1.45 8.81 -0.75
CA LEU B 6 -1.48 7.86 -1.85
C LEU B 6 -0.73 8.40 -3.06
N ARG B 7 -1.08 9.61 -3.48
CA ARG B 7 -0.44 10.25 -4.63
C ARG B 7 1.04 10.45 -4.37
N GLU B 8 1.40 10.68 -3.11
CA GLU B 8 2.80 10.89 -2.74
C GLU B 8 3.65 9.68 -3.14
N ALA B 9 3.29 8.51 -2.61
CA ALA B 9 4.03 7.29 -2.91
C ALA B 9 3.74 6.82 -4.34
N ILE B 10 2.47 6.84 -4.72
CA ILE B 10 2.06 6.43 -6.05
C ILE B 10 2.78 7.24 -7.13
N GLN B 11 2.67 8.56 -7.05
CA GLN B 11 3.31 9.44 -8.01
C GLN B 11 4.82 9.32 -7.93
N GLU B 12 5.34 9.13 -6.71
CA GLU B 12 6.77 8.97 -6.51
C GLU B 12 7.31 7.87 -7.41
N TYR B 13 6.56 6.78 -7.50
CA TYR B 13 6.94 5.66 -8.35
C TYR B 13 6.75 6.04 -9.80
N ASP B 14 5.73 6.85 -10.07
CA ASP B 14 5.46 7.29 -11.43
C ASP B 14 6.65 8.08 -11.96
N ASN B 15 7.35 8.76 -11.06
CA ASN B 15 8.52 9.53 -11.43
C ASN B 15 9.75 8.64 -11.52
N ILE B 16 9.80 7.62 -10.68
CA ILE B 16 10.93 6.69 -10.67
C ILE B 16 10.87 5.76 -11.89
N ALA B 17 9.67 5.40 -12.31
CA ALA B 17 9.48 4.53 -13.45
C ALA B 17 9.23 5.33 -14.73
N LYS B 18 9.93 6.45 -14.87
CA LYS B 18 9.76 7.31 -16.04
C LYS B 18 10.48 6.71 -17.24
N MET A 1 6.71 19.44 1.75
CA MET A 1 6.73 18.45 0.63
C MET A 1 7.11 17.07 1.13
N ASP A 2 6.27 16.08 0.83
CA ASP A 2 6.51 14.71 1.25
C ASP A 2 7.48 14.01 0.29
N ARG A 3 8.62 13.58 0.82
CA ARG A 3 9.61 12.89 0.01
C ARG A 3 10.09 11.61 0.69
N LYS A 4 10.38 11.71 1.98
CA LYS A 4 10.83 10.56 2.75
C LYS A 4 9.71 9.53 2.91
N VAL A 5 8.48 10.01 2.97
CA VAL A 5 7.33 9.12 3.11
C VAL A 5 7.37 8.06 2.03
N ALA A 6 7.83 8.43 0.85
CA ALA A 6 7.93 7.51 -0.27
C ALA A 6 9.08 6.53 -0.05
N ARG A 7 10.19 7.04 0.49
CA ARG A 7 11.36 6.21 0.76
C ARG A 7 11.06 5.20 1.85
N GLU A 8 10.32 5.61 2.86
CA GLU A 8 9.96 4.73 3.97
C GLU A 8 8.96 3.68 3.52
N PHE A 9 7.99 4.10 2.72
CA PHE A 9 6.97 3.19 2.21
C PHE A 9 7.59 2.20 1.24
N ARG A 10 8.44 2.70 0.35
CA ARG A 10 9.10 1.86 -0.64
C ARG A 10 10.17 0.99 0.01
N HIS A 11 10.92 1.57 0.96
CA HIS A 11 11.97 0.84 1.65
C HIS A 11 11.38 -0.32 2.45
N LYS A 12 10.31 -0.04 3.18
CA LYS A 12 9.65 -1.06 3.99
C LYS A 12 9.17 -2.20 3.10
N VAL A 13 8.43 -1.85 2.05
CA VAL A 13 7.91 -2.85 1.13
C VAL A 13 9.03 -3.73 0.59
N ASP A 14 10.19 -3.12 0.36
CA ASP A 14 11.35 -3.86 -0.14
C ASP A 14 11.94 -4.76 0.95
N PHE A 15 11.79 -4.35 2.20
CA PHE A 15 12.30 -5.13 3.32
C PHE A 15 11.52 -6.43 3.49
N LEU A 16 10.22 -6.36 3.18
CA LEU A 16 9.35 -7.52 3.31
C LEU A 16 9.26 -8.30 2.02
N ILE A 17 9.12 -7.58 0.91
CA ILE A 17 9.01 -8.20 -0.41
C ILE A 17 10.38 -8.43 -1.02
N GLU A 18 11.11 -7.35 -1.26
CA GLU A 18 12.43 -7.43 -1.85
C GLU A 18 12.41 -8.05 -3.24
N ASN A 19 11.21 -8.36 -3.69
CA ASN A 19 11.01 -8.96 -5.01
C ASN A 19 10.47 -7.93 -5.99
N ASP A 20 11.04 -7.92 -7.20
CA ASP A 20 10.61 -6.98 -8.23
C ASP A 20 9.20 -7.30 -8.71
N ALA A 21 8.98 -8.56 -9.08
CA ALA A 21 7.67 -8.98 -9.56
C ALA A 21 6.60 -8.74 -8.50
N GLU A 22 6.92 -9.08 -7.27
CA GLU A 22 5.99 -8.90 -6.16
C GLU A 22 5.77 -7.41 -5.89
N LYS A 23 6.85 -6.64 -5.91
CA LYS A 23 6.74 -5.20 -5.71
C LYS A 23 5.82 -4.63 -6.77
N ASP A 24 5.80 -5.28 -7.93
CA ASP A 24 4.95 -4.88 -9.03
C ASP A 24 3.48 -5.08 -8.66
N TYR A 25 3.13 -6.29 -8.21
CA TYR A 25 1.75 -6.56 -7.84
C TYR A 25 1.33 -5.77 -6.61
N LEU A 26 2.27 -5.54 -5.71
CA LEU A 26 1.97 -4.74 -4.53
C LEU A 26 1.74 -3.32 -4.97
N TYR A 27 2.66 -2.82 -5.79
CA TYR A 27 2.51 -1.48 -6.33
C TYR A 27 1.22 -1.42 -7.13
N ASP A 28 0.81 -2.57 -7.68
CA ASP A 28 -0.42 -2.65 -8.43
C ASP A 28 -1.63 -2.55 -7.50
N VAL A 29 -1.48 -3.11 -6.29
CA VAL A 29 -2.57 -3.07 -5.31
C VAL A 29 -2.89 -1.63 -4.93
N LEU A 30 -1.86 -0.90 -4.50
CA LEU A 30 -2.04 0.49 -4.11
C LEU A 30 -2.51 1.32 -5.29
N ARG A 31 -1.96 1.02 -6.48
CA ARG A 31 -2.34 1.72 -7.69
C ARG A 31 -3.80 1.49 -8.02
N MET A 32 -4.26 0.26 -7.82
CA MET A 32 -5.65 -0.08 -8.09
C MET A 32 -6.57 0.57 -7.06
N TYR A 33 -6.15 0.53 -5.80
CA TYR A 33 -6.93 1.13 -4.72
C TYR A 33 -7.14 2.62 -4.95
N HIS A 34 -6.17 3.25 -5.60
CA HIS A 34 -6.26 4.68 -5.89
C HIS A 34 -7.05 4.93 -7.17
N GLN A 35 -6.98 3.99 -8.09
CA GLN A 35 -7.68 4.11 -9.37
C GLN A 35 -9.16 3.81 -9.22
N THR A 36 -9.46 2.58 -8.82
CA THR A 36 -10.84 2.15 -8.64
C THR A 36 -11.46 2.75 -7.38
N MET A 37 -10.61 3.15 -6.45
CA MET A 37 -11.07 3.74 -5.20
C MET A 37 -11.93 2.74 -4.42
N ASP A 38 -11.45 1.51 -4.33
CA ASP A 38 -12.17 0.45 -3.63
C ASP A 38 -11.29 -0.19 -2.56
N VAL A 39 -11.63 0.02 -1.29
CA VAL A 39 -10.87 -0.54 -0.18
C VAL A 39 -11.00 -2.07 -0.14
N ALA A 40 -12.08 -2.58 -0.72
CA ALA A 40 -12.31 -4.01 -0.76
C ALA A 40 -11.38 -4.68 -1.76
N VAL A 41 -11.00 -3.93 -2.78
CA VAL A 41 -10.11 -4.44 -3.80
C VAL A 41 -8.66 -4.42 -3.31
N LEU A 42 -8.31 -3.38 -2.57
CA LEU A 42 -6.95 -3.24 -2.04
C LEU A 42 -6.69 -4.33 -1.00
N VAL A 43 -7.70 -4.63 -0.19
CA VAL A 43 -7.57 -5.65 0.84
C VAL A 43 -7.38 -7.03 0.20
N GLY A 44 -8.21 -7.35 -0.78
CA GLY A 44 -8.11 -8.64 -1.45
C GLY A 44 -6.71 -8.87 -2.01
N ASP A 45 -6.22 -7.92 -2.79
CA ASP A 45 -4.89 -8.03 -3.38
C ASP A 45 -3.85 -8.14 -2.28
N LEU A 46 -4.02 -7.36 -1.22
CA LEU A 46 -3.09 -7.37 -0.10
C LEU A 46 -3.00 -8.77 0.50
N LYS A 47 -4.10 -9.53 0.41
CA LYS A 47 -4.13 -10.89 0.94
C LYS A 47 -3.27 -11.79 0.05
N LEU A 48 -3.52 -11.73 -1.25
CA LEU A 48 -2.77 -12.52 -2.21
C LEU A 48 -1.29 -12.17 -2.15
N VAL A 49 -0.98 -10.99 -1.60
CA VAL A 49 0.40 -10.54 -1.47
C VAL A 49 0.90 -10.79 -0.05
N ILE A 50 -0.03 -10.78 0.90
CA ILE A 50 0.31 -11.00 2.30
C ILE A 50 -0.16 -12.37 2.78
N ASN A 51 -0.36 -13.27 1.82
CA ASN A 51 -0.81 -14.63 2.14
C ASN A 51 0.06 -15.25 3.23
N GLU A 52 1.31 -14.81 3.31
CA GLU A 52 2.24 -15.32 4.31
C GLU A 52 2.39 -14.33 5.47
N PRO A 53 2.61 -14.84 6.70
CA PRO A 53 2.77 -13.99 7.88
C PRO A 53 3.92 -12.99 7.74
N SER A 54 4.91 -13.36 6.93
CA SER A 54 6.07 -12.49 6.71
C SER A 54 5.66 -11.15 6.11
N ARG A 55 4.67 -11.19 5.22
CA ARG A 55 4.19 -9.96 4.58
C ARG A 55 3.09 -9.28 5.39
N LEU A 56 2.98 -9.64 6.66
CA LEU A 56 1.97 -9.07 7.53
C LEU A 56 2.15 -7.55 7.68
N PRO A 57 3.40 -7.07 7.88
CA PRO A 57 3.69 -5.65 8.04
C PRO A 57 2.99 -4.76 7.01
N LEU A 58 2.62 -5.34 5.87
CA LEU A 58 1.95 -4.59 4.81
C LEU A 58 0.70 -3.87 5.34
N PHE A 59 -0.05 -4.55 6.20
CA PHE A 59 -1.26 -3.97 6.76
C PHE A 59 -0.95 -2.71 7.57
N ASP A 60 0.00 -2.82 8.49
CA ASP A 60 0.38 -1.70 9.34
C ASP A 60 1.23 -0.70 8.55
N ALA A 61 1.93 -1.19 7.54
CA ALA A 61 2.78 -0.36 6.71
C ALA A 61 1.96 0.61 5.86
N ILE A 62 0.96 0.08 5.17
CA ILE A 62 0.10 0.89 4.30
C ILE A 62 -0.89 1.74 5.11
N ARG A 63 -1.37 1.21 6.21
CA ARG A 63 -2.35 1.89 7.07
C ARG A 63 -2.02 3.38 7.26
N PRO A 64 -0.79 3.74 7.66
CA PRO A 64 -0.41 5.14 7.89
C PRO A 64 -0.81 6.07 6.75
N LEU A 65 -0.39 5.71 5.53
CA LEU A 65 -0.71 6.53 4.36
C LEU A 65 -2.19 6.37 3.96
N ILE A 66 -2.86 5.42 4.60
CA ILE A 66 -4.27 5.17 4.31
C ILE A 66 -5.17 6.11 5.12
N PRO A 67 -6.12 6.81 4.45
CA PRO A 67 -7.04 7.74 5.11
C PRO A 67 -7.60 7.19 6.40
N LEU A 68 -7.72 8.10 7.34
CA LEU A 68 -8.23 7.82 8.66
C LEU A 68 -9.56 7.07 8.59
N LYS A 69 -10.46 7.54 7.74
CA LYS A 69 -11.77 6.90 7.58
C LYS A 69 -11.59 5.53 6.95
N HIS A 70 -10.72 5.46 5.95
CA HIS A 70 -10.44 4.21 5.26
C HIS A 70 -9.75 3.24 6.19
N GLN A 71 -8.99 3.76 7.15
CA GLN A 71 -8.30 2.93 8.12
C GLN A 71 -9.30 2.13 8.93
N VAL A 72 -10.35 2.79 9.38
CA VAL A 72 -11.40 2.13 10.15
C VAL A 72 -12.04 1.04 9.31
N GLU A 73 -12.54 1.42 8.13
CA GLU A 73 -13.16 0.46 7.23
C GLU A 73 -12.18 -0.65 6.91
N TYR A 74 -10.90 -0.29 6.81
CA TYR A 74 -9.85 -1.26 6.56
C TYR A 74 -9.85 -2.29 7.67
N ASP A 75 -10.19 -1.84 8.88
CA ASP A 75 -10.26 -2.71 10.04
C ASP A 75 -11.49 -3.60 9.95
N GLN A 76 -12.58 -3.05 9.43
CA GLN A 76 -13.82 -3.80 9.30
C GLN A 76 -13.67 -4.95 8.29
N LEU A 77 -12.80 -4.75 7.30
CA LEU A 77 -12.56 -5.76 6.28
C LEU A 77 -11.54 -6.78 6.75
N THR A 78 -10.50 -6.30 7.44
CA THR A 78 -9.45 -7.18 7.94
C THR A 78 -9.97 -8.05 9.09
N PRO A 79 -9.43 -9.27 9.25
CA PRO A 79 -9.84 -10.18 10.32
C PRO A 79 -9.35 -9.73 11.69
N ARG A 80 -10.11 -8.86 12.32
CA ARG A 80 -9.75 -8.35 13.65
C ARG A 80 -10.99 -8.22 14.53
N ASP B 1 -5.05 16.92 5.56
CA ASP B 1 -4.52 16.87 4.21
C ASP B 1 -4.62 15.45 3.65
N ASP B 2 -5.75 14.81 3.87
CA ASP B 2 -5.97 13.45 3.39
C ASP B 2 -5.86 13.38 1.87
N ASP B 3 -5.81 12.16 1.34
CA ASP B 3 -5.69 11.96 -0.10
C ASP B 3 -4.41 12.58 -0.64
N ARG B 4 -3.36 12.55 0.18
CA ARG B 4 -2.07 13.10 -0.21
C ARG B 4 -0.96 12.08 -0.03
N TYR B 5 -0.98 11.38 1.10
CA TYR B 5 0.03 10.36 1.39
C TYR B 5 0.05 9.29 0.30
N LEU B 6 -1.11 8.73 0.01
CA LEU B 6 -1.22 7.69 -1.01
C LEU B 6 -0.72 8.20 -2.36
N ARG B 7 -1.25 9.34 -2.78
CA ARG B 7 -0.86 9.94 -4.06
C ARG B 7 0.63 10.27 -4.07
N GLU B 8 1.16 10.64 -2.91
CA GLU B 8 2.57 10.98 -2.78
C GLU B 8 3.45 9.82 -3.20
N ALA B 9 3.29 8.68 -2.54
CA ALA B 9 4.07 7.49 -2.86
C ALA B 9 3.64 6.90 -4.20
N ILE B 10 2.34 6.87 -4.44
CA ILE B 10 1.81 6.35 -5.69
C ILE B 10 2.39 7.07 -6.90
N GLN B 11 2.25 8.40 -6.91
CA GLN B 11 2.77 9.20 -8.01
C GLN B 11 4.29 9.09 -8.08
N GLU B 12 4.93 8.98 -6.93
CA GLU B 12 6.39 8.85 -6.88
C GLU B 12 6.82 7.69 -7.75
N TYR B 13 6.10 6.58 -7.65
CA TYR B 13 6.39 5.40 -8.45
C TYR B 13 6.04 5.67 -9.91
N ASP B 14 4.99 6.45 -10.12
CA ASP B 14 4.57 6.80 -11.48
C ASP B 14 5.71 7.54 -12.19
N ASN B 15 6.51 8.26 -11.40
CA ASN B 15 7.63 9.00 -11.95
C ASN B 15 8.84 8.08 -12.15
N ILE B 16 8.99 7.11 -11.25
CA ILE B 16 10.11 6.17 -11.34
C ILE B 16 9.90 5.20 -12.50
N ALA B 17 8.78 4.49 -12.47
CA ALA B 17 8.45 3.53 -13.51
C ALA B 17 9.54 2.47 -13.65
N LYS B 18 10.18 2.15 -12.52
CA LYS B 18 11.24 1.15 -12.51
C LYS B 18 10.68 -0.24 -12.24
N MET A 1 8.67 15.48 5.67
CA MET A 1 8.35 16.07 4.34
C MET A 1 7.44 15.14 3.54
N ASP A 2 7.11 15.55 2.31
CA ASP A 2 6.24 14.76 1.45
C ASP A 2 7.05 14.01 0.40
N ARG A 3 8.25 13.60 0.79
CA ARG A 3 9.14 12.87 -0.11
C ARG A 3 9.62 11.57 0.54
N LYS A 4 10.09 11.68 1.77
CA LYS A 4 10.58 10.51 2.51
C LYS A 4 9.49 9.47 2.68
N VAL A 5 8.24 9.94 2.79
CA VAL A 5 7.11 9.03 2.95
C VAL A 5 7.13 7.96 1.87
N ALA A 6 7.60 8.36 0.68
CA ALA A 6 7.69 7.44 -0.44
C ALA A 6 8.82 6.44 -0.24
N ARG A 7 9.95 6.94 0.28
CA ARG A 7 11.12 6.09 0.53
C ARG A 7 10.83 5.10 1.65
N GLU A 8 10.12 5.56 2.67
CA GLU A 8 9.79 4.70 3.80
C GLU A 8 8.77 3.64 3.38
N PHE A 9 7.71 4.07 2.70
CA PHE A 9 6.69 3.16 2.23
C PHE A 9 7.28 2.15 1.26
N ARG A 10 8.18 2.63 0.40
CA ARG A 10 8.82 1.77 -0.58
C ARG A 10 9.82 0.83 0.08
N HIS A 11 10.68 1.38 0.93
CA HIS A 11 11.68 0.57 1.62
C HIS A 11 11.01 -0.51 2.47
N LYS A 12 9.96 -0.13 3.19
CA LYS A 12 9.24 -1.08 4.04
C LYS A 12 8.70 -2.23 3.20
N VAL A 13 7.95 -1.90 2.15
CA VAL A 13 7.38 -2.91 1.27
C VAL A 13 8.47 -3.79 0.67
N ASP A 14 9.59 -3.15 0.31
CA ASP A 14 10.71 -3.87 -0.28
C ASP A 14 11.44 -4.71 0.77
N PHE A 15 11.30 -4.32 2.04
CA PHE A 15 11.94 -5.05 3.13
C PHE A 15 11.30 -6.42 3.29
N LEU A 16 9.98 -6.41 3.48
CA LEU A 16 9.22 -7.63 3.65
C LEU A 16 9.26 -8.51 2.40
N ILE A 17 9.13 -7.88 1.24
CA ILE A 17 9.15 -8.60 -0.02
C ILE A 17 10.55 -8.76 -0.56
N GLU A 18 11.17 -7.63 -0.87
CA GLU A 18 12.50 -7.63 -1.44
C GLU A 18 12.48 -8.21 -2.84
N ASN A 19 11.28 -8.53 -3.29
CA ASN A 19 11.06 -9.09 -4.62
C ASN A 19 10.52 -8.03 -5.58
N ASP A 20 10.61 -8.32 -6.87
CA ASP A 20 10.13 -7.39 -7.89
C ASP A 20 8.74 -7.76 -8.37
N ALA A 21 8.53 -9.04 -8.63
CA ALA A 21 7.23 -9.52 -9.10
C ALA A 21 6.13 -9.16 -8.11
N GLU A 22 6.36 -9.45 -6.84
CA GLU A 22 5.40 -9.14 -5.79
C GLU A 22 5.19 -7.64 -5.67
N LYS A 23 6.30 -6.90 -5.67
CA LYS A 23 6.25 -5.45 -5.57
C LYS A 23 5.56 -4.87 -6.78
N ASP A 24 5.73 -5.51 -7.93
CA ASP A 24 5.11 -5.06 -9.16
C ASP A 24 3.60 -5.09 -9.02
N TYR A 25 3.09 -6.21 -8.50
CA TYR A 25 1.65 -6.36 -8.30
C TYR A 25 1.14 -5.42 -7.23
N LEU A 26 1.82 -5.39 -6.09
CA LEU A 26 1.41 -4.50 -5.01
C LEU A 26 1.40 -3.07 -5.54
N TYR A 27 2.43 -2.74 -6.31
CA TYR A 27 2.50 -1.43 -6.93
C TYR A 27 1.29 -1.25 -7.84
N ASP A 28 0.88 -2.36 -8.46
CA ASP A 28 -0.28 -2.34 -9.35
C ASP A 28 -1.56 -2.22 -8.54
N VAL A 29 -1.55 -2.76 -7.31
CA VAL A 29 -2.71 -2.71 -6.43
C VAL A 29 -2.95 -1.29 -5.94
N LEU A 30 -1.93 -0.68 -5.35
CA LEU A 30 -2.04 0.68 -4.85
C LEU A 30 -2.38 1.64 -5.99
N ARG A 31 -1.81 1.38 -7.16
CA ARG A 31 -2.06 2.21 -8.33
C ARG A 31 -3.52 2.12 -8.76
N MET A 32 -4.05 0.90 -8.79
CA MET A 32 -5.44 0.69 -9.17
C MET A 32 -6.38 1.16 -8.06
N TYR A 33 -5.91 1.07 -6.83
CA TYR A 33 -6.72 1.48 -5.68
C TYR A 33 -7.02 2.98 -5.75
N HIS A 34 -6.01 3.76 -6.14
CA HIS A 34 -6.16 5.20 -6.25
C HIS A 34 -7.12 5.56 -7.39
N GLN A 35 -7.15 4.72 -8.42
CA GLN A 35 -8.01 4.96 -9.57
C GLN A 35 -9.46 4.62 -9.24
N THR A 36 -9.70 3.36 -8.87
CA THR A 36 -11.04 2.91 -8.53
C THR A 36 -11.48 3.41 -7.17
N MET A 37 -10.51 3.71 -6.31
CA MET A 37 -10.80 4.20 -4.97
C MET A 37 -11.59 3.17 -4.16
N ASP A 38 -11.11 1.93 -4.17
CA ASP A 38 -11.76 0.85 -3.44
C ASP A 38 -10.82 0.23 -2.42
N VAL A 39 -11.08 0.50 -1.14
CA VAL A 39 -10.25 -0.03 -0.07
C VAL A 39 -10.43 -1.54 0.08
N ALA A 40 -11.59 -2.04 -0.34
CA ALA A 40 -11.87 -3.46 -0.26
C ALA A 40 -11.08 -4.23 -1.30
N VAL A 41 -10.71 -3.54 -2.38
CA VAL A 41 -9.95 -4.16 -3.44
C VAL A 41 -8.48 -4.25 -3.07
N LEU A 42 -7.94 -3.17 -2.50
CA LEU A 42 -6.54 -3.15 -2.10
C LEU A 42 -6.28 -4.15 -0.97
N VAL A 43 -7.25 -4.29 -0.07
CA VAL A 43 -7.11 -5.23 1.04
C VAL A 43 -7.10 -6.66 0.52
N GLY A 44 -7.98 -6.95 -0.43
CA GLY A 44 -8.04 -8.29 -0.99
C GLY A 44 -6.72 -8.71 -1.61
N ASP A 45 -6.20 -7.89 -2.51
CA ASP A 45 -4.94 -8.18 -3.16
C ASP A 45 -3.81 -8.26 -2.13
N LEU A 46 -3.79 -7.31 -1.20
CA LEU A 46 -2.77 -7.29 -0.15
C LEU A 46 -2.67 -8.64 0.53
N LYS A 47 -3.82 -9.28 0.74
CA LYS A 47 -3.85 -10.59 1.39
C LYS A 47 -3.24 -11.64 0.46
N LEU A 48 -3.69 -11.66 -0.78
CA LEU A 48 -3.18 -12.61 -1.77
C LEU A 48 -1.65 -12.57 -1.82
N VAL A 49 -1.09 -11.42 -1.46
CA VAL A 49 0.36 -11.25 -1.45
C VAL A 49 0.91 -11.38 -0.04
N ILE A 50 0.07 -11.05 0.95
CA ILE A 50 0.45 -11.14 2.34
C ILE A 50 -0.15 -12.38 3.01
N ASN A 51 -0.46 -13.38 2.20
CA ASN A 51 -1.04 -14.62 2.70
C ASN A 51 -0.21 -15.17 3.87
N GLU A 52 1.08 -14.85 3.88
CA GLU A 52 1.96 -15.30 4.94
C GLU A 52 2.19 -14.21 5.98
N PRO A 53 2.30 -14.58 7.27
CA PRO A 53 2.52 -13.61 8.35
C PRO A 53 3.76 -12.76 8.14
N SER A 54 4.72 -13.30 7.38
CA SER A 54 5.96 -12.58 7.11
C SER A 54 5.70 -11.22 6.48
N ARG A 55 4.70 -11.15 5.61
CA ARG A 55 4.35 -9.90 4.94
C ARG A 55 3.35 -9.09 5.75
N LEU A 56 3.19 -9.42 7.03
CA LEU A 56 2.27 -8.72 7.90
C LEU A 56 2.52 -7.21 7.91
N PRO A 57 3.79 -6.78 8.05
CA PRO A 57 4.16 -5.36 8.07
C PRO A 57 3.41 -4.53 7.05
N LEU A 58 3.04 -5.14 5.92
CA LEU A 58 2.32 -4.44 4.87
C LEU A 58 0.99 -3.88 5.37
N PHE A 59 0.29 -4.67 6.17
CA PHE A 59 -1.00 -4.26 6.73
C PHE A 59 -0.84 -3.01 7.58
N ASP A 60 0.11 -3.04 8.51
CA ASP A 60 0.36 -1.91 9.40
C ASP A 60 1.09 -0.80 8.66
N ALA A 61 1.85 -1.18 7.64
CA ALA A 61 2.61 -0.22 6.85
C ALA A 61 1.71 0.68 6.03
N ILE A 62 0.80 0.08 5.27
CA ILE A 62 -0.12 0.83 4.41
C ILE A 62 -1.24 1.51 5.22
N ARG A 63 -1.68 0.85 6.27
CA ARG A 63 -2.76 1.37 7.11
C ARG A 63 -2.64 2.88 7.41
N PRO A 64 -1.49 3.33 7.95
CA PRO A 64 -1.28 4.74 8.30
C PRO A 64 -1.59 5.72 7.16
N LEU A 65 -0.99 5.51 5.99
CA LEU A 65 -1.21 6.40 4.86
C LEU A 65 -2.63 6.31 4.33
N ILE A 66 -3.40 5.32 4.79
CA ILE A 66 -4.77 5.15 4.34
C ILE A 66 -5.73 6.03 5.16
N PRO A 67 -6.75 6.62 4.51
CA PRO A 67 -7.74 7.47 5.18
C PRO A 67 -8.20 6.91 6.49
N LEU A 68 -8.36 7.83 7.43
CA LEU A 68 -8.80 7.51 8.77
C LEU A 68 -10.07 6.66 8.75
N LYS A 69 -10.99 6.99 7.87
CA LYS A 69 -12.23 6.23 7.74
C LYS A 69 -11.93 4.87 7.13
N HIS A 70 -11.03 4.86 6.16
CA HIS A 70 -10.63 3.64 5.49
C HIS A 70 -9.91 2.72 6.47
N GLN A 71 -9.20 3.32 7.42
CA GLN A 71 -8.47 2.58 8.43
C GLN A 71 -9.42 1.67 9.20
N VAL A 72 -10.52 2.25 9.67
CA VAL A 72 -11.53 1.49 10.40
C VAL A 72 -12.05 0.36 9.53
N GLU A 73 -12.52 0.70 8.34
CA GLU A 73 -13.02 -0.30 7.41
C GLU A 73 -11.93 -1.33 7.14
N TYR A 74 -10.68 -0.86 7.14
CA TYR A 74 -9.55 -1.74 6.93
C TYR A 74 -9.53 -2.80 8.03
N ASP A 75 -9.97 -2.38 9.22
CA ASP A 75 -10.04 -3.28 10.36
C ASP A 75 -11.18 -4.28 10.20
N GLN A 76 -12.27 -3.82 9.58
CA GLN A 76 -13.43 -4.67 9.35
C GLN A 76 -13.10 -5.81 8.39
N LEU A 77 -12.21 -5.53 7.44
CA LEU A 77 -11.81 -6.52 6.45
C LEU A 77 -10.78 -7.48 7.03
N THR A 78 -9.85 -6.94 7.80
CA THR A 78 -8.80 -7.75 8.43
C THR A 78 -9.40 -8.84 9.31
N PRO A 79 -8.63 -9.89 9.62
CA PRO A 79 -9.09 -11.00 10.47
C PRO A 79 -9.58 -10.51 11.83
N ARG A 80 -10.01 -11.43 12.66
CA ARG A 80 -10.51 -11.09 13.99
C ARG A 80 -9.44 -10.37 14.81
N ASP B 1 -6.85 17.43 4.20
CA ASP B 1 -6.19 17.16 2.93
C ASP B 1 -5.65 15.73 2.89
N ASP B 2 -6.41 14.80 3.47
CA ASP B 2 -6.02 13.40 3.50
C ASP B 2 -5.83 12.86 2.09
N ASP B 3 -5.43 11.60 1.99
CA ASP B 3 -5.22 10.95 0.70
C ASP B 3 -4.16 11.70 -0.11
N ARG B 4 -3.20 12.30 0.58
CA ARG B 4 -2.14 13.04 -0.08
C ARG B 4 -0.84 12.25 -0.08
N TYR B 5 -0.61 11.50 0.99
CA TYR B 5 0.59 10.68 1.12
C TYR B 5 0.63 9.58 0.07
N LEU B 6 -0.53 8.97 -0.17
CA LEU B 6 -0.63 7.90 -1.16
C LEU B 6 -0.24 8.41 -2.54
N ARG B 7 -0.86 9.51 -2.97
CA ARG B 7 -0.56 10.10 -4.27
C ARG B 7 0.92 10.46 -4.38
N GLU B 8 1.51 10.88 -3.26
CA GLU B 8 2.92 11.25 -3.24
C GLU B 8 3.80 10.08 -3.67
N ALA B 9 3.69 8.97 -2.95
CA ALA B 9 4.46 7.78 -3.25
C ALA B 9 4.02 7.17 -4.58
N ILE B 10 2.71 7.19 -4.82
CA ILE B 10 2.14 6.64 -6.04
C ILE B 10 2.74 7.33 -7.27
N GLN B 11 2.63 8.66 -7.32
CA GLN B 11 3.16 9.43 -8.44
C GLN B 11 4.67 9.32 -8.49
N GLU B 12 5.30 9.24 -7.33
CA GLU B 12 6.76 9.13 -7.26
C GLU B 12 7.22 7.96 -8.13
N TYR B 13 6.55 6.84 -7.99
CA TYR B 13 6.87 5.65 -8.78
C TYR B 13 6.47 5.89 -10.23
N ASP B 14 5.39 6.64 -10.42
CA ASP B 14 4.92 6.96 -11.76
C ASP B 14 6.00 7.73 -12.51
N ASN B 15 6.80 8.48 -11.76
CA ASN B 15 7.88 9.26 -12.33
C ASN B 15 9.11 8.39 -12.57
N ILE B 16 9.34 7.42 -11.68
CA ILE B 16 10.48 6.53 -11.80
C ILE B 16 10.34 5.65 -13.04
N ALA B 17 9.10 5.34 -13.41
CA ALA B 17 8.85 4.51 -14.58
C ALA B 17 8.59 5.36 -15.81
N LYS B 18 9.44 6.36 -16.01
CA LYS B 18 9.30 7.26 -17.16
C LYS B 18 10.61 7.34 -17.94
N MET A 1 7.46 15.50 5.26
CA MET A 1 7.42 16.18 3.95
C MET A 1 6.74 15.30 2.90
N ASP A 2 6.75 15.77 1.65
CA ASP A 2 6.12 15.03 0.56
C ASP A 2 7.17 14.35 -0.30
N ARG A 3 7.91 13.43 0.31
CA ARG A 3 8.96 12.69 -0.41
C ARG A 3 9.41 11.47 0.39
N LYS A 4 9.72 11.69 1.67
CA LYS A 4 10.16 10.61 2.54
C LYS A 4 9.07 9.56 2.70
N VAL A 5 7.82 9.99 2.65
CA VAL A 5 6.70 9.08 2.78
C VAL A 5 6.83 7.93 1.79
N ALA A 6 7.35 8.25 0.61
CA ALA A 6 7.55 7.25 -0.42
C ALA A 6 8.72 6.34 -0.07
N ARG A 7 9.76 6.93 0.51
CA ARG A 7 10.95 6.16 0.90
C ARG A 7 10.63 5.21 2.04
N GLU A 8 9.79 5.66 2.96
CA GLU A 8 9.40 4.85 4.11
C GLU A 8 8.51 3.69 3.66
N PHE A 9 7.48 4.01 2.88
CA PHE A 9 6.57 2.99 2.39
C PHE A 9 7.30 2.05 1.43
N ARG A 10 8.16 2.63 0.60
CA ARG A 10 8.93 1.84 -0.37
C ARG A 10 9.99 1.00 0.35
N HIS A 11 10.64 1.59 1.35
CA HIS A 11 11.66 0.89 2.11
C HIS A 11 11.07 -0.29 2.87
N LYS A 12 9.96 -0.04 3.57
CA LYS A 12 9.30 -1.10 4.33
C LYS A 12 8.87 -2.23 3.41
N VAL A 13 8.13 -1.88 2.36
CA VAL A 13 7.66 -2.87 1.39
C VAL A 13 8.83 -3.67 0.85
N ASP A 14 9.97 -3.01 0.67
CA ASP A 14 11.16 -3.68 0.16
C ASP A 14 11.74 -4.63 1.20
N PHE A 15 11.55 -4.30 2.48
CA PHE A 15 12.07 -5.13 3.56
C PHE A 15 11.29 -6.44 3.65
N LEU A 16 10.01 -6.38 3.32
CA LEU A 16 9.14 -7.54 3.37
C LEU A 16 9.14 -8.29 2.04
N ILE A 17 9.02 -7.55 0.96
CA ILE A 17 9.01 -8.13 -0.37
C ILE A 17 10.42 -8.34 -0.89
N GLU A 18 11.13 -7.25 -1.12
CA GLU A 18 12.50 -7.30 -1.61
C GLU A 18 12.57 -7.96 -2.99
N ASN A 19 11.42 -8.29 -3.52
CA ASN A 19 11.33 -8.91 -4.83
C ASN A 19 10.88 -7.90 -5.88
N ASP A 20 10.66 -8.37 -7.10
CA ASP A 20 10.23 -7.50 -8.18
C ASP A 20 8.78 -7.79 -8.57
N ALA A 21 8.47 -9.07 -8.79
CA ALA A 21 7.13 -9.48 -9.16
C ALA A 21 6.11 -9.04 -8.12
N GLU A 22 6.48 -9.18 -6.85
CA GLU A 22 5.59 -8.80 -5.76
C GLU A 22 5.41 -7.28 -5.72
N LYS A 23 6.51 -6.55 -5.84
CA LYS A 23 6.46 -5.10 -5.83
C LYS A 23 5.67 -4.60 -7.03
N ASP A 24 5.75 -5.33 -8.13
CA ASP A 24 5.03 -4.98 -9.34
C ASP A 24 3.53 -4.99 -9.07
N TYR A 25 3.05 -6.12 -8.53
CA TYR A 25 1.64 -6.26 -8.21
C TYR A 25 1.23 -5.31 -7.09
N LEU A 26 2.05 -5.24 -6.04
CA LEU A 26 1.74 -4.34 -4.94
C LEU A 26 1.63 -2.93 -5.48
N TYR A 27 2.55 -2.58 -6.36
CA TYR A 27 2.52 -1.28 -7.01
C TYR A 27 1.21 -1.14 -7.77
N ASP A 28 0.74 -2.27 -8.31
CA ASP A 28 -0.51 -2.30 -9.04
C ASP A 28 -1.69 -2.17 -8.08
N VAL A 29 -1.53 -2.72 -6.87
CA VAL A 29 -2.59 -2.63 -5.87
C VAL A 29 -2.86 -1.18 -5.50
N LEU A 30 -1.79 -0.43 -5.25
CA LEU A 30 -1.91 0.97 -4.91
C LEU A 30 -2.55 1.75 -6.05
N ARG A 31 -2.06 1.49 -7.26
CA ARG A 31 -2.59 2.15 -8.45
C ARG A 31 -4.09 1.93 -8.56
N MET A 32 -4.54 0.77 -8.09
CA MET A 32 -5.96 0.44 -8.11
C MET A 32 -6.73 1.28 -7.11
N TYR A 33 -6.25 1.30 -5.87
CA TYR A 33 -6.89 2.08 -4.82
C TYR A 33 -6.99 3.55 -5.20
N HIS A 34 -6.11 3.98 -6.10
CA HIS A 34 -6.12 5.36 -6.55
C HIS A 34 -7.16 5.57 -7.64
N GLN A 35 -7.24 4.63 -8.57
CA GLN A 35 -8.19 4.72 -9.68
C GLN A 35 -9.59 4.31 -9.26
N THR A 36 -9.75 3.07 -8.83
CA THR A 36 -11.05 2.55 -8.42
C THR A 36 -11.45 3.03 -7.04
N MET A 37 -10.47 3.18 -6.15
CA MET A 37 -10.74 3.64 -4.79
C MET A 37 -11.67 2.67 -4.06
N ASP A 38 -11.30 1.40 -4.05
CA ASP A 38 -12.10 0.38 -3.39
C ASP A 38 -11.29 -0.35 -2.32
N VAL A 39 -11.67 -0.14 -1.06
CA VAL A 39 -10.98 -0.77 0.06
C VAL A 39 -10.99 -2.29 -0.08
N ALA A 40 -11.95 -2.81 -0.84
CA ALA A 40 -12.06 -4.24 -1.05
C ALA A 40 -10.96 -4.72 -1.99
N VAL A 41 -10.51 -3.84 -2.86
CA VAL A 41 -9.47 -4.16 -3.80
C VAL A 41 -8.11 -4.20 -3.10
N LEU A 42 -7.81 -3.15 -2.35
CA LEU A 42 -6.55 -3.07 -1.62
C LEU A 42 -6.39 -4.27 -0.69
N VAL A 43 -7.45 -4.59 0.05
CA VAL A 43 -7.43 -5.72 0.97
C VAL A 43 -7.28 -7.03 0.22
N GLY A 44 -8.05 -7.19 -0.86
CA GLY A 44 -7.98 -8.41 -1.65
C GLY A 44 -6.58 -8.69 -2.16
N ASP A 45 -6.01 -7.73 -2.88
CA ASP A 45 -4.67 -7.88 -3.43
C ASP A 45 -3.64 -8.06 -2.32
N LEU A 46 -3.73 -7.21 -1.30
CA LEU A 46 -2.80 -7.28 -0.17
C LEU A 46 -2.71 -8.69 0.39
N LYS A 47 -3.86 -9.35 0.51
CA LYS A 47 -3.87 -10.72 1.02
C LYS A 47 -3.15 -11.66 0.06
N LEU A 48 -3.51 -11.59 -1.21
CA LEU A 48 -2.88 -12.42 -2.24
C LEU A 48 -1.36 -12.30 -2.17
N VAL A 49 -0.89 -11.17 -1.67
CA VAL A 49 0.54 -10.93 -1.54
C VAL A 49 1.00 -11.20 -0.12
N ILE A 50 0.08 -11.03 0.84
CA ILE A 50 0.38 -11.25 2.24
C ILE A 50 -0.18 -12.59 2.73
N ASN A 51 -0.40 -13.49 1.79
CA ASN A 51 -0.94 -14.81 2.11
C ASN A 51 -0.22 -15.42 3.31
N GLU A 52 1.05 -15.05 3.48
CA GLU A 52 1.85 -15.55 4.59
C GLU A 52 1.97 -14.48 5.68
N PRO A 53 1.98 -14.89 6.96
CA PRO A 53 2.10 -13.96 8.09
C PRO A 53 3.33 -13.07 8.01
N SER A 54 4.34 -13.54 7.28
CA SER A 54 5.58 -12.79 7.12
C SER A 54 5.33 -11.40 6.55
N ARG A 55 4.37 -11.30 5.65
CA ARG A 55 4.03 -10.02 5.02
C ARG A 55 2.99 -9.25 5.83
N LEU A 56 2.83 -9.60 7.09
CA LEU A 56 1.86 -8.95 7.97
C LEU A 56 2.13 -7.44 8.05
N PRO A 57 3.39 -7.02 8.25
CA PRO A 57 3.75 -5.60 8.37
C PRO A 57 3.05 -4.71 7.34
N LEU A 58 2.68 -5.29 6.20
CA LEU A 58 2.02 -4.53 5.14
C LEU A 58 0.75 -3.85 5.67
N PHE A 59 0.05 -4.52 6.56
CA PHE A 59 -1.18 -3.98 7.13
C PHE A 59 -0.90 -2.72 7.95
N ASP A 60 0.06 -2.82 8.86
CA ASP A 60 0.42 -1.68 9.71
C ASP A 60 1.23 -0.67 8.93
N ALA A 61 1.96 -1.15 7.93
CA ALA A 61 2.79 -0.29 7.10
C ALA A 61 1.95 0.64 6.22
N ILE A 62 0.97 0.08 5.53
CA ILE A 62 0.11 0.85 4.64
C ILE A 62 -0.92 1.70 5.41
N ARG A 63 -1.42 1.19 6.52
CA ARG A 63 -2.43 1.89 7.31
C ARG A 63 -2.11 3.39 7.47
N PRO A 64 -0.91 3.73 7.94
CA PRO A 64 -0.50 5.12 8.16
C PRO A 64 -0.92 6.06 7.02
N LEU A 65 -0.54 5.73 5.79
CA LEU A 65 -0.89 6.55 4.64
C LEU A 65 -2.37 6.40 4.28
N ILE A 66 -2.95 5.26 4.67
CA ILE A 66 -4.35 4.99 4.39
C ILE A 66 -5.26 5.92 5.19
N PRO A 67 -6.28 6.52 4.54
CA PRO A 67 -7.23 7.42 5.19
C PRO A 67 -7.75 6.86 6.50
N LEU A 68 -7.86 7.77 7.45
CA LEU A 68 -8.34 7.45 8.77
C LEU A 68 -9.66 6.68 8.72
N LYS A 69 -10.59 7.13 7.89
CA LYS A 69 -11.87 6.45 7.74
C LYS A 69 -11.67 5.07 7.15
N HIS A 70 -10.92 5.01 6.05
CA HIS A 70 -10.64 3.75 5.39
C HIS A 70 -9.85 2.84 6.31
N GLN A 71 -9.05 3.44 7.19
CA GLN A 71 -8.25 2.68 8.14
C GLN A 71 -9.16 1.83 9.03
N VAL A 72 -10.22 2.45 9.55
CA VAL A 72 -11.16 1.76 10.39
C VAL A 72 -11.81 0.62 9.64
N GLU A 73 -12.41 0.94 8.48
CA GLU A 73 -13.04 -0.06 7.65
C GLU A 73 -12.03 -1.13 7.27
N TYR A 74 -10.78 -0.70 7.08
CA TYR A 74 -9.71 -1.62 6.75
C TYR A 74 -9.56 -2.63 7.88
N ASP A 75 -9.81 -2.16 9.10
CA ASP A 75 -9.74 -3.02 10.27
C ASP A 75 -10.93 -3.97 10.31
N GLN A 76 -12.08 -3.49 9.87
CA GLN A 76 -13.29 -4.31 9.84
C GLN A 76 -13.15 -5.46 8.86
N LEU A 77 -12.43 -5.23 7.77
CA LEU A 77 -12.22 -6.25 6.75
C LEU A 77 -11.12 -7.22 7.18
N THR A 78 -10.12 -6.70 7.89
CA THR A 78 -9.01 -7.52 8.36
C THR A 78 -9.36 -8.22 9.67
N PRO A 79 -9.49 -9.57 9.66
CA PRO A 79 -9.82 -10.34 10.85
C PRO A 79 -8.86 -10.05 12.01
N ARG A 80 -9.26 -10.47 13.21
CA ARG A 80 -8.44 -10.25 14.40
C ARG A 80 -8.62 -11.40 15.39
N ASP B 1 -5.60 14.63 7.21
CA ASP B 1 -4.54 14.86 6.25
C ASP B 1 -4.00 13.54 5.69
N ASP B 2 -4.88 12.55 5.59
CA ASP B 2 -4.50 11.25 5.06
C ASP B 2 -5.16 10.99 3.71
N ASP B 3 -4.35 11.04 2.66
CA ASP B 3 -4.84 10.81 1.29
C ASP B 3 -3.76 11.13 0.28
N ARG B 4 -3.09 12.27 0.46
CA ARG B 4 -2.02 12.70 -0.43
C ARG B 4 -0.90 11.68 -0.45
N TYR B 5 -0.66 11.04 0.70
CA TYR B 5 0.40 10.04 0.81
C TYR B 5 0.37 9.05 -0.35
N LEU B 6 -0.84 8.66 -0.74
CA LEU B 6 -1.01 7.72 -1.85
C LEU B 6 -0.40 8.27 -3.13
N ARG B 7 -0.79 9.49 -3.48
CA ARG B 7 -0.28 10.14 -4.69
C ARG B 7 1.22 10.35 -4.59
N GLU B 8 1.71 10.56 -3.37
CA GLU B 8 3.14 10.78 -3.15
C GLU B 8 3.95 9.57 -3.62
N ALA B 9 3.65 8.41 -3.05
CA ALA B 9 4.34 7.18 -3.42
C ALA B 9 3.92 6.71 -4.80
N ILE B 10 2.62 6.77 -5.07
CA ILE B 10 2.08 6.35 -6.36
C ILE B 10 2.71 7.14 -7.50
N GLN B 11 2.61 8.48 -7.41
CA GLN B 11 3.17 9.35 -8.43
C GLN B 11 4.69 9.22 -8.48
N GLU B 12 5.31 9.06 -7.31
CA GLU B 12 6.76 8.92 -7.24
C GLU B 12 7.21 7.79 -8.15
N TYR B 13 6.43 6.71 -8.15
CA TYR B 13 6.73 5.56 -8.99
C TYR B 13 6.44 5.90 -10.44
N ASP B 14 5.40 6.72 -10.66
CA ASP B 14 5.03 7.13 -12.01
C ASP B 14 6.21 7.88 -12.64
N ASN B 15 6.98 8.57 -11.80
CA ASN B 15 8.13 9.33 -12.27
C ASN B 15 9.34 8.41 -12.45
N ILE B 16 9.44 7.39 -11.59
CA ILE B 16 10.55 6.45 -11.66
C ILE B 16 10.36 5.46 -12.80
N ALA B 17 9.39 4.57 -12.64
CA ALA B 17 9.11 3.57 -13.65
C ALA B 17 10.34 2.72 -13.96
N LYS B 18 11.05 2.32 -12.91
CA LYS B 18 12.25 1.51 -13.07
C LYS B 18 12.03 0.11 -12.51
N MET A 1 7.64 16.85 4.64
CA MET A 1 6.93 15.56 4.86
C MET A 1 6.27 15.08 3.56
N ASP A 2 6.88 15.41 2.43
CA ASP A 2 6.35 15.00 1.13
C ASP A 2 7.47 14.54 0.22
N ARG A 3 8.51 13.95 0.81
CA ARG A 3 9.64 13.45 0.05
C ARG A 3 10.18 12.16 0.67
N LYS A 4 10.46 12.20 1.97
CA LYS A 4 10.98 11.04 2.68
C LYS A 4 9.89 9.99 2.88
N VAL A 5 8.66 10.45 3.04
CA VAL A 5 7.54 9.54 3.25
C VAL A 5 7.51 8.49 2.15
N ALA A 6 7.90 8.90 0.94
CA ALA A 6 7.94 7.99 -0.19
C ALA A 6 9.11 7.03 -0.07
N ARG A 7 10.23 7.52 0.46
CA ARG A 7 11.41 6.69 0.65
C ARG A 7 11.18 5.63 1.71
N GLU A 8 10.40 5.98 2.73
CA GLU A 8 10.10 5.05 3.82
C GLU A 8 9.12 3.98 3.35
N PHE A 9 8.02 4.43 2.74
CA PHE A 9 7.02 3.50 2.24
C PHE A 9 7.62 2.60 1.16
N ARG A 10 8.50 3.16 0.35
CA ARG A 10 9.15 2.42 -0.71
C ARG A 10 10.22 1.49 -0.13
N HIS A 11 11.07 2.03 0.73
CA HIS A 11 12.12 1.24 1.36
C HIS A 11 11.52 0.14 2.23
N LYS A 12 10.38 0.45 2.84
CA LYS A 12 9.70 -0.51 3.70
C LYS A 12 9.22 -1.71 2.87
N VAL A 13 8.47 -1.43 1.82
CA VAL A 13 7.96 -2.49 0.95
C VAL A 13 9.11 -3.37 0.46
N ASP A 14 10.25 -2.75 0.19
CA ASP A 14 11.42 -3.47 -0.28
C ASP A 14 11.99 -4.34 0.84
N PHE A 15 11.82 -3.89 2.08
CA PHE A 15 12.31 -4.63 3.24
C PHE A 15 11.50 -5.90 3.43
N LEU A 16 10.23 -5.84 3.04
CA LEU A 16 9.33 -6.98 3.17
C LEU A 16 9.42 -7.89 1.95
N ILE A 17 9.27 -7.30 0.77
CA ILE A 17 9.33 -8.05 -0.47
C ILE A 17 10.76 -8.23 -0.94
N GLU A 18 11.40 -7.12 -1.24
CA GLU A 18 12.76 -7.13 -1.74
C GLU A 18 12.80 -7.74 -3.13
N ASN A 19 11.63 -8.06 -3.64
CA ASN A 19 11.50 -8.65 -4.96
C ASN A 19 10.97 -7.63 -5.96
N ASP A 20 10.82 -8.04 -7.21
CA ASP A 20 10.33 -7.17 -8.26
C ASP A 20 8.90 -7.53 -8.67
N ALA A 21 8.69 -8.81 -8.98
CA ALA A 21 7.38 -9.29 -9.39
C ALA A 21 6.34 -8.98 -8.32
N GLU A 22 6.67 -9.26 -7.07
CA GLU A 22 5.78 -9.01 -5.96
C GLU A 22 5.56 -7.51 -5.78
N LYS A 23 6.64 -6.74 -5.85
CA LYS A 23 6.56 -5.30 -5.72
C LYS A 23 5.76 -4.70 -6.87
N ASP A 24 5.86 -5.34 -8.04
CA ASP A 24 5.13 -4.88 -9.20
C ASP A 24 3.63 -4.96 -8.95
N TYR A 25 3.19 -6.11 -8.45
CA TYR A 25 1.78 -6.31 -8.14
C TYR A 25 1.35 -5.44 -6.99
N LEU A 26 2.14 -5.40 -5.92
CA LEU A 26 1.82 -4.56 -4.77
C LEU A 26 1.69 -3.14 -5.25
N TYR A 27 2.63 -2.73 -6.10
CA TYR A 27 2.58 -1.39 -6.67
C TYR A 27 1.28 -1.25 -7.46
N ASP A 28 0.84 -2.36 -8.06
CA ASP A 28 -0.40 -2.37 -8.81
C ASP A 28 -1.60 -2.30 -7.87
N VAL A 29 -1.45 -2.89 -6.68
CA VAL A 29 -2.53 -2.87 -5.69
C VAL A 29 -2.80 -1.45 -5.22
N LEU A 30 -1.74 -0.74 -4.83
CA LEU A 30 -1.87 0.62 -4.36
C LEU A 30 -2.40 1.53 -5.47
N ARG A 31 -1.92 1.29 -6.69
CA ARG A 31 -2.35 2.07 -7.84
C ARG A 31 -3.83 1.85 -8.11
N MET A 32 -4.29 0.63 -7.90
CA MET A 32 -5.69 0.27 -8.12
C MET A 32 -6.56 0.83 -7.00
N TYR A 33 -6.16 0.58 -5.76
CA TYR A 33 -6.90 1.06 -4.60
C TYR A 33 -7.02 2.58 -4.62
N HIS A 34 -6.07 3.24 -5.28
CA HIS A 34 -6.07 4.69 -5.36
C HIS A 34 -6.96 5.16 -6.52
N GLN A 35 -6.99 4.38 -7.60
CA GLN A 35 -7.79 4.72 -8.77
C GLN A 35 -9.26 4.38 -8.54
N THR A 36 -9.52 3.10 -8.29
CA THR A 36 -10.89 2.62 -8.07
C THR A 36 -11.40 3.03 -6.70
N MET A 37 -10.50 3.20 -5.74
CA MET A 37 -10.88 3.59 -4.39
C MET A 37 -11.75 2.51 -3.74
N ASP A 38 -11.28 1.27 -3.78
CA ASP A 38 -12.02 0.14 -3.20
C ASP A 38 -11.16 -0.59 -2.16
N VAL A 39 -11.59 -0.50 -0.91
CA VAL A 39 -10.89 -1.15 0.19
C VAL A 39 -10.88 -2.66 0.00
N ALA A 40 -11.88 -3.17 -0.71
CA ALA A 40 -12.00 -4.60 -0.96
C ALA A 40 -10.91 -5.04 -1.94
N VAL A 41 -10.42 -4.10 -2.73
CA VAL A 41 -9.38 -4.39 -3.70
C VAL A 41 -8.03 -4.56 -3.01
N LEU A 42 -7.64 -3.55 -2.23
CA LEU A 42 -6.38 -3.59 -1.51
C LEU A 42 -6.30 -4.83 -0.64
N VAL A 43 -7.39 -5.12 0.07
CA VAL A 43 -7.45 -6.28 0.95
C VAL A 43 -7.29 -7.57 0.15
N GLY A 44 -8.02 -7.68 -0.96
CA GLY A 44 -7.95 -8.86 -1.79
C GLY A 44 -6.54 -9.13 -2.29
N ASP A 45 -5.97 -8.16 -2.99
CA ASP A 45 -4.62 -8.29 -3.52
C ASP A 45 -3.60 -8.47 -2.40
N LEU A 46 -3.78 -7.71 -1.31
CA LEU A 46 -2.88 -7.79 -0.18
C LEU A 46 -2.75 -9.23 0.32
N LYS A 47 -3.86 -9.96 0.30
CA LYS A 47 -3.86 -11.35 0.75
C LYS A 47 -3.11 -12.22 -0.24
N LEU A 48 -3.46 -12.11 -1.52
CA LEU A 48 -2.81 -12.88 -2.57
C LEU A 48 -1.29 -12.74 -2.51
N VAL A 49 -0.83 -11.60 -1.98
CA VAL A 49 0.59 -11.35 -1.86
C VAL A 49 1.06 -11.59 -0.43
N ILE A 50 0.15 -11.40 0.52
CA ILE A 50 0.47 -11.59 1.94
C ILE A 50 -0.13 -12.89 2.46
N ASN A 51 -0.33 -13.85 1.56
CA ASN A 51 -0.89 -15.14 1.93
C ASN A 51 -0.19 -15.71 3.17
N GLU A 52 1.07 -15.34 3.34
CA GLU A 52 1.84 -15.81 4.49
C GLU A 52 1.83 -14.76 5.61
N PRO A 53 1.98 -15.21 6.87
CA PRO A 53 1.98 -14.30 8.02
C PRO A 53 3.21 -13.40 8.07
N SER A 54 4.27 -13.81 7.38
CA SER A 54 5.51 -13.04 7.35
C SER A 54 5.29 -11.66 6.74
N ARG A 55 4.40 -11.59 5.75
CA ARG A 55 4.10 -10.32 5.08
C ARG A 55 2.99 -9.55 5.80
N LEU A 56 2.71 -9.92 7.05
CA LEU A 56 1.68 -9.26 7.83
C LEU A 56 1.91 -7.75 7.94
N PRO A 57 3.16 -7.33 8.22
CA PRO A 57 3.50 -5.90 8.36
C PRO A 57 2.87 -5.01 7.28
N LEU A 58 2.56 -5.60 6.12
CA LEU A 58 1.96 -4.84 5.02
C LEU A 58 0.71 -4.10 5.48
N PHE A 59 -0.22 -4.83 6.07
CA PHE A 59 -1.47 -4.25 6.55
C PHE A 59 -1.22 -3.02 7.41
N ASP A 60 -0.33 -3.17 8.39
CA ASP A 60 0.01 -2.07 9.29
C ASP A 60 0.89 -1.04 8.60
N ALA A 61 1.61 -1.49 7.58
CA ALA A 61 2.49 -0.62 6.82
C ALA A 61 1.72 0.42 6.01
N ILE A 62 0.74 -0.06 5.24
CA ILE A 62 -0.07 0.82 4.40
C ILE A 62 -1.10 1.61 5.22
N ARG A 63 -1.62 1.00 6.27
CA ARG A 63 -2.63 1.62 7.13
C ARG A 63 -2.32 3.09 7.43
N PRO A 64 -1.10 3.42 7.91
CA PRO A 64 -0.73 4.80 8.26
C PRO A 64 -0.97 5.79 7.12
N LEU A 65 -0.42 5.50 5.95
CA LEU A 65 -0.58 6.38 4.79
C LEU A 65 -1.99 6.27 4.21
N ILE A 66 -2.77 5.31 4.71
CA ILE A 66 -4.14 5.12 4.22
C ILE A 66 -5.09 6.11 4.91
N PRO A 67 -5.98 6.75 4.13
CA PRO A 67 -6.96 7.71 4.66
C PRO A 67 -7.56 7.27 5.97
N LEU A 68 -7.65 8.24 6.86
CA LEU A 68 -8.20 8.05 8.18
C LEU A 68 -9.56 7.36 8.14
N LYS A 69 -10.43 7.80 7.23
CA LYS A 69 -11.75 7.20 7.09
C LYS A 69 -11.62 5.78 6.58
N HIS A 70 -10.80 5.59 5.55
CA HIS A 70 -10.58 4.28 4.98
C HIS A 70 -9.91 3.36 5.99
N GLN A 71 -9.14 3.95 6.90
CA GLN A 71 -8.45 3.18 7.93
C GLN A 71 -9.46 2.42 8.77
N VAL A 72 -10.47 3.14 9.25
CA VAL A 72 -11.52 2.53 10.05
C VAL A 72 -12.20 1.43 9.25
N GLU A 73 -12.64 1.77 8.04
CA GLU A 73 -13.29 0.80 7.17
C GLU A 73 -12.34 -0.38 6.92
N TYR A 74 -11.05 -0.06 6.87
CA TYR A 74 -10.03 -1.08 6.68
C TYR A 74 -10.11 -2.08 7.83
N ASP A 75 -10.46 -1.57 9.01
CA ASP A 75 -10.61 -2.39 10.19
C ASP A 75 -11.86 -3.24 10.10
N GLN A 76 -12.92 -2.66 9.52
CA GLN A 76 -14.18 -3.36 9.38
C GLN A 76 -14.05 -4.54 8.43
N LEU A 77 -13.18 -4.40 7.43
CA LEU A 77 -12.97 -5.46 6.45
C LEU A 77 -11.91 -6.45 6.94
N THR A 78 -11.01 -5.98 7.82
CA THR A 78 -9.97 -6.84 8.36
C THR A 78 -10.33 -7.34 9.75
N PRO A 79 -10.87 -8.57 9.85
CA PRO A 79 -11.27 -9.15 11.13
C PRO A 79 -10.06 -9.48 12.01
N ARG A 80 -10.29 -10.24 13.07
CA ARG A 80 -9.22 -10.63 13.99
C ARG A 80 -9.69 -11.71 14.95
N ASP B 1 -3.53 13.99 7.85
CA ASP B 1 -3.35 12.58 7.52
C ASP B 1 -4.25 12.16 6.37
N ASP B 2 -4.43 13.08 5.42
CA ASP B 2 -5.27 12.81 4.26
C ASP B 2 -4.67 11.71 3.39
N ASP B 3 -5.12 11.63 2.13
CA ASP B 3 -4.62 10.62 1.21
C ASP B 3 -3.36 11.10 0.49
N ARG B 4 -2.79 12.21 0.94
CA ARG B 4 -1.59 12.76 0.33
C ARG B 4 -0.45 11.76 0.38
N TYR B 5 -0.41 10.96 1.44
CA TYR B 5 0.62 9.95 1.60
C TYR B 5 0.58 8.93 0.47
N LEU B 6 -0.59 8.37 0.23
CA LEU B 6 -0.76 7.38 -0.84
C LEU B 6 -0.33 7.96 -2.19
N ARG B 7 -0.88 9.12 -2.52
CA ARG B 7 -0.54 9.78 -3.78
C ARG B 7 0.95 10.08 -3.85
N GLU B 8 1.56 10.35 -2.70
CA GLU B 8 2.98 10.65 -2.63
C GLU B 8 3.81 9.50 -3.18
N ALA B 9 3.64 8.32 -2.58
CA ALA B 9 4.37 7.14 -3.00
C ALA B 9 3.86 6.64 -4.35
N ILE B 10 2.53 6.63 -4.50
CA ILE B 10 1.90 6.17 -5.73
C ILE B 10 2.41 6.98 -6.93
N GLN B 11 2.28 8.30 -6.84
CA GLN B 11 2.74 9.18 -7.91
C GLN B 11 4.24 9.07 -8.11
N GLU B 12 4.97 8.87 -7.01
CA GLU B 12 6.42 8.73 -7.08
C GLU B 12 6.78 7.60 -8.03
N TYR B 13 6.00 6.52 -7.96
CA TYR B 13 6.22 5.38 -8.83
C TYR B 13 5.80 5.73 -10.24
N ASP B 14 4.76 6.55 -10.36
CA ASP B 14 4.28 6.98 -11.66
C ASP B 14 5.39 7.71 -12.41
N ASN B 15 6.25 8.39 -11.65
CA ASN B 15 7.36 9.13 -12.23
C ASN B 15 8.53 8.19 -12.50
N ILE B 16 8.71 7.19 -11.66
CA ILE B 16 9.79 6.23 -11.81
C ILE B 16 9.53 5.30 -13.00
N ALA B 17 8.26 4.97 -13.22
CA ALA B 17 7.87 4.09 -14.31
C ALA B 17 7.66 4.89 -15.60
N LYS B 18 8.67 5.65 -16.00
CA LYS B 18 8.58 6.46 -17.22
C LYS B 18 9.97 6.76 -17.77
#